data_7E7E
#
_entry.id   7E7E
#
_cell.length_a   98.779
_cell.length_b   115.462
_cell.length_c   224.668
_cell.angle_alpha   90.000
_cell.angle_beta   90.000
_cell.angle_gamma   90.000
#
_symmetry.space_group_name_H-M   'P 21 21 21'
#
loop_
_entity.id
_entity.type
_entity.pdbx_description
1 polymer 'Processed angiotensin-converting enzyme 2'
2 polymer h11B11-Fab
3 polymer h11B11-Fab
4 non-polymer 'ZINC ION'
#
loop_
_entity_poly.entity_id
_entity_poly.type
_entity_poly.pdbx_seq_one_letter_code
_entity_poly.pdbx_strand_id
1 'polypeptide(L)'
;QSTIEEQAKTFLDKFNHEAEDLFYQSSLASWNYNTNITEENVQNMNNAGDKWSAFLKEQSTLAQMYPLQEIQNLTVKLQL
QALQQNGSSVLSEDKSKRLNTILNTMSTIYSTGKVCNPDNPQECLLLEPGLNEIMANSLDYNERLWAWESWRSEVGKQLR
PLYEEYVVLKNEMARANHYEDYGDYWRGDYEVNGVDGYDYSRGQLIEDVEHTFEEIKPLYEHLHAYVRAKLMNAYPSYIS
PIGCLPAHLLGDMWGRFWTNLYSLTVPFGQKPNIDVTDAMVDQAWDAQRIFKEAEKFFVSVGLPNMTQGFWENSMLTDPG
NVQKAVCHPTAWDLGKGDFRILMCTKVTMDDFLTAHHEMGHIQYDMAYAAQPFLLRNGANEGFHEAVGEIMSLSAATPKH
LKSIGLLSPDFQEDNETEINFLLKQALTIVGTLPFTYMLEKWRWMVFKGEIPKDQWMKKWWEMKREIVGVVEPVPHDETY
CDPASLFHVSNDYSFIRYYTRTLYQFQFQEALCQAAKHEGPLHKCDISNSTEAGQKLFNMLRLGKSEPWTLALENVVGAK
NMNVRPLLNYFEPLFTWLKDQNKNSFVGWSTDWSPYADHHHHHHHH
;
A,B
2 'polypeptide(L)'
;EVQLVESGGGLVQPGGSLRLSCAASGFTFIDYYMNWVRQAPGKGLEWVGFIRNKANDYTTEYSTSVKGRFTISRDNSKNT
LYLQMNSLRAEDTAVYYCARHMYDDGFDFWGQGTLVTVSSASTKGPSVFPLAPCSRSTSESTAALGCLVKDYFPEPVTVS
WNSGALTSGVHTFPAVLQSSGLYSLSSVVTVPSSSLGTKTYTCNVDHKPSNTKVDKRVESHHHHHHHH
;
H,C
3 'polypeptide(L)'
;DIQMTQSPSSLSASVGDRVTITCRASSSVRYMHWYQQKPGKAPKLLIYDTSKLASGVPSRFSGSGSGTDYTLTISSLQPE
DFATYYCQQWSYNPLTFGQGTKLEIKRTVAAPSVFIFPPSDEQLKSGTASVVCLLNNFYPREAKVQWKVDNALQSGNSQE
SVTEQDSKDSTYSLSSTLTLSKADYEKHKVYACEVTHQGLSSPVTKSFNRGECS
;
L,D
#
loop_
_chem_comp.id
_chem_comp.type
_chem_comp.name
_chem_comp.formula
ZN non-polymer 'ZINC ION' 'Zn 2'
#
# COMPACT_ATOMS: atom_id res chain seq x y z
N GLU A 6 -33.46 12.11 3.92
CA GLU A 6 -32.14 12.73 3.76
C GLU A 6 -31.34 12.60 5.05
N GLN A 7 -32.05 12.27 6.13
CA GLN A 7 -31.45 12.29 7.47
C GLN A 7 -30.39 11.22 7.66
N ALA A 8 -30.42 10.15 6.86
CA ALA A 8 -29.51 9.02 7.07
C ALA A 8 -28.27 9.07 6.19
N LYS A 9 -28.10 10.10 5.35
CA LYS A 9 -26.82 10.28 4.67
C LYS A 9 -25.69 10.42 5.68
N THR A 10 -26.02 10.86 6.90
CA THR A 10 -25.04 10.91 7.97
C THR A 10 -24.55 9.51 8.32
N PHE A 11 -25.47 8.56 8.47
CA PHE A 11 -25.09 7.19 8.83
C PHE A 11 -24.18 6.57 7.78
N LEU A 12 -24.47 6.80 6.51
CA LEU A 12 -23.73 6.14 5.44
C LEU A 12 -22.26 6.57 5.42
N ASP A 13 -21.96 7.77 5.91
CA ASP A 13 -20.57 8.20 5.97
C ASP A 13 -19.77 7.39 6.98
N LYS A 14 -20.36 7.10 8.14
CA LYS A 14 -19.69 6.25 9.11
C LYS A 14 -19.68 4.78 8.68
N PHE A 15 -20.68 4.36 7.91
CA PHE A 15 -20.60 3.03 7.31
C PHE A 15 -19.44 2.96 6.33
N ASN A 16 -19.38 3.89 5.38
CA ASN A 16 -18.32 3.89 4.37
C ASN A 16 -16.95 4.00 5.01
N HIS A 17 -16.82 4.81 6.07
CA HIS A 17 -15.54 4.95 6.74
C HIS A 17 -15.07 3.62 7.33
N GLU A 18 -15.97 2.92 8.03
CA GLU A 18 -15.61 1.63 8.61
C GLU A 18 -15.59 0.52 7.57
N ALA A 19 -16.54 0.54 6.62
CA ALA A 19 -16.57 -0.50 5.60
C ALA A 19 -15.27 -0.54 4.81
N GLU A 20 -14.76 0.62 4.41
CA GLU A 20 -13.54 0.66 3.60
C GLU A 20 -12.33 0.18 4.39
N ASP A 21 -12.26 0.50 5.69
CA ASP A 21 -11.20 -0.06 6.51
C ASP A 21 -11.35 -1.57 6.66
N LEU A 22 -12.58 -2.04 6.83
CA LEU A 22 -12.81 -3.47 7.08
C LEU A 22 -12.77 -4.27 5.79
N PHE A 23 -13.43 -3.78 4.74
CA PHE A 23 -13.38 -4.44 3.43
C PHE A 23 -11.93 -4.61 2.97
N TYR A 24 -11.13 -3.56 3.11
CA TYR A 24 -9.71 -3.66 2.79
C TYR A 24 -9.02 -4.64 3.73
N GLN A 25 -9.36 -4.59 5.03
CA GLN A 25 -8.78 -5.50 5.99
C GLN A 25 -9.02 -6.96 5.60
N SER A 26 -10.26 -7.28 5.26
CA SER A 26 -10.59 -8.66 4.87
C SER A 26 -10.01 -9.01 3.51
N SER A 27 -10.07 -8.07 2.55
CA SER A 27 -9.61 -8.37 1.20
C SER A 27 -8.09 -8.57 1.16
N LEU A 28 -7.34 -7.79 1.96
CA LEU A 28 -5.89 -7.95 1.98
C LEU A 28 -5.48 -9.26 2.62
N ALA A 29 -6.14 -9.65 3.72
CA ALA A 29 -5.87 -10.94 4.33
C ALA A 29 -6.09 -12.08 3.36
N SER A 30 -7.06 -11.94 2.46
CA SER A 30 -7.26 -12.93 1.41
C SER A 30 -6.12 -12.88 0.40
N TRP A 31 -5.63 -11.67 0.09
CA TRP A 31 -4.51 -11.56 -0.84
C TRP A 31 -3.25 -12.20 -0.29
N ASN A 32 -2.98 -11.96 1.00
CA ASN A 32 -1.84 -12.58 1.67
C ASN A 32 -1.89 -14.09 1.53
N TYR A 33 -3.08 -14.67 1.67
CA TYR A 33 -3.25 -16.12 1.61
C TYR A 33 -2.93 -16.67 0.22
N ASN A 34 -3.55 -16.10 -0.82
CA ASN A 34 -3.29 -16.55 -2.18
C ASN A 34 -1.82 -16.40 -2.53
N THR A 35 -1.20 -15.28 -2.12
CA THR A 35 0.21 -15.05 -2.41
C THR A 35 1.10 -15.98 -1.60
N ASN A 36 0.75 -16.21 -0.34
CA ASN A 36 1.60 -16.96 0.60
C ASN A 36 0.68 -17.89 1.39
N ILE A 37 0.45 -19.10 0.87
CA ILE A 37 -0.40 -20.07 1.54
C ILE A 37 0.32 -20.57 2.79
N THR A 38 -0.19 -20.17 3.95
CA THR A 38 0.42 -20.51 5.24
C THR A 38 -0.58 -20.18 6.33
N GLU A 39 -0.35 -20.76 7.51
CA GLU A 39 -1.19 -20.46 8.67
C GLU A 39 -1.05 -19.01 9.13
N GLU A 40 0.05 -18.34 8.76
CA GLU A 40 0.13 -16.90 8.95
C GLU A 40 -1.11 -16.20 8.41
N ASN A 41 -1.53 -16.59 7.22
CA ASN A 41 -2.55 -15.87 6.46
C ASN A 41 -3.92 -16.54 6.50
N VAL A 42 -3.99 -17.84 6.82
CA VAL A 42 -5.27 -18.50 6.99
C VAL A 42 -6.02 -17.87 8.17
N GLN A 43 -5.36 -17.79 9.32
CA GLN A 43 -6.01 -17.26 10.51
C GLN A 43 -6.33 -15.77 10.36
N ASN A 44 -5.48 -15.03 9.65
CA ASN A 44 -5.77 -13.63 9.37
C ASN A 44 -6.95 -13.48 8.41
N MET A 45 -7.02 -14.35 7.39
CA MET A 45 -8.14 -14.32 6.46
C MET A 45 -9.43 -14.73 7.14
N ASN A 46 -9.36 -15.68 8.09
CA ASN A 46 -10.54 -16.06 8.85
C ASN A 46 -11.02 -14.92 9.74
N ASN A 47 -10.10 -14.33 10.51
CA ASN A 47 -10.48 -13.32 11.49
C ASN A 47 -11.01 -12.06 10.81
N ALA A 48 -10.29 -11.56 9.81
CA ALA A 48 -10.75 -10.38 9.08
C ALA A 48 -12.05 -10.65 8.36
N GLY A 49 -12.26 -11.89 7.90
CA GLY A 49 -13.54 -12.24 7.29
C GLY A 49 -14.67 -12.29 8.29
N ASP A 50 -14.41 -12.84 9.48
CA ASP A 50 -15.44 -12.87 10.51
C ASP A 50 -15.84 -11.48 10.95
N LYS A 51 -14.87 -10.57 11.07
CA LYS A 51 -15.14 -9.21 11.53
C LYS A 51 -15.87 -8.41 10.45
N TRP A 52 -15.40 -8.52 9.21
CA TRP A 52 -16.09 -7.90 8.08
C TRP A 52 -17.52 -8.40 7.96
N SER A 53 -17.74 -9.69 8.21
CA SER A 53 -19.08 -10.26 8.06
C SER A 53 -20.00 -9.81 9.18
N ALA A 54 -19.50 -9.81 10.42
CA ALA A 54 -20.31 -9.34 11.54
C ALA A 54 -20.70 -7.87 11.36
N PHE A 55 -19.76 -7.07 10.84
CA PHE A 55 -20.07 -5.67 10.54
C PHE A 55 -21.20 -5.55 9.53
N LEU A 56 -21.19 -6.39 8.50
CA LEU A 56 -22.23 -6.33 7.47
C LEU A 56 -23.60 -6.68 8.04
N LYS A 57 -23.67 -7.75 8.84
CA LYS A 57 -24.94 -8.13 9.46
C LYS A 57 -25.38 -7.09 10.48
N GLU A 58 -24.42 -6.44 11.13
CA GLU A 58 -24.75 -5.32 12.01
C GLU A 58 -25.31 -4.15 11.21
N GLN A 59 -24.59 -3.71 10.17
CA GLN A 59 -24.95 -2.50 9.46
C GLN A 59 -26.23 -2.68 8.64
N SER A 60 -26.51 -3.90 8.19
CA SER A 60 -27.78 -4.17 7.55
C SER A 60 -28.92 -4.11 8.56
N THR A 61 -28.71 -4.64 9.77
CA THR A 61 -29.69 -4.50 10.83
C THR A 61 -30.00 -3.03 11.10
N LEU A 62 -28.98 -2.16 11.01
CA LEU A 62 -29.18 -0.75 11.30
C LEU A 62 -29.83 -0.01 10.13
N ALA A 63 -29.42 -0.33 8.90
CA ALA A 63 -30.08 0.26 7.74
C ALA A 63 -31.56 -0.06 7.70
N GLN A 64 -31.94 -1.25 8.18
CA GLN A 64 -33.34 -1.64 8.27
C GLN A 64 -34.08 -0.90 9.37
N MET A 65 -33.37 -0.20 10.25
CA MET A 65 -33.97 0.74 11.18
C MET A 65 -34.26 2.09 10.55
N TYR A 66 -33.82 2.33 9.31
CA TYR A 66 -34.10 3.57 8.60
C TYR A 66 -34.81 3.23 7.31
N PRO A 67 -36.14 3.28 7.28
CA PRO A 67 -36.87 2.99 6.03
C PRO A 67 -36.63 4.06 4.98
N LEU A 68 -36.85 3.66 3.72
CA LEU A 68 -36.51 4.45 2.55
C LEU A 68 -37.77 4.92 1.83
N GLN A 69 -37.90 6.23 1.65
CA GLN A 69 -38.98 6.80 0.85
C GLN A 69 -38.72 8.28 0.63
N GLU A 70 -38.95 8.73 -0.61
CA GLU A 70 -38.92 10.15 -0.98
C GLU A 70 -37.57 10.82 -0.71
N ILE A 71 -36.47 10.09 -0.81
CA ILE A 71 -35.15 10.70 -0.72
C ILE A 71 -34.73 11.18 -2.10
N GLN A 72 -34.56 12.49 -2.24
CA GLN A 72 -34.28 13.09 -3.54
C GLN A 72 -32.85 12.87 -3.99
N ASN A 73 -31.87 13.06 -3.11
CA ASN A 73 -30.50 12.76 -3.48
C ASN A 73 -30.38 11.24 -3.60
N LEU A 74 -30.55 10.73 -4.82
CA LEU A 74 -30.68 9.30 -5.04
C LEU A 74 -29.44 8.52 -4.61
N THR A 75 -28.30 9.21 -4.41
CA THR A 75 -27.12 8.55 -3.87
C THR A 75 -27.44 7.87 -2.54
N VAL A 76 -28.26 8.52 -1.71
CA VAL A 76 -28.64 7.93 -0.43
C VAL A 76 -29.66 6.81 -0.63
N LYS A 77 -30.60 7.02 -1.56
CA LYS A 77 -31.60 6.00 -1.85
C LYS A 77 -30.96 4.69 -2.28
N LEU A 78 -29.88 4.78 -3.07
CA LEU A 78 -29.25 3.57 -3.61
C LEU A 78 -28.37 2.89 -2.57
N GLN A 79 -27.55 3.65 -1.85
CA GLN A 79 -26.75 3.04 -0.78
C GLN A 79 -27.63 2.36 0.26
N LEU A 80 -28.81 2.91 0.52
CA LEU A 80 -29.73 2.24 1.44
C LEU A 80 -30.28 0.95 0.82
N GLN A 81 -30.82 1.03 -0.39
CA GLN A 81 -31.31 -0.17 -1.07
C GLN A 81 -30.26 -1.27 -1.09
N ALA A 82 -29.00 -0.86 -1.16
CA ALA A 82 -27.92 -1.83 -1.20
C ALA A 82 -27.73 -2.48 0.15
N LEU A 83 -27.77 -1.68 1.20
CA LEU A 83 -27.63 -2.23 2.54
C LEU A 83 -28.81 -3.14 2.83
N GLN A 84 -29.96 -2.84 2.22
CA GLN A 84 -31.13 -3.66 2.46
C GLN A 84 -30.88 -5.09 2.00
N GLN A 85 -30.22 -5.29 0.87
CA GLN A 85 -29.87 -6.67 0.47
C GLN A 85 -28.95 -7.07 1.60
N ASN A 86 -29.16 -8.25 2.17
CA ASN A 86 -28.38 -8.55 3.37
C ASN A 86 -28.14 -9.96 3.85
N GLY A 87 -27.22 -10.10 4.80
CA GLY A 87 -27.02 -11.39 5.43
C GLY A 87 -27.62 -11.14 6.81
N SER A 88 -28.58 -11.95 7.26
CA SER A 88 -29.21 -11.71 8.56
C SER A 88 -29.18 -12.94 9.45
N SER A 89 -28.39 -12.91 10.52
CA SER A 89 -28.34 -14.02 11.47
C SER A 89 -28.11 -15.32 10.71
N VAL A 90 -27.25 -15.28 9.71
CA VAL A 90 -27.08 -16.44 8.86
C VAL A 90 -26.52 -17.72 9.46
N LEU A 91 -25.51 -17.64 10.31
CA LEU A 91 -24.89 -18.86 10.80
C LEU A 91 -24.47 -18.89 12.24
N SER A 92 -24.40 -20.09 12.81
CA SER A 92 -23.94 -20.24 14.17
C SER A 92 -22.44 -20.27 14.09
N GLU A 93 -21.78 -20.08 15.21
CA GLU A 93 -20.32 -20.03 15.14
C GLU A 93 -19.74 -21.34 14.61
N ASP A 94 -20.34 -22.46 14.99
CA ASP A 94 -19.85 -23.76 14.50
C ASP A 94 -19.93 -23.84 12.99
N LYS A 95 -21.05 -23.39 12.41
CA LYS A 95 -21.27 -23.56 10.97
C LYS A 95 -20.48 -22.52 10.17
N SER A 96 -20.25 -21.33 10.75
CA SER A 96 -19.32 -20.40 10.13
C SER A 96 -17.90 -20.97 10.13
N LYS A 97 -17.50 -21.59 11.24
CA LYS A 97 -16.14 -22.10 11.35
C LYS A 97 -15.96 -23.39 10.56
N ARG A 98 -17.05 -24.13 10.33
CA ARG A 98 -16.95 -25.33 9.50
C ARG A 98 -16.76 -24.95 8.03
N LEU A 99 -17.56 -24.00 7.53
CA LEU A 99 -17.39 -23.55 6.15
C LEU A 99 -16.04 -22.87 5.96
N ASN A 100 -15.58 -22.12 6.96
CA ASN A 100 -14.23 -21.58 6.91
C ASN A 100 -13.20 -22.69 6.75
N THR A 101 -13.31 -23.73 7.58
CA THR A 101 -12.37 -24.84 7.51
C THR A 101 -12.48 -25.58 6.18
N ILE A 102 -13.71 -25.76 5.69
CA ILE A 102 -13.91 -26.46 4.42
C ILE A 102 -13.26 -25.69 3.28
N LEU A 103 -13.54 -24.39 3.17
CA LEU A 103 -13.03 -23.60 2.06
C LEU A 103 -11.58 -23.18 2.25
N ASN A 104 -11.05 -23.24 3.47
CA ASN A 104 -9.62 -23.15 3.68
C ASN A 104 -8.92 -24.47 3.37
N THR A 105 -9.68 -25.52 3.05
CA THR A 105 -9.13 -26.82 2.70
C THR A 105 -9.36 -27.14 1.23
N MET A 106 -10.57 -26.90 0.71
CA MET A 106 -10.81 -27.09 -0.73
C MET A 106 -9.91 -26.19 -1.55
N SER A 107 -9.77 -24.92 -1.16
CA SER A 107 -8.87 -24.01 -1.87
C SER A 107 -7.41 -24.43 -1.69
N THR A 108 -7.07 -24.98 -0.52
CA THR A 108 -5.71 -25.46 -0.30
C THR A 108 -5.44 -26.71 -1.12
N ILE A 109 -6.35 -27.69 -1.08
CA ILE A 109 -6.14 -28.94 -1.80
C ILE A 109 -6.03 -28.68 -3.29
N TYR A 110 -6.92 -27.85 -3.84
CA TYR A 110 -6.85 -27.54 -5.26
C TYR A 110 -5.52 -26.89 -5.62
N SER A 111 -5.09 -25.91 -4.84
CA SER A 111 -3.90 -25.13 -5.19
C SER A 111 -2.60 -25.79 -4.76
N THR A 112 -2.63 -26.68 -3.79
CA THR A 112 -1.44 -27.37 -3.34
C THR A 112 -1.42 -28.85 -3.68
N GLY A 113 -2.52 -29.39 -4.22
CA GLY A 113 -2.63 -30.82 -4.46
C GLY A 113 -1.51 -31.44 -5.26
N LYS A 114 -0.90 -32.48 -4.70
CA LYS A 114 0.20 -33.19 -5.36
C LYS A 114 -0.32 -34.45 -6.03
N VAL A 115 0.29 -34.79 -7.16
CA VAL A 115 0.10 -36.08 -7.81
C VAL A 115 1.45 -36.78 -7.89
N CYS A 116 1.56 -37.92 -7.23
CA CYS A 116 2.77 -38.72 -7.28
C CYS A 116 2.88 -39.42 -8.63
N ASN A 117 4.06 -39.36 -9.23
CA ASN A 117 4.30 -40.14 -10.43
C ASN A 117 4.44 -41.60 -10.01
N PRO A 118 3.63 -42.51 -10.54
CA PRO A 118 3.52 -43.85 -9.94
C PRO A 118 4.82 -44.64 -9.97
N ASP A 119 5.74 -44.35 -10.88
CA ASP A 119 6.98 -45.10 -10.93
C ASP A 119 7.96 -44.69 -9.83
N ASN A 120 7.66 -43.64 -9.08
CA ASN A 120 8.42 -43.27 -7.89
C ASN A 120 7.48 -42.58 -6.93
N PRO A 121 7.11 -43.24 -5.82
CA PRO A 121 6.01 -42.73 -4.98
C PRO A 121 6.29 -41.40 -4.30
N GLN A 122 7.53 -40.91 -4.31
CA GLN A 122 7.86 -39.65 -3.68
C GLN A 122 8.08 -38.51 -4.68
N GLU A 123 8.09 -38.82 -5.98
CA GLU A 123 8.13 -37.81 -7.02
C GLU A 123 6.71 -37.31 -7.30
N CYS A 124 6.52 -35.99 -7.25
CA CYS A 124 5.20 -35.40 -7.33
C CYS A 124 5.17 -34.28 -8.36
N LEU A 125 3.96 -33.86 -8.73
CA LEU A 125 3.76 -32.81 -9.70
C LEU A 125 2.44 -32.10 -9.41
N LEU A 126 2.46 -30.78 -9.50
CA LEU A 126 1.30 -29.95 -9.24
C LEU A 126 0.51 -29.69 -10.53
N LEU A 127 -0.72 -29.20 -10.35
CA LEU A 127 -1.52 -28.81 -11.51
C LEU A 127 -0.88 -27.64 -12.24
N GLU A 128 -0.63 -26.55 -11.52
CA GLU A 128 0.12 -25.43 -12.08
C GLU A 128 1.59 -25.56 -11.70
N PRO A 129 2.51 -25.60 -12.67
CA PRO A 129 2.16 -25.64 -14.09
C PRO A 129 2.24 -27.06 -14.66
N GLY A 130 2.69 -28.00 -13.84
CA GLY A 130 3.05 -29.34 -14.29
C GLY A 130 1.98 -30.18 -14.96
N LEU A 131 0.98 -30.59 -14.19
CA LEU A 131 -0.06 -31.46 -14.75
C LEU A 131 -0.83 -30.78 -15.87
N ASN A 132 -0.98 -29.44 -15.81
CA ASN A 132 -1.63 -28.73 -16.90
C ASN A 132 -0.72 -28.60 -18.11
N GLU A 133 0.60 -28.70 -17.92
CA GLU A 133 1.51 -28.78 -19.06
C GLU A 133 1.23 -30.02 -19.90
N ILE A 134 1.02 -31.16 -19.24
CA ILE A 134 0.72 -32.40 -19.95
C ILE A 134 -0.63 -32.28 -20.66
N MET A 135 -1.67 -31.88 -19.91
CA MET A 135 -3.01 -31.80 -20.46
C MET A 135 -3.13 -30.80 -21.59
N ALA A 136 -2.26 -29.80 -21.64
CA ALA A 136 -2.34 -28.76 -22.67
C ALA A 136 -1.50 -29.06 -23.90
N ASN A 137 -0.29 -29.58 -23.72
CA ASN A 137 0.66 -29.70 -24.82
C ASN A 137 1.04 -31.13 -25.17
N SER A 138 1.00 -32.06 -24.21
CA SER A 138 1.36 -33.43 -24.52
C SER A 138 0.37 -34.04 -25.51
N LEU A 139 0.88 -34.84 -26.44
CA LEU A 139 0.07 -35.53 -27.43
C LEU A 139 0.12 -37.04 -27.24
N ASP A 140 0.58 -37.48 -26.07
CA ASP A 140 0.67 -38.90 -25.75
C ASP A 140 -0.59 -39.27 -24.97
N TYR A 141 -1.39 -40.16 -25.55
CA TYR A 141 -2.64 -40.56 -24.91
C TYR A 141 -2.38 -41.19 -23.55
N ASN A 142 -1.40 -42.10 -23.48
CA ASN A 142 -1.07 -42.74 -22.21
C ASN A 142 -0.73 -41.70 -21.15
N GLU A 143 0.00 -40.66 -21.54
CA GLU A 143 0.44 -39.64 -20.58
C GLU A 143 -0.69 -38.67 -20.25
N ARG A 144 -1.38 -38.15 -21.27
CA ARG A 144 -2.52 -37.27 -21.03
C ARG A 144 -3.55 -37.93 -20.13
N LEU A 145 -3.78 -39.23 -20.35
CA LEU A 145 -4.71 -39.96 -19.49
C LEU A 145 -4.19 -40.06 -18.06
N TRP A 146 -2.88 -40.28 -17.89
CA TRP A 146 -2.34 -40.37 -16.54
C TRP A 146 -2.56 -39.06 -15.79
N ALA A 147 -2.18 -37.94 -16.39
CA ALA A 147 -2.36 -36.64 -15.73
C ALA A 147 -3.83 -36.36 -15.42
N TRP A 148 -4.72 -36.73 -16.34
CA TRP A 148 -6.12 -36.36 -16.20
C TRP A 148 -6.77 -37.03 -15.00
N GLU A 149 -6.65 -38.36 -14.90
CA GLU A 149 -7.30 -39.06 -13.79
C GLU A 149 -6.53 -38.93 -12.49
N SER A 150 -5.20 -38.99 -12.55
CA SER A 150 -4.38 -38.93 -11.34
C SER A 150 -4.75 -37.72 -10.48
N TRP A 151 -5.06 -36.60 -11.14
CA TRP A 151 -5.57 -35.44 -10.42
C TRP A 151 -6.91 -35.75 -9.77
N ARG A 152 -7.85 -36.27 -10.56
CA ARG A 152 -9.20 -36.52 -10.07
C ARG A 152 -9.23 -37.65 -9.03
N SER A 153 -8.20 -38.47 -8.99
CA SER A 153 -8.14 -39.57 -8.03
C SER A 153 -7.46 -39.17 -6.73
N GLU A 154 -6.23 -38.64 -6.83
CA GLU A 154 -5.50 -38.28 -5.62
C GLU A 154 -5.92 -36.94 -5.04
N VAL A 155 -6.51 -36.07 -5.85
CA VAL A 155 -6.97 -34.76 -5.40
C VAL A 155 -8.49 -34.65 -5.46
N GLY A 156 -9.10 -35.08 -6.58
CA GLY A 156 -10.53 -34.93 -6.75
C GLY A 156 -11.36 -35.78 -5.82
N LYS A 157 -10.79 -36.91 -5.37
CA LYS A 157 -11.51 -37.74 -4.40
C LYS A 157 -11.53 -37.09 -3.02
N GLN A 158 -10.38 -36.55 -2.57
CA GLN A 158 -10.33 -35.91 -1.27
C GLN A 158 -11.22 -34.66 -1.19
N LEU A 159 -11.59 -34.08 -2.33
CA LEU A 159 -12.45 -32.91 -2.37
C LEU A 159 -13.92 -33.23 -2.25
N ARG A 160 -14.31 -34.51 -2.36
CA ARG A 160 -15.74 -34.82 -2.41
C ARG A 160 -16.45 -34.60 -1.08
N PRO A 161 -16.03 -35.22 0.03
CA PRO A 161 -16.79 -35.02 1.28
C PRO A 161 -16.79 -33.59 1.76
N LEU A 162 -15.87 -32.76 1.25
CA LEU A 162 -15.83 -31.35 1.59
C LEU A 162 -16.90 -30.57 0.83
N TYR A 163 -16.92 -30.71 -0.50
CA TYR A 163 -18.03 -30.16 -1.29
C TYR A 163 -19.37 -30.73 -0.82
N GLU A 164 -19.35 -31.94 -0.28
CA GLU A 164 -20.57 -32.57 0.24
C GLU A 164 -21.13 -31.78 1.43
N GLU A 165 -20.26 -31.47 2.40
CA GLU A 165 -20.67 -30.60 3.51
C GLU A 165 -20.90 -29.17 3.02
N TYR A 166 -20.03 -28.71 2.11
CA TYR A 166 -20.20 -27.41 1.46
C TYR A 166 -21.62 -27.22 0.95
N VAL A 167 -22.16 -28.22 0.25
CA VAL A 167 -23.53 -28.10 -0.28
C VAL A 167 -24.53 -27.96 0.85
N VAL A 168 -24.36 -28.75 1.92
CA VAL A 168 -25.32 -28.74 3.03
C VAL A 168 -25.44 -27.34 3.62
N LEU A 169 -24.30 -26.73 3.95
CA LEU A 169 -24.32 -25.49 4.72
C LEU A 169 -24.54 -24.27 3.82
N LYS A 170 -23.99 -24.28 2.60
CA LYS A 170 -24.27 -23.21 1.66
C LYS A 170 -25.75 -23.08 1.36
N ASN A 171 -26.48 -24.21 1.33
CA ASN A 171 -27.90 -24.18 1.01
C ASN A 171 -28.73 -23.69 2.19
N GLU A 172 -28.29 -23.98 3.42
CA GLU A 172 -28.95 -23.42 4.59
C GLU A 172 -28.77 -21.90 4.64
N MET A 173 -27.61 -21.41 4.20
CA MET A 173 -27.35 -19.97 4.21
C MET A 173 -28.36 -19.24 3.33
N ALA A 174 -28.55 -19.70 2.11
CA ALA A 174 -29.41 -18.98 1.16
C ALA A 174 -30.83 -18.84 1.70
N ARG A 175 -31.36 -19.89 2.33
CA ARG A 175 -32.72 -19.81 2.85
C ARG A 175 -32.80 -18.84 4.02
N ALA A 176 -31.75 -18.77 4.84
CA ALA A 176 -31.74 -17.84 5.96
C ALA A 176 -31.80 -16.40 5.49
N ASN A 177 -31.20 -16.09 4.34
CA ASN A 177 -31.29 -14.78 3.71
C ASN A 177 -32.44 -14.68 2.72
N HIS A 178 -33.42 -15.59 2.80
CA HIS A 178 -34.67 -15.54 2.04
C HIS A 178 -34.46 -15.90 0.57
N TYR A 179 -33.70 -16.96 0.31
CA TYR A 179 -33.53 -17.46 -1.05
C TYR A 179 -34.06 -18.88 -1.19
N GLU A 180 -34.27 -19.26 -2.46
CA GLU A 180 -34.77 -20.60 -2.80
C GLU A 180 -33.72 -21.66 -2.50
N ASP A 181 -32.48 -21.41 -2.92
CA ASP A 181 -31.38 -22.35 -2.74
C ASP A 181 -30.08 -21.59 -2.97
N TYR A 182 -28.96 -22.26 -2.74
CA TYR A 182 -27.67 -21.59 -2.90
C TYR A 182 -27.41 -21.20 -4.35
N GLY A 183 -27.93 -21.99 -5.30
CA GLY A 183 -27.87 -21.56 -6.69
C GLY A 183 -28.73 -20.33 -6.95
N ASP A 184 -29.88 -20.25 -6.28
CA ASP A 184 -30.72 -19.06 -6.39
C ASP A 184 -30.00 -17.82 -5.86
N TYR A 185 -29.22 -17.99 -4.79
CA TYR A 185 -28.39 -16.91 -4.27
C TYR A 185 -27.50 -16.33 -5.37
N TRP A 186 -26.82 -17.19 -6.10
CA TRP A 186 -26.01 -16.74 -7.23
C TRP A 186 -26.88 -16.17 -8.33
N ARG A 187 -28.00 -16.83 -8.64
CA ARG A 187 -28.87 -16.38 -9.72
C ARG A 187 -29.46 -15.00 -9.43
N GLY A 188 -29.53 -14.61 -8.15
CA GLY A 188 -30.09 -13.31 -7.80
C GLY A 188 -29.23 -12.14 -8.20
N ASP A 189 -28.00 -12.39 -8.65
CA ASP A 189 -27.13 -11.30 -9.10
C ASP A 189 -27.76 -10.52 -10.25
N TYR A 190 -28.63 -11.14 -11.03
CA TYR A 190 -29.21 -10.53 -12.20
C TYR A 190 -30.59 -9.93 -11.93
N GLU A 191 -31.09 -10.05 -10.71
CA GLU A 191 -32.44 -9.58 -10.42
C GLU A 191 -32.52 -8.07 -10.48
N VAL A 192 -33.53 -7.56 -11.19
CA VAL A 192 -33.86 -6.14 -11.23
C VAL A 192 -35.29 -6.01 -10.71
N ASN A 193 -35.44 -5.35 -9.55
CA ASN A 193 -36.69 -5.38 -8.81
C ASN A 193 -37.10 -3.96 -8.44
N GLY A 194 -38.41 -3.69 -8.51
CA GLY A 194 -38.93 -2.37 -8.23
C GLY A 194 -38.90 -1.40 -9.40
N VAL A 195 -38.13 -1.70 -10.45
CA VAL A 195 -38.06 -0.82 -11.61
C VAL A 195 -39.22 -1.13 -12.54
N ASP A 196 -39.87 -0.09 -13.06
CA ASP A 196 -41.15 -0.26 -13.74
C ASP A 196 -40.97 -0.81 -15.16
N GLY A 197 -40.15 -0.15 -15.99
CA GLY A 197 -40.02 -0.56 -17.37
C GLY A 197 -38.97 -1.61 -17.64
N TYR A 198 -38.10 -1.87 -16.68
CA TYR A 198 -36.95 -2.76 -16.87
C TYR A 198 -36.78 -3.60 -15.61
N ASP A 199 -36.99 -4.91 -15.73
CA ASP A 199 -36.93 -5.78 -14.57
C ASP A 199 -36.47 -7.17 -15.00
N TYR A 200 -36.23 -8.02 -14.01
CA TYR A 200 -35.63 -9.33 -14.24
C TYR A 200 -35.78 -10.15 -12.97
N SER A 201 -36.20 -11.40 -13.12
CA SER A 201 -36.42 -12.29 -11.99
C SER A 201 -35.23 -13.23 -11.82
N ARG A 202 -35.16 -13.84 -10.62
CA ARG A 202 -34.11 -14.82 -10.35
C ARG A 202 -34.25 -16.04 -11.24
N GLY A 203 -35.50 -16.43 -11.56
CA GLY A 203 -35.72 -17.59 -12.42
C GLY A 203 -35.56 -17.30 -13.88
N GLN A 204 -35.72 -16.04 -14.29
CA GLN A 204 -35.62 -15.71 -15.71
C GLN A 204 -34.22 -15.95 -16.24
N LEU A 205 -33.20 -15.92 -15.38
CA LEU A 205 -31.85 -16.27 -15.80
C LEU A 205 -31.82 -17.63 -16.51
N ILE A 206 -32.51 -18.61 -15.94
CA ILE A 206 -32.51 -19.96 -16.51
C ILE A 206 -33.29 -19.99 -17.82
N GLU A 207 -34.47 -19.36 -17.84
CA GLU A 207 -35.26 -19.31 -19.08
C GLU A 207 -34.45 -18.72 -20.22
N ASP A 208 -33.68 -17.66 -19.95
CA ASP A 208 -32.89 -17.03 -21.00
C ASP A 208 -31.71 -17.90 -21.41
N VAL A 209 -31.07 -18.56 -20.45
CA VAL A 209 -29.90 -19.39 -20.77
C VAL A 209 -30.31 -20.58 -21.64
N GLU A 210 -31.34 -21.32 -21.22
CA GLU A 210 -31.80 -22.46 -22.00
C GLU A 210 -32.36 -22.03 -23.35
N HIS A 211 -32.97 -20.84 -23.41
CA HIS A 211 -33.58 -20.38 -24.65
C HIS A 211 -32.53 -20.03 -25.69
N THR A 212 -31.56 -19.19 -25.32
CA THR A 212 -30.52 -18.79 -26.26
C THR A 212 -29.54 -19.92 -26.57
N PHE A 213 -29.40 -20.87 -25.65
CA PHE A 213 -28.49 -21.99 -25.85
C PHE A 213 -28.90 -22.86 -27.03
N GLU A 214 -30.19 -22.83 -27.40
CA GLU A 214 -30.65 -23.56 -28.56
C GLU A 214 -30.05 -23.02 -29.86
N GLU A 215 -29.77 -21.72 -29.89
CA GLU A 215 -29.18 -21.09 -31.08
C GLU A 215 -27.68 -21.37 -31.20
N ILE A 216 -27.08 -22.00 -30.21
CA ILE A 216 -25.66 -22.35 -30.26
C ILE A 216 -25.44 -23.71 -30.93
N LYS A 217 -26.39 -24.64 -30.74
CA LYS A 217 -26.20 -26.04 -31.12
C LYS A 217 -25.80 -26.24 -32.58
N PRO A 218 -26.38 -25.54 -33.56
CA PRO A 218 -25.90 -25.71 -34.94
C PRO A 218 -24.42 -25.39 -35.08
N LEU A 219 -23.94 -24.34 -34.43
CA LEU A 219 -22.52 -23.98 -34.52
C LEU A 219 -21.65 -24.91 -33.70
N TYR A 220 -22.13 -25.33 -32.52
CA TYR A 220 -21.32 -26.18 -31.65
C TYR A 220 -21.20 -27.61 -32.19
N GLU A 221 -22.30 -28.17 -32.69
CA GLU A 221 -22.25 -29.56 -33.16
C GLU A 221 -21.32 -29.70 -34.36
N HIS A 222 -21.31 -28.71 -35.26
CA HIS A 222 -20.36 -28.74 -36.37
C HIS A 222 -18.93 -28.54 -35.90
N LEU A 223 -18.74 -27.69 -34.89
CA LEU A 223 -17.42 -27.58 -34.26
C LEU A 223 -17.02 -28.88 -33.58
N HIS A 224 -17.98 -29.53 -32.91
CA HIS A 224 -17.72 -30.82 -32.29
C HIS A 224 -17.27 -31.85 -33.32
N ALA A 225 -18.03 -31.98 -34.42
CA ALA A 225 -17.70 -32.97 -35.43
C ALA A 225 -16.34 -32.69 -36.07
N TYR A 226 -16.04 -31.41 -36.33
CA TYR A 226 -14.74 -31.05 -36.88
C TYR A 226 -13.61 -31.44 -35.96
N VAL A 227 -13.72 -31.06 -34.67
CA VAL A 227 -12.70 -31.42 -33.70
C VAL A 227 -12.56 -32.93 -33.60
N ARG A 228 -13.69 -33.65 -33.64
CA ARG A 228 -13.65 -35.10 -33.62
C ARG A 228 -12.87 -35.66 -34.80
N ALA A 229 -13.16 -35.19 -36.01
CA ALA A 229 -12.52 -35.73 -37.20
C ALA A 229 -11.02 -35.45 -37.21
N LYS A 230 -10.61 -34.29 -36.68
CA LYS A 230 -9.21 -33.91 -36.70
C LYS A 230 -8.45 -34.32 -35.45
N LEU A 231 -9.15 -34.65 -34.36
CA LEU A 231 -8.51 -35.37 -33.26
C LEU A 231 -8.22 -36.80 -33.65
N MET A 232 -9.07 -37.41 -34.48
CA MET A 232 -8.84 -38.78 -34.92
C MET A 232 -7.56 -38.91 -35.73
N ASN A 233 -7.14 -37.84 -36.41
CA ASN A 233 -5.87 -37.83 -37.11
C ASN A 233 -4.68 -37.62 -36.19
N ALA A 234 -4.91 -37.28 -34.92
CA ALA A 234 -3.87 -37.14 -33.92
C ALA A 234 -3.82 -38.27 -32.92
N TYR A 235 -4.97 -38.84 -32.57
CA TYR A 235 -5.08 -39.98 -31.65
C TYR A 235 -5.76 -41.09 -32.43
N PRO A 236 -5.04 -41.81 -33.29
CA PRO A 236 -5.67 -42.63 -34.34
C PRO A 236 -6.74 -43.60 -33.87
N SER A 237 -6.35 -44.62 -33.11
CA SER A 237 -7.26 -45.71 -32.73
C SER A 237 -7.99 -45.45 -31.42
N TYR A 238 -8.03 -44.20 -30.94
CA TYR A 238 -8.60 -43.89 -29.65
C TYR A 238 -9.96 -43.20 -29.70
N ILE A 239 -10.37 -42.66 -30.84
CA ILE A 239 -11.55 -41.80 -30.91
C ILE A 239 -12.53 -42.35 -31.93
N SER A 240 -13.81 -42.38 -31.55
CA SER A 240 -14.88 -42.85 -32.41
C SER A 240 -15.29 -41.74 -33.39
N PRO A 241 -15.60 -42.10 -34.64
CA PRO A 241 -16.17 -41.11 -35.58
C PRO A 241 -17.64 -40.84 -35.39
N ILE A 242 -18.28 -41.39 -34.36
CA ILE A 242 -19.67 -41.13 -34.05
C ILE A 242 -19.85 -40.54 -32.65
N GLY A 243 -19.11 -41.06 -31.68
CA GLY A 243 -19.38 -40.79 -30.28
C GLY A 243 -18.79 -39.49 -29.77
N CYS A 244 -18.77 -39.39 -28.46
CA CYS A 244 -18.34 -38.18 -27.78
C CYS A 244 -16.83 -38.18 -27.57
N LEU A 245 -16.25 -36.99 -27.48
CA LEU A 245 -14.80 -36.90 -27.41
C LEU A 245 -14.30 -37.29 -26.01
N PRO A 246 -13.13 -37.92 -25.91
CA PRO A 246 -12.54 -38.15 -24.58
C PRO A 246 -12.17 -36.84 -23.92
N ALA A 247 -12.40 -36.77 -22.61
CA ALA A 247 -12.23 -35.51 -21.89
C ALA A 247 -10.78 -35.05 -21.90
N HIS A 248 -9.85 -35.96 -21.67
CA HIS A 248 -8.44 -35.60 -21.53
C HIS A 248 -7.77 -35.24 -22.84
N LEU A 249 -8.48 -35.31 -23.96
CA LEU A 249 -7.93 -34.96 -25.26
C LEU A 249 -8.41 -33.59 -25.76
N LEU A 250 -9.05 -32.80 -24.89
CA LEU A 250 -9.70 -31.57 -25.30
C LEU A 250 -8.85 -30.32 -25.04
N GLY A 251 -7.61 -30.48 -24.61
CA GLY A 251 -6.69 -29.37 -24.48
C GLY A 251 -6.43 -28.91 -23.06
N ASP A 252 -7.24 -29.32 -22.10
CA ASP A 252 -6.96 -29.02 -20.70
C ASP A 252 -7.56 -30.13 -19.84
N MET A 253 -7.29 -30.07 -18.52
CA MET A 253 -7.63 -31.15 -17.62
C MET A 253 -9.13 -31.30 -17.40
N TRP A 254 -9.94 -30.30 -17.76
CA TRP A 254 -11.38 -30.39 -17.54
C TRP A 254 -12.17 -30.44 -18.83
N GLY A 255 -11.51 -30.33 -19.98
CA GLY A 255 -12.23 -30.29 -21.24
C GLY A 255 -13.01 -29.00 -21.41
N ARG A 256 -12.47 -27.89 -20.92
CA ARG A 256 -13.19 -26.62 -20.97
C ARG A 256 -12.83 -25.82 -22.22
N PHE A 257 -11.57 -25.45 -22.36
CA PHE A 257 -11.10 -24.65 -23.50
C PHE A 257 -10.48 -25.56 -24.54
N TRP A 258 -11.01 -25.49 -25.76
CA TRP A 258 -10.47 -26.19 -26.91
C TRP A 258 -9.40 -25.37 -27.61
N THR A 259 -8.89 -24.33 -26.93
CA THR A 259 -7.86 -23.46 -27.50
C THR A 259 -6.64 -24.27 -27.91
N ASN A 260 -6.16 -25.13 -27.02
CA ASN A 260 -4.94 -25.91 -27.24
C ASN A 260 -5.10 -26.94 -28.36
N LEU A 261 -6.33 -27.19 -28.81
CA LEU A 261 -6.56 -28.04 -29.97
C LEU A 261 -6.31 -27.33 -31.28
N TYR A 262 -6.09 -26.02 -31.27
CA TYR A 262 -5.73 -25.33 -32.50
C TYR A 262 -4.47 -25.93 -33.09
N SER A 263 -3.50 -26.28 -32.24
CA SER A 263 -2.28 -26.96 -32.64
C SER A 263 -2.59 -28.17 -33.52
N LEU A 264 -3.79 -28.74 -33.35
CA LEU A 264 -4.19 -29.95 -34.05
C LEU A 264 -5.31 -29.73 -35.06
N THR A 265 -5.93 -28.55 -35.08
CA THR A 265 -7.12 -28.32 -35.90
C THR A 265 -6.95 -27.16 -36.88
N VAL A 266 -5.73 -26.73 -37.16
CA VAL A 266 -5.47 -25.57 -38.01
C VAL A 266 -6.17 -25.73 -39.36
N PRO A 267 -7.12 -24.85 -39.71
CA PRO A 267 -7.80 -25.00 -41.00
C PRO A 267 -6.87 -24.84 -42.20
N PHE A 268 -5.86 -24.00 -42.10
CA PHE A 268 -4.96 -23.72 -43.23
C PHE A 268 -3.54 -23.59 -42.66
N GLY A 269 -2.84 -24.72 -42.60
CA GLY A 269 -1.62 -24.81 -41.82
C GLY A 269 -0.43 -24.07 -42.38
N GLN A 270 -0.45 -23.78 -43.68
CA GLN A 270 0.67 -23.10 -44.30
C GLN A 270 0.56 -21.57 -44.24
N LYS A 271 -0.51 -21.04 -43.65
CA LYS A 271 -0.55 -19.61 -43.35
C LYS A 271 0.41 -19.30 -42.20
N PRO A 272 1.02 -18.11 -42.21
CA PRO A 272 1.84 -17.69 -41.05
C PRO A 272 1.02 -17.77 -39.76
N ASN A 273 1.69 -18.21 -38.70
CA ASN A 273 0.99 -18.67 -37.50
C ASN A 273 0.23 -17.53 -36.81
N ILE A 274 -1.09 -17.71 -36.68
CA ILE A 274 -1.92 -16.74 -35.98
C ILE A 274 -1.73 -16.85 -34.48
N ASP A 275 -1.30 -18.01 -33.98
CA ASP A 275 -1.02 -18.19 -32.56
C ASP A 275 0.43 -17.75 -32.35
N VAL A 276 0.62 -16.64 -31.64
CA VAL A 276 1.88 -15.92 -31.61
C VAL A 276 2.75 -16.35 -30.43
N THR A 277 2.38 -17.45 -29.76
CA THR A 277 3.20 -17.96 -28.67
C THR A 277 4.63 -18.24 -29.13
N ASP A 278 4.79 -18.72 -30.36
CA ASP A 278 6.12 -18.96 -30.91
C ASP A 278 6.91 -17.65 -30.99
N ALA A 279 6.24 -16.56 -31.36
CA ALA A 279 6.91 -15.27 -31.48
C ALA A 279 7.20 -14.66 -30.11
N MET A 280 6.26 -14.79 -29.16
CA MET A 280 6.46 -14.23 -27.83
C MET A 280 7.65 -14.87 -27.11
N VAL A 281 7.89 -16.16 -27.38
CA VAL A 281 9.11 -16.80 -26.86
C VAL A 281 10.32 -16.35 -27.66
N ASP A 282 10.16 -16.19 -28.98
CA ASP A 282 11.26 -15.72 -29.82
C ASP A 282 11.72 -14.33 -29.39
N GLN A 283 10.79 -13.46 -29.06
CA GLN A 283 11.11 -12.10 -28.65
C GLN A 283 11.43 -11.99 -27.17
N ALA A 284 11.49 -13.12 -26.47
CA ALA A 284 11.87 -13.16 -25.06
C ALA A 284 10.97 -12.25 -24.22
N TRP A 285 9.67 -12.31 -24.48
CA TRP A 285 8.73 -11.56 -23.66
C TRP A 285 8.76 -12.03 -22.21
N ASP A 286 8.86 -11.05 -21.31
CA ASP A 286 8.73 -11.29 -19.89
C ASP A 286 7.26 -11.20 -19.49
N ALA A 287 6.98 -11.56 -18.25
CA ALA A 287 5.61 -11.47 -17.76
C ALA A 287 5.12 -10.02 -17.77
N GLN A 288 6.01 -9.07 -17.46
CA GLN A 288 5.62 -7.67 -17.44
C GLN A 288 5.33 -7.14 -18.84
N ARG A 289 6.13 -7.55 -19.83
CA ARG A 289 5.95 -7.03 -21.18
C ARG A 289 4.56 -7.39 -21.72
N ILE A 290 4.06 -8.56 -21.35
CA ILE A 290 2.68 -8.93 -21.70
C ILE A 290 1.70 -7.91 -21.10
N PHE A 291 1.91 -7.54 -19.84
CA PHE A 291 1.01 -6.60 -19.19
C PHE A 291 1.25 -5.16 -19.63
N LYS A 292 2.52 -4.79 -19.84
CA LYS A 292 2.82 -3.52 -20.48
C LYS A 292 2.07 -3.39 -21.79
N GLU A 293 2.09 -4.45 -22.61
CA GLU A 293 1.43 -4.46 -23.91
C GLU A 293 -0.07 -4.67 -23.80
N ALA A 294 -0.58 -4.93 -22.60
CA ALA A 294 -1.99 -4.83 -22.28
C ALA A 294 -2.37 -3.45 -21.74
N GLU A 295 -1.52 -2.87 -20.90
CA GLU A 295 -1.71 -1.50 -20.44
C GLU A 295 -1.81 -0.53 -21.60
N LYS A 296 -0.95 -0.71 -22.61
CA LYS A 296 -0.96 0.18 -23.77
C LYS A 296 -2.28 0.12 -24.53
N PHE A 297 -2.90 -1.05 -24.60
CA PHE A 297 -4.13 -1.19 -25.37
C PHE A 297 -5.26 -0.36 -24.74
N PHE A 298 -5.40 -0.44 -23.42
CA PHE A 298 -6.40 0.36 -22.73
C PHE A 298 -6.11 1.84 -22.92
N VAL A 299 -4.83 2.22 -22.97
CA VAL A 299 -4.47 3.61 -23.21
C VAL A 299 -4.93 4.04 -24.60
N SER A 300 -4.74 3.18 -25.61
CA SER A 300 -5.25 3.48 -26.93
C SER A 300 -6.77 3.49 -26.98
N VAL A 301 -7.44 2.93 -25.99
CA VAL A 301 -8.89 3.06 -25.88
C VAL A 301 -9.25 4.45 -25.37
N GLY A 302 -8.42 5.01 -24.48
CA GLY A 302 -8.67 6.30 -23.88
C GLY A 302 -8.64 6.22 -22.37
N LEU A 303 -7.98 5.17 -21.85
CA LEU A 303 -8.05 4.77 -20.45
C LEU A 303 -6.73 5.04 -19.73
N PRO A 304 -6.74 5.07 -18.40
CA PRO A 304 -5.51 5.45 -17.69
C PRO A 304 -4.53 4.29 -17.58
N ASN A 305 -3.29 4.67 -17.23
CA ASN A 305 -2.28 3.69 -16.89
C ASN A 305 -2.63 3.00 -15.58
N MET A 306 -1.96 1.87 -15.34
CA MET A 306 -2.13 1.16 -14.08
C MET A 306 -1.39 1.88 -12.97
N THR A 307 -1.73 1.53 -11.73
CA THR A 307 -1.16 2.21 -10.57
C THR A 307 0.23 1.67 -10.24
N GLN A 308 1.01 2.49 -9.54
CA GLN A 308 2.33 2.04 -9.08
C GLN A 308 2.22 1.01 -7.96
N GLY A 309 1.11 1.01 -7.21
CA GLY A 309 0.90 -0.06 -6.26
C GLY A 309 0.71 -1.41 -6.97
N PHE A 310 -0.10 -1.42 -8.04
CA PHE A 310 -0.28 -2.60 -8.85
C PHE A 310 1.05 -3.20 -9.30
N TRP A 311 1.95 -2.36 -9.83
CA TRP A 311 3.18 -2.85 -10.44
C TRP A 311 4.20 -3.35 -9.41
N GLU A 312 4.07 -2.99 -8.14
CA GLU A 312 4.99 -3.49 -7.12
C GLU A 312 4.29 -4.29 -6.03
N ASN A 313 3.00 -4.60 -6.20
CA ASN A 313 2.29 -5.50 -5.30
C ASN A 313 1.93 -6.83 -5.95
N SER A 314 1.52 -6.80 -7.21
CA SER A 314 0.95 -7.99 -7.86
C SER A 314 2.01 -9.07 -8.05
N MET A 315 1.55 -10.33 -8.00
CA MET A 315 2.39 -11.49 -8.24
C MET A 315 2.04 -12.01 -9.64
N LEU A 316 2.71 -11.48 -10.65
CA LEU A 316 2.41 -11.81 -12.04
C LEU A 316 3.20 -13.00 -12.56
N THR A 317 4.04 -13.61 -11.72
CA THR A 317 4.74 -14.85 -12.06
C THR A 317 4.55 -15.85 -10.93
N ASP A 318 4.85 -17.12 -11.22
CA ASP A 318 4.92 -18.11 -10.16
C ASP A 318 5.98 -17.70 -9.13
N PRO A 319 5.69 -17.89 -7.84
CA PRO A 319 6.76 -17.75 -6.84
C PRO A 319 7.66 -18.95 -6.92
N GLY A 320 8.69 -18.99 -6.07
CA GLY A 320 9.50 -20.18 -5.98
C GLY A 320 8.63 -21.38 -5.60
N ASN A 321 9.05 -22.56 -6.05
CA ASN A 321 8.29 -23.77 -5.81
C ASN A 321 7.99 -23.98 -4.34
N VAL A 322 8.88 -23.49 -3.47
CA VAL A 322 8.66 -23.61 -2.03
C VAL A 322 7.43 -22.81 -1.61
N GLN A 323 7.25 -21.62 -2.17
CA GLN A 323 6.12 -20.77 -1.81
C GLN A 323 4.87 -21.28 -2.52
N LYS A 324 3.94 -21.83 -1.75
CA LYS A 324 2.69 -22.35 -2.28
C LYS A 324 1.72 -21.21 -2.54
N ALA A 325 1.08 -21.22 -3.70
CA ALA A 325 0.28 -20.07 -4.10
C ALA A 325 -0.87 -20.51 -5.00
N VAL A 326 -1.97 -19.75 -4.92
CA VAL A 326 -3.04 -19.84 -5.90
C VAL A 326 -2.60 -19.14 -7.18
N CYS A 327 -2.74 -19.80 -8.32
CA CYS A 327 -2.21 -19.27 -9.57
C CYS A 327 -3.27 -19.00 -10.63
N HIS A 328 -4.53 -19.30 -10.37
CA HIS A 328 -5.57 -18.96 -11.34
C HIS A 328 -5.65 -17.44 -11.49
N PRO A 329 -5.79 -16.92 -12.72
CA PRO A 329 -5.87 -15.48 -12.92
C PRO A 329 -6.90 -14.82 -12.02
N THR A 330 -6.45 -13.86 -11.20
CA THR A 330 -7.29 -13.24 -10.20
C THR A 330 -7.06 -11.74 -10.21
N ALA A 331 -8.15 -10.98 -10.33
CA ALA A 331 -8.09 -9.52 -10.31
C ALA A 331 -8.76 -9.03 -9.03
N TRP A 332 -8.07 -8.16 -8.30
CA TRP A 332 -8.52 -7.67 -7.00
C TRP A 332 -8.89 -6.20 -7.03
N ASP A 333 -10.01 -5.88 -6.42
CA ASP A 333 -10.28 -4.54 -5.90
C ASP A 333 -10.25 -4.70 -4.38
N LEU A 334 -9.14 -4.32 -3.76
CA LEU A 334 -9.03 -4.35 -2.32
C LEU A 334 -9.73 -3.17 -1.66
N GLY A 335 -10.25 -2.24 -2.45
CA GLY A 335 -10.76 -0.99 -1.93
C GLY A 335 -9.62 -0.03 -1.59
N LYS A 336 -10.00 1.22 -1.36
CA LYS A 336 -9.06 2.27 -0.94
C LYS A 336 -7.95 2.46 -1.96
N GLY A 337 -8.24 2.18 -3.22
CA GLY A 337 -7.36 2.49 -4.33
C GLY A 337 -6.30 1.45 -4.67
N ASP A 338 -6.35 0.26 -4.07
CA ASP A 338 -5.31 -0.73 -4.21
C ASP A 338 -5.79 -1.84 -5.15
N PHE A 339 -5.08 -2.01 -6.27
CA PHE A 339 -5.48 -2.90 -7.36
C PHE A 339 -4.36 -3.90 -7.62
N ARG A 340 -4.73 -5.19 -7.72
CA ARG A 340 -3.74 -6.25 -7.84
C ARG A 340 -4.27 -7.36 -8.74
N ILE A 341 -3.33 -8.14 -9.29
CA ILE A 341 -3.62 -9.24 -10.21
C ILE A 341 -2.67 -10.40 -9.93
N LEU A 342 -3.21 -11.61 -9.93
CA LEU A 342 -2.45 -12.84 -9.70
C LEU A 342 -2.42 -13.68 -10.98
N MET A 343 -1.60 -13.26 -11.94
CA MET A 343 -1.61 -13.98 -13.22
C MET A 343 -0.75 -15.24 -13.19
N CYS A 344 0.44 -15.17 -12.59
CA CYS A 344 1.43 -16.23 -12.71
C CYS A 344 1.67 -16.56 -14.18
N THR A 345 2.15 -15.53 -14.90
CA THR A 345 2.01 -15.50 -16.35
C THR A 345 2.91 -16.53 -17.03
N LYS A 346 2.37 -17.12 -18.10
CA LYS A 346 3.17 -17.90 -19.03
C LYS A 346 3.41 -17.08 -20.29
N VAL A 347 4.55 -17.29 -20.92
CA VAL A 347 4.85 -16.58 -22.17
C VAL A 347 4.07 -17.25 -23.30
N THR A 348 2.85 -16.76 -23.54
CA THR A 348 1.97 -17.39 -24.51
C THR A 348 0.82 -16.44 -24.86
N MET A 349 0.23 -16.66 -26.02
CA MET A 349 -0.97 -15.93 -26.41
C MET A 349 -2.14 -16.22 -25.47
N ASP A 350 -2.12 -17.36 -24.78
CA ASP A 350 -3.16 -17.67 -23.81
C ASP A 350 -3.16 -16.66 -22.68
N ASP A 351 -2.02 -16.51 -21.99
CA ASP A 351 -1.96 -15.55 -20.89
C ASP A 351 -1.84 -14.12 -21.40
N PHE A 352 -1.36 -13.94 -22.64
CA PHE A 352 -1.40 -12.64 -23.28
C PHE A 352 -2.81 -12.09 -23.31
N LEU A 353 -3.73 -12.85 -23.91
CA LEU A 353 -5.13 -12.47 -23.99
C LEU A 353 -5.85 -12.62 -22.65
N THR A 354 -5.25 -13.32 -21.70
CA THR A 354 -5.77 -13.31 -20.33
C THR A 354 -5.35 -12.06 -19.58
N ALA A 355 -4.19 -11.49 -19.95
CA ALA A 355 -3.75 -10.24 -19.36
C ALA A 355 -4.72 -9.11 -19.67
N HIS A 356 -5.19 -9.05 -20.92
CA HIS A 356 -6.19 -8.05 -21.28
C HIS A 356 -7.49 -8.31 -20.55
N HIS A 357 -7.78 -9.58 -20.26
CA HIS A 357 -8.98 -9.95 -19.51
C HIS A 357 -8.91 -9.45 -18.07
N GLU A 358 -7.85 -9.84 -17.36
CA GLU A 358 -7.74 -9.47 -15.95
C GLU A 358 -7.52 -7.97 -15.78
N MET A 359 -6.79 -7.35 -16.70
CA MET A 359 -6.62 -5.91 -16.64
C MET A 359 -7.92 -5.18 -16.93
N GLY A 360 -8.79 -5.79 -17.74
CA GLY A 360 -10.11 -5.23 -17.97
C GLY A 360 -10.95 -5.22 -16.70
N HIS A 361 -10.77 -6.22 -15.85
CA HIS A 361 -11.41 -6.21 -14.53
C HIS A 361 -11.04 -4.95 -13.75
N ILE A 362 -9.75 -4.64 -13.70
CA ILE A 362 -9.27 -3.52 -12.89
C ILE A 362 -9.75 -2.20 -13.45
N GLN A 363 -9.67 -2.03 -14.77
CA GLN A 363 -10.10 -0.77 -15.38
C GLN A 363 -11.58 -0.53 -15.11
N TYR A 364 -12.37 -1.59 -14.99
CA TYR A 364 -13.77 -1.45 -14.58
C TYR A 364 -13.84 -1.04 -13.11
N ASP A 365 -13.01 -1.66 -12.26
CA ASP A 365 -12.93 -1.28 -10.85
C ASP A 365 -12.50 0.18 -10.70
N MET A 366 -11.44 0.58 -11.41
CA MET A 366 -10.97 1.95 -11.33
C MET A 366 -12.05 2.93 -11.76
N ALA A 367 -12.84 2.55 -12.76
CA ALA A 367 -13.85 3.46 -13.29
C ALA A 367 -14.98 3.69 -12.29
N TYR A 368 -15.53 2.62 -11.72
CA TYR A 368 -16.66 2.80 -10.81
C TYR A 368 -16.22 3.11 -9.38
N ALA A 369 -14.92 3.32 -9.15
CA ALA A 369 -14.49 3.85 -7.87
C ALA A 369 -15.01 5.26 -7.61
N ALA A 370 -15.54 5.92 -8.65
CA ALA A 370 -16.14 7.24 -8.48
C ALA A 370 -17.46 7.19 -7.73
N GLN A 371 -18.07 6.01 -7.60
CA GLN A 371 -19.33 5.83 -6.92
C GLN A 371 -19.12 5.38 -5.48
N PRO A 372 -20.12 5.53 -4.62
CA PRO A 372 -19.95 5.12 -3.22
C PRO A 372 -19.67 3.63 -3.07
N PHE A 373 -19.23 3.27 -1.86
CA PHE A 373 -18.78 1.91 -1.57
C PHE A 373 -19.80 0.86 -1.99
N LEU A 374 -21.05 1.03 -1.60
CA LEU A 374 -22.06 -0.01 -1.83
C LEU A 374 -22.45 -0.16 -3.30
N LEU A 375 -21.95 0.70 -4.18
CA LEU A 375 -22.18 0.57 -5.61
C LEU A 375 -20.96 0.07 -6.36
N ARG A 376 -19.88 -0.25 -5.66
CA ARG A 376 -18.61 -0.62 -6.29
C ARG A 376 -18.50 -2.13 -6.47
N ASN A 377 -19.36 -2.66 -7.33
CA ASN A 377 -19.36 -4.09 -7.64
C ASN A 377 -19.40 -4.40 -9.12
N GLY A 378 -19.69 -3.42 -9.97
CA GLY A 378 -20.02 -3.81 -11.33
C GLY A 378 -21.48 -4.19 -11.46
N ALA A 379 -22.04 -3.93 -12.64
CA ALA A 379 -23.46 -4.13 -12.89
C ALA A 379 -23.92 -5.53 -12.51
N ASN A 380 -23.23 -6.55 -13.01
CA ASN A 380 -23.50 -7.92 -12.60
C ASN A 380 -22.27 -8.77 -12.90
N GLU A 381 -22.42 -10.09 -12.72
CA GLU A 381 -21.32 -11.01 -12.99
C GLU A 381 -20.83 -10.88 -14.42
N GLY A 382 -21.73 -11.11 -15.39
CA GLY A 382 -21.34 -11.09 -16.79
C GLY A 382 -20.70 -9.79 -17.21
N PHE A 383 -21.14 -8.67 -16.65
CA PHE A 383 -20.53 -7.38 -16.96
C PHE A 383 -19.08 -7.32 -16.49
N HIS A 384 -18.80 -7.79 -15.28
CA HIS A 384 -17.45 -7.72 -14.76
C HIS A 384 -16.49 -8.58 -15.57
N GLU A 385 -17.01 -9.65 -16.17
CA GLU A 385 -16.22 -10.49 -17.07
C GLU A 385 -16.23 -9.97 -18.50
N ALA A 386 -17.33 -9.37 -18.95
CA ALA A 386 -17.42 -8.97 -20.36
C ALA A 386 -16.43 -7.86 -20.67
N VAL A 387 -16.14 -6.99 -19.72
CA VAL A 387 -15.20 -5.89 -19.96
C VAL A 387 -13.86 -6.44 -20.41
N GLY A 388 -13.39 -7.52 -19.79
CA GLY A 388 -12.12 -8.10 -20.18
C GLY A 388 -12.16 -8.76 -21.54
N GLU A 389 -13.24 -9.49 -21.83
CA GLU A 389 -13.34 -10.20 -23.09
C GLU A 389 -13.47 -9.26 -24.28
N ILE A 390 -14.20 -8.15 -24.10
CA ILE A 390 -14.30 -7.13 -25.14
C ILE A 390 -12.91 -6.71 -25.60
N MET A 391 -11.99 -6.52 -24.65
CA MET A 391 -10.67 -6.01 -24.97
C MET A 391 -9.81 -7.10 -25.61
N SER A 392 -9.80 -8.30 -25.03
CA SER A 392 -9.00 -9.38 -25.59
C SER A 392 -9.46 -9.77 -26.99
N LEU A 393 -10.78 -9.73 -27.22
CA LEU A 393 -11.33 -9.96 -28.55
C LEU A 393 -10.76 -8.96 -29.55
N SER A 394 -10.61 -7.70 -29.13
CA SER A 394 -10.05 -6.70 -30.01
C SER A 394 -8.54 -6.86 -30.14
N ALA A 395 -7.84 -7.14 -29.04
CA ALA A 395 -6.40 -7.24 -29.08
C ALA A 395 -5.93 -8.44 -29.89
N ALA A 396 -6.81 -9.39 -30.15
CA ALA A 396 -6.39 -10.66 -30.74
C ALA A 396 -6.54 -10.71 -32.26
N THR A 397 -7.07 -9.65 -32.88
CA THR A 397 -7.27 -9.68 -34.32
C THR A 397 -5.94 -9.81 -35.05
N PRO A 398 -5.93 -10.49 -36.20
CA PRO A 398 -4.69 -10.57 -37.00
C PRO A 398 -4.09 -9.20 -37.31
N LYS A 399 -4.95 -8.21 -37.53
CA LYS A 399 -4.47 -6.84 -37.73
C LYS A 399 -3.72 -6.33 -36.52
N HIS A 400 -4.34 -6.41 -35.34
CA HIS A 400 -3.74 -5.86 -34.13
C HIS A 400 -2.46 -6.60 -33.76
N LEU A 401 -2.42 -7.91 -34.00
CA LEU A 401 -1.22 -8.68 -33.69
C LEU A 401 -0.06 -8.28 -34.59
N LYS A 402 -0.35 -7.94 -35.85
CA LYS A 402 0.66 -7.40 -36.74
C LYS A 402 1.27 -6.12 -36.16
N SER A 403 0.40 -5.18 -35.74
CA SER A 403 0.87 -3.87 -35.33
C SER A 403 1.69 -3.95 -34.05
N ILE A 404 1.34 -4.87 -33.15
CA ILE A 404 2.09 -5.05 -31.91
C ILE A 404 3.54 -5.39 -32.22
N GLY A 405 3.77 -6.30 -33.17
CA GLY A 405 5.11 -6.73 -33.50
C GLY A 405 5.29 -8.23 -33.34
N LEU A 406 4.19 -8.95 -33.15
CA LEU A 406 4.23 -10.40 -33.03
C LEU A 406 4.11 -11.09 -34.39
N LEU A 407 3.43 -10.47 -35.35
CA LEU A 407 3.38 -10.94 -36.72
C LEU A 407 4.12 -9.97 -37.63
N SER A 408 5.00 -10.51 -38.47
CA SER A 408 5.67 -9.72 -39.49
C SER A 408 4.66 -9.29 -40.55
N PRO A 409 4.98 -8.25 -41.34
CA PRO A 409 4.00 -7.73 -42.31
C PRO A 409 3.47 -8.81 -43.25
N ASP A 410 2.16 -8.77 -43.46
CA ASP A 410 1.47 -9.71 -44.33
C ASP A 410 1.95 -9.53 -45.78
N ASP A 414 -6.95 -12.65 -45.99
CA ASP A 414 -7.31 -13.78 -46.84
C ASP A 414 -8.51 -14.51 -46.27
N ASN A 415 -9.41 -14.97 -47.16
CA ASN A 415 -10.50 -15.84 -46.72
C ASN A 415 -9.97 -17.02 -45.91
N GLU A 416 -8.84 -17.57 -46.34
CA GLU A 416 -8.26 -18.71 -45.65
C GLU A 416 -7.67 -18.30 -44.30
N THR A 417 -7.04 -17.12 -44.24
CA THR A 417 -6.53 -16.62 -42.97
C THR A 417 -7.65 -16.28 -42.01
N GLU A 418 -8.72 -15.66 -42.52
CA GLU A 418 -9.85 -15.27 -41.67
C GLU A 418 -10.48 -16.47 -40.97
N ILE A 419 -10.68 -17.56 -41.72
CA ILE A 419 -11.13 -18.80 -41.12
C ILE A 419 -10.05 -19.37 -40.19
N ASN A 420 -8.79 -19.28 -40.60
CA ASN A 420 -7.69 -19.82 -39.81
C ASN A 420 -7.65 -19.20 -38.42
N PHE A 421 -7.92 -17.89 -38.34
CA PHE A 421 -8.06 -17.22 -37.06
C PHE A 421 -9.40 -17.55 -36.41
N LEU A 422 -10.49 -17.49 -37.18
CA LEU A 422 -11.83 -17.57 -36.59
C LEU A 422 -12.08 -18.92 -35.93
N LEU A 423 -11.43 -19.97 -36.39
CA LEU A 423 -11.54 -21.26 -35.71
C LEU A 423 -10.92 -21.19 -34.32
N LYS A 424 -9.71 -20.65 -34.22
CA LYS A 424 -9.04 -20.51 -32.93
C LYS A 424 -9.93 -19.81 -31.91
N GLN A 425 -10.65 -18.77 -32.33
CA GLN A 425 -11.53 -18.07 -31.41
C GLN A 425 -12.71 -18.95 -31.00
N ALA A 426 -13.27 -19.69 -31.95
CA ALA A 426 -14.39 -20.58 -31.63
C ALA A 426 -13.96 -21.70 -30.70
N LEU A 427 -12.76 -22.24 -30.90
CA LEU A 427 -12.24 -23.26 -29.99
C LEU A 427 -12.18 -22.74 -28.56
N THR A 428 -11.70 -21.51 -28.39
CA THR A 428 -11.62 -20.91 -27.06
C THR A 428 -12.99 -20.52 -26.55
N ILE A 429 -13.77 -19.81 -27.37
CA ILE A 429 -15.01 -19.20 -26.91
C ILE A 429 -16.14 -20.22 -26.92
N VAL A 430 -16.51 -20.72 -28.10
CA VAL A 430 -17.70 -21.56 -28.25
C VAL A 430 -17.55 -22.87 -27.46
N GLY A 431 -16.33 -23.39 -27.35
CA GLY A 431 -16.10 -24.62 -26.60
C GLY A 431 -16.52 -24.57 -25.15
N THR A 432 -16.56 -23.37 -24.55
CA THR A 432 -16.91 -23.23 -23.14
C THR A 432 -18.38 -22.97 -22.90
N LEU A 433 -19.14 -22.58 -23.93
CA LEU A 433 -20.57 -22.37 -23.76
C LEU A 433 -21.29 -23.62 -23.26
N PRO A 434 -21.13 -24.82 -23.88
CA PRO A 434 -21.82 -25.99 -23.33
C PRO A 434 -21.17 -26.53 -22.07
N PHE A 435 -19.86 -26.32 -21.93
CA PHE A 435 -19.18 -26.71 -20.69
C PHE A 435 -19.72 -25.91 -19.52
N THR A 436 -19.99 -24.61 -19.74
CA THR A 436 -20.52 -23.76 -18.67
C THR A 436 -21.97 -24.11 -18.36
N TYR A 437 -22.80 -24.26 -19.39
CA TYR A 437 -24.19 -24.65 -19.18
C TYR A 437 -24.28 -25.94 -18.39
N MET A 438 -23.46 -26.93 -18.75
CA MET A 438 -23.44 -28.19 -18.03
C MET A 438 -23.07 -27.99 -16.56
N LEU A 439 -22.03 -27.21 -16.29
CA LEU A 439 -21.44 -27.19 -14.96
C LEU A 439 -22.40 -26.63 -13.92
N GLU A 440 -22.85 -25.38 -14.10
CA GLU A 440 -23.75 -24.78 -13.12
C GLU A 440 -25.11 -25.47 -13.07
N LYS A 441 -25.60 -26.00 -14.21
CA LYS A 441 -26.86 -26.72 -14.17
C LYS A 441 -26.76 -27.96 -13.29
N TRP A 442 -25.61 -28.64 -13.32
CA TRP A 442 -25.38 -29.73 -12.39
C TRP A 442 -25.36 -29.22 -10.95
N ARG A 443 -24.60 -28.15 -10.71
CA ARG A 443 -24.47 -27.62 -9.35
C ARG A 443 -25.82 -27.15 -8.82
N TRP A 444 -26.63 -26.52 -9.67
CA TRP A 444 -27.95 -26.07 -9.24
C TRP A 444 -28.87 -27.24 -8.92
N MET A 445 -28.82 -28.30 -9.73
CA MET A 445 -29.64 -29.47 -9.46
C MET A 445 -29.19 -30.18 -8.19
N VAL A 446 -27.92 -30.05 -7.82
CA VAL A 446 -27.47 -30.56 -6.53
C VAL A 446 -27.97 -29.67 -5.41
N PHE A 447 -27.89 -28.36 -5.59
CA PHE A 447 -28.34 -27.42 -4.55
C PHE A 447 -29.84 -27.51 -4.33
N LYS A 448 -30.59 -27.74 -5.41
CA LYS A 448 -32.04 -27.87 -5.31
C LYS A 448 -32.48 -29.22 -4.78
N GLY A 449 -31.55 -30.10 -4.42
CA GLY A 449 -31.91 -31.38 -3.88
C GLY A 449 -32.43 -32.37 -4.90
N GLU A 450 -32.17 -32.14 -6.18
CA GLU A 450 -32.70 -32.99 -7.23
C GLU A 450 -31.78 -34.17 -7.57
N ILE A 451 -30.48 -34.00 -7.43
CA ILE A 451 -29.52 -35.08 -7.64
C ILE A 451 -29.04 -35.55 -6.27
N PRO A 452 -29.39 -36.76 -5.83
CA PRO A 452 -28.87 -37.26 -4.55
C PRO A 452 -27.38 -37.56 -4.65
N LYS A 453 -26.76 -37.69 -3.48
CA LYS A 453 -25.36 -38.11 -3.43
C LYS A 453 -25.17 -39.50 -4.03
N ASP A 454 -26.24 -40.29 -4.11
CA ASP A 454 -26.18 -41.57 -4.80
C ASP A 454 -25.82 -41.41 -6.27
N GLN A 455 -26.15 -40.26 -6.87
CA GLN A 455 -26.11 -40.09 -8.32
C GLN A 455 -25.30 -38.86 -8.74
N TRP A 456 -24.41 -38.35 -7.90
CA TRP A 456 -23.61 -37.18 -8.29
C TRP A 456 -22.81 -37.44 -9.56
N MET A 457 -21.86 -38.38 -9.49
CA MET A 457 -21.01 -38.62 -10.65
C MET A 457 -21.77 -39.28 -11.79
N LYS A 458 -22.80 -40.07 -11.46
CA LYS A 458 -23.71 -40.59 -12.48
C LYS A 458 -24.25 -39.46 -13.35
N LYS A 459 -24.89 -38.48 -12.71
CA LYS A 459 -25.47 -37.36 -13.45
C LYS A 459 -24.40 -36.50 -14.12
N TRP A 460 -23.17 -36.54 -13.63
CA TRP A 460 -22.12 -35.72 -14.24
C TRP A 460 -21.66 -36.31 -15.56
N TRP A 461 -21.52 -37.64 -15.63
CA TRP A 461 -21.17 -38.27 -16.90
C TRP A 461 -22.36 -38.27 -17.85
N GLU A 462 -23.57 -38.43 -17.30
CA GLU A 462 -24.80 -38.24 -18.05
C GLU A 462 -24.75 -36.96 -18.89
N MET A 463 -24.44 -35.84 -18.23
CA MET A 463 -24.47 -34.54 -18.89
C MET A 463 -23.24 -34.31 -19.75
N LYS A 464 -22.12 -34.92 -19.39
CA LYS A 464 -20.93 -34.83 -20.23
C LYS A 464 -21.20 -35.39 -21.62
N ARG A 465 -21.83 -36.56 -21.68
CA ARG A 465 -22.05 -37.22 -22.96
C ARG A 465 -23.19 -36.55 -23.74
N GLU A 466 -24.31 -36.30 -23.05
CA GLU A 466 -25.52 -35.84 -23.75
C GLU A 466 -25.40 -34.38 -24.16
N ILE A 467 -24.90 -33.52 -23.28
CA ILE A 467 -24.93 -32.08 -23.51
C ILE A 467 -23.65 -31.58 -24.14
N VAL A 468 -22.50 -31.84 -23.52
CA VAL A 468 -21.24 -31.35 -24.06
C VAL A 468 -20.76 -32.22 -25.21
N GLY A 469 -20.92 -33.54 -25.10
CA GLY A 469 -20.35 -34.45 -26.07
C GLY A 469 -18.95 -34.87 -25.68
N VAL A 470 -18.80 -35.37 -24.45
CA VAL A 470 -17.51 -35.71 -23.89
C VAL A 470 -17.69 -36.88 -22.93
N VAL A 471 -16.69 -37.77 -22.89
CA VAL A 471 -16.82 -39.03 -22.17
C VAL A 471 -15.70 -39.20 -21.16
N GLU A 472 -15.94 -40.11 -20.22
CA GLU A 472 -14.94 -40.55 -19.26
C GLU A 472 -14.08 -41.64 -19.88
N PRO A 473 -12.76 -41.51 -19.86
CA PRO A 473 -11.90 -42.62 -20.32
C PRO A 473 -11.99 -43.84 -19.42
N VAL A 474 -12.28 -43.65 -18.13
CA VAL A 474 -12.57 -44.73 -17.20
C VAL A 474 -13.83 -44.36 -16.44
N PRO A 475 -14.88 -45.17 -16.46
CA PRO A 475 -16.07 -44.86 -15.66
C PRO A 475 -15.72 -44.72 -14.18
N HIS A 476 -16.20 -43.64 -13.57
CA HIS A 476 -15.83 -43.30 -12.21
C HIS A 476 -16.94 -43.60 -11.21
N ASP A 477 -16.55 -44.25 -10.12
CA ASP A 477 -17.39 -44.41 -8.95
C ASP A 477 -17.79 -43.05 -8.38
N GLU A 478 -18.82 -43.06 -7.53
CA GLU A 478 -19.21 -41.85 -6.84
C GLU A 478 -18.08 -41.32 -5.94
N THR A 479 -17.08 -42.15 -5.63
CA THR A 479 -15.95 -41.71 -4.81
C THR A 479 -15.34 -40.42 -5.34
N TYR A 480 -15.30 -40.28 -6.66
CA TYR A 480 -14.72 -39.11 -7.30
C TYR A 480 -15.63 -37.90 -7.12
N CYS A 481 -15.02 -36.72 -7.15
CA CYS A 481 -15.76 -35.47 -7.33
C CYS A 481 -15.06 -34.75 -8.47
N ASP A 482 -15.64 -34.85 -9.66
CA ASP A 482 -15.04 -34.32 -10.87
C ASP A 482 -15.22 -32.81 -10.98
N PRO A 483 -16.41 -32.25 -10.70
CA PRO A 483 -16.55 -30.78 -10.77
C PRO A 483 -15.62 -30.05 -9.81
N ALA A 484 -15.40 -30.57 -8.60
CA ALA A 484 -14.55 -29.88 -7.64
C ALA A 484 -13.08 -29.88 -8.05
N SER A 485 -12.68 -30.75 -8.99
CA SER A 485 -11.31 -30.71 -9.51
C SER A 485 -11.03 -29.46 -10.33
N LEU A 486 -12.05 -28.61 -10.54
CA LEU A 486 -11.91 -27.35 -11.26
C LEU A 486 -11.83 -26.21 -10.27
N PHE A 487 -11.09 -25.14 -10.65
CA PHE A 487 -10.84 -24.05 -9.71
C PHE A 487 -12.13 -23.38 -9.29
N HIS A 488 -12.98 -23.00 -10.26
CA HIS A 488 -14.16 -22.19 -9.96
C HIS A 488 -15.11 -22.94 -9.02
N VAL A 489 -15.07 -24.27 -9.02
CA VAL A 489 -15.89 -25.05 -8.10
C VAL A 489 -15.16 -25.26 -6.78
N SER A 490 -13.88 -25.65 -6.84
CA SER A 490 -13.12 -25.90 -5.62
C SER A 490 -13.04 -24.66 -4.74
N ASN A 491 -12.53 -23.57 -5.29
CA ASN A 491 -12.62 -22.26 -4.64
C ASN A 491 -14.00 -21.70 -4.92
N ASP A 492 -14.79 -21.47 -3.87
CA ASP A 492 -16.19 -21.12 -4.06
C ASP A 492 -16.33 -19.94 -5.00
N TYR A 493 -16.91 -20.21 -6.17
CA TYR A 493 -17.04 -19.22 -7.23
C TYR A 493 -18.19 -19.68 -8.12
N SER A 494 -18.75 -18.73 -8.87
CA SER A 494 -19.85 -19.03 -9.78
C SER A 494 -19.35 -19.13 -11.22
N PHE A 495 -20.03 -19.96 -12.00
CA PHE A 495 -19.63 -20.25 -13.38
C PHE A 495 -20.58 -19.71 -14.44
N ILE A 496 -21.87 -19.55 -14.12
CA ILE A 496 -22.84 -19.13 -15.13
C ILE A 496 -22.49 -17.77 -15.70
N ARG A 497 -21.64 -17.01 -15.00
CA ARG A 497 -21.14 -15.74 -15.51
C ARG A 497 -20.52 -15.89 -16.90
N TYR A 498 -19.86 -17.03 -17.16
CA TYR A 498 -19.11 -17.19 -18.40
C TYR A 498 -20.04 -17.42 -19.58
N TYR A 499 -21.22 -18.00 -19.36
CA TYR A 499 -22.21 -18.09 -20.41
C TYR A 499 -22.77 -16.71 -20.75
N THR A 500 -23.24 -15.97 -19.74
CA THR A 500 -23.75 -14.63 -19.97
C THR A 500 -22.67 -13.73 -20.56
N ARG A 501 -21.43 -13.89 -20.07
CA ARG A 501 -20.28 -13.14 -20.58
C ARG A 501 -20.21 -13.19 -22.10
N THR A 502 -20.17 -14.41 -22.66
CA THR A 502 -19.94 -14.57 -24.09
C THR A 502 -21.01 -13.87 -24.92
N LEU A 503 -22.26 -13.90 -24.45
CA LEU A 503 -23.32 -13.21 -25.17
C LEU A 503 -23.22 -11.70 -25.01
N TYR A 504 -22.88 -11.24 -23.80
CA TYR A 504 -22.57 -9.83 -23.59
C TYR A 504 -21.38 -9.42 -24.45
N GLN A 505 -20.37 -10.28 -24.51
CA GLN A 505 -19.11 -9.97 -25.18
C GLN A 505 -19.32 -9.45 -26.60
N PHE A 506 -20.27 -10.03 -27.33
CA PHE A 506 -20.46 -9.68 -28.73
C PHE A 506 -21.56 -8.65 -28.94
N GLN A 507 -22.49 -8.51 -28.00
CA GLN A 507 -23.36 -7.34 -28.01
C GLN A 507 -22.56 -6.06 -27.92
N PHE A 508 -21.68 -5.97 -26.91
CA PHE A 508 -20.90 -4.76 -26.70
C PHE A 508 -19.97 -4.48 -27.86
N GLN A 509 -19.29 -5.51 -28.35
CA GLN A 509 -18.34 -5.32 -29.45
C GLN A 509 -19.05 -4.77 -30.68
N GLU A 510 -20.25 -5.27 -30.97
CA GLU A 510 -21.02 -4.73 -32.11
C GLU A 510 -21.30 -3.25 -31.91
N ALA A 511 -21.66 -2.84 -30.70
CA ALA A 511 -21.91 -1.42 -30.45
C ALA A 511 -20.63 -0.60 -30.54
N LEU A 512 -19.52 -1.12 -30.00
CA LEU A 512 -18.27 -0.38 -30.01
C LEU A 512 -17.71 -0.23 -31.42
N CYS A 513 -17.95 -1.22 -32.28
CA CYS A 513 -17.45 -1.15 -33.64
C CYS A 513 -18.19 -0.11 -34.47
N GLN A 514 -19.34 0.36 -34.00
CA GLN A 514 -19.99 1.51 -34.61
C GLN A 514 -19.33 2.80 -34.12
N ALA A 515 -19.03 2.88 -32.82
CA ALA A 515 -18.40 4.08 -32.27
C ALA A 515 -17.01 4.28 -32.84
N ALA A 516 -16.21 3.21 -32.92
CA ALA A 516 -14.87 3.30 -33.49
C ALA A 516 -14.87 3.41 -35.00
N LYS A 517 -16.04 3.35 -35.65
CA LYS A 517 -16.18 3.57 -37.08
C LYS A 517 -15.46 2.49 -37.86
N HIS A 518 -16.02 1.28 -37.81
CA HIS A 518 -15.39 0.09 -38.37
C HIS A 518 -15.78 -0.15 -39.82
N GLU A 519 -17.07 -0.14 -40.13
CA GLU A 519 -17.60 -0.45 -41.46
C GLU A 519 -17.09 -1.81 -41.94
N GLY A 520 -17.49 -2.88 -41.24
CA GLY A 520 -17.14 -4.19 -41.70
C GLY A 520 -17.56 -5.31 -40.78
N PRO A 521 -17.08 -6.51 -41.07
CA PRO A 521 -17.41 -7.66 -40.22
C PRO A 521 -16.92 -7.42 -38.80
N LEU A 522 -17.80 -7.74 -37.83
CA LEU A 522 -17.39 -7.75 -36.43
C LEU A 522 -16.15 -8.60 -36.23
N HIS A 523 -15.94 -9.59 -37.12
CA HIS A 523 -14.82 -10.52 -37.04
C HIS A 523 -13.48 -9.77 -36.99
N LYS A 524 -13.34 -8.71 -37.78
CA LYS A 524 -12.06 -8.04 -37.96
C LYS A 524 -11.89 -6.83 -37.06
N CYS A 525 -12.83 -6.58 -36.15
CA CYS A 525 -12.91 -5.31 -35.47
C CYS A 525 -12.09 -5.30 -34.18
N ASP A 526 -11.37 -4.20 -33.96
CA ASP A 526 -10.69 -3.95 -32.69
C ASP A 526 -10.90 -2.50 -32.30
N ILE A 527 -10.72 -2.23 -31.01
CA ILE A 527 -10.86 -0.90 -30.43
C ILE A 527 -9.46 -0.38 -30.12
N SER A 528 -8.90 0.43 -31.01
CA SER A 528 -7.55 0.96 -30.79
C SER A 528 -7.47 2.36 -31.35
N ASN A 529 -6.86 3.27 -30.57
CA ASN A 529 -6.76 4.68 -30.93
C ASN A 529 -8.13 5.26 -31.27
N SER A 530 -9.13 4.90 -30.45
CA SER A 530 -10.52 5.30 -30.66
C SER A 530 -11.06 5.87 -29.35
N THR A 531 -11.04 7.20 -29.23
CA THR A 531 -11.66 7.85 -28.08
C THR A 531 -13.16 7.59 -28.04
N GLU A 532 -13.79 7.49 -29.21
CA GLU A 532 -15.24 7.31 -29.29
C GLU A 532 -15.68 6.04 -28.55
N ALA A 533 -14.97 4.93 -28.76
CA ALA A 533 -15.32 3.69 -28.08
C ALA A 533 -14.92 3.70 -26.61
N GLY A 534 -13.81 4.38 -26.27
CA GLY A 534 -13.43 4.48 -24.87
C GLY A 534 -14.39 5.32 -24.07
N GLN A 535 -14.75 6.49 -24.59
CA GLN A 535 -15.76 7.32 -23.95
C GLN A 535 -17.07 6.56 -23.80
N LYS A 536 -17.40 5.75 -24.81
CA LYS A 536 -18.68 5.02 -24.80
C LYS A 536 -18.74 4.02 -23.66
N LEU A 537 -17.70 3.19 -23.52
CA LEU A 537 -17.66 2.23 -22.42
C LEU A 537 -17.51 2.93 -21.08
N PHE A 538 -16.62 3.92 -21.01
CA PHE A 538 -16.31 4.55 -19.73
C PHE A 538 -17.53 5.23 -19.13
N ASN A 539 -18.41 5.77 -19.98
CA ASN A 539 -19.70 6.26 -19.52
C ASN A 539 -20.42 5.20 -18.69
N MET A 540 -20.35 3.95 -19.15
CA MET A 540 -20.99 2.84 -18.46
C MET A 540 -20.09 2.25 -17.37
N LEU A 541 -18.78 2.23 -17.60
CA LEU A 541 -17.87 1.54 -16.70
C LEU A 541 -17.95 2.10 -15.27
N ARG A 542 -18.21 3.41 -15.14
CA ARG A 542 -18.25 4.03 -13.83
C ARG A 542 -19.48 3.64 -13.03
N LEU A 543 -20.52 3.12 -13.68
CA LEU A 543 -21.82 3.04 -13.04
C LEU A 543 -21.83 2.06 -11.88
N GLY A 544 -21.16 0.92 -12.03
CA GLY A 544 -21.19 -0.09 -10.98
C GLY A 544 -22.62 -0.60 -10.82
N LYS A 545 -23.11 -0.53 -9.59
CA LYS A 545 -24.49 -0.90 -9.28
C LYS A 545 -25.43 0.29 -9.25
N SER A 546 -24.96 1.50 -9.61
CA SER A 546 -25.84 2.67 -9.57
C SER A 546 -27.04 2.51 -10.49
N GLU A 547 -26.90 1.75 -11.57
CA GLU A 547 -27.98 1.41 -12.47
C GLU A 547 -28.11 -0.09 -12.58
N PRO A 548 -29.32 -0.62 -12.78
CA PRO A 548 -29.46 -2.05 -13.01
C PRO A 548 -28.76 -2.46 -14.30
N TRP A 549 -28.26 -3.69 -14.33
CA TRP A 549 -27.55 -4.18 -15.51
C TRP A 549 -28.41 -4.08 -16.76
N THR A 550 -29.74 -4.13 -16.58
CA THR A 550 -30.65 -4.06 -17.73
C THR A 550 -30.47 -2.76 -18.50
N LEU A 551 -30.30 -1.64 -17.79
CA LEU A 551 -30.09 -0.34 -18.41
C LEU A 551 -28.63 -0.05 -18.74
N ALA A 552 -27.69 -0.48 -17.89
CA ALA A 552 -26.27 -0.40 -18.23
C ALA A 552 -26.01 -1.09 -19.56
N LEU A 553 -26.77 -2.14 -19.86
CA LEU A 553 -26.67 -2.78 -21.17
C LEU A 553 -27.31 -1.92 -22.25
N GLU A 554 -28.55 -1.47 -22.01
CA GLU A 554 -29.28 -0.72 -23.02
C GLU A 554 -28.68 0.65 -23.29
N ASN A 555 -27.87 1.18 -22.35
CA ASN A 555 -27.25 2.46 -22.59
C ASN A 555 -26.00 2.36 -23.46
N VAL A 556 -25.51 1.15 -23.70
CA VAL A 556 -24.38 0.91 -24.59
C VAL A 556 -24.84 0.22 -25.88
N VAL A 557 -25.62 -0.85 -25.75
CA VAL A 557 -26.18 -1.55 -26.88
C VAL A 557 -27.68 -1.27 -26.94
N GLY A 558 -28.30 -1.64 -28.05
CA GLY A 558 -29.73 -1.46 -28.17
C GLY A 558 -30.58 -2.43 -27.39
N ALA A 559 -29.97 -3.40 -26.70
CA ALA A 559 -30.69 -4.48 -26.07
C ALA A 559 -30.80 -4.27 -24.56
N LYS A 560 -31.91 -4.74 -23.99
CA LYS A 560 -32.12 -4.74 -22.55
C LYS A 560 -32.15 -6.17 -22.01
N ASN A 561 -31.49 -7.09 -22.71
CA ASN A 561 -31.30 -8.45 -22.23
C ASN A 561 -30.09 -9.06 -22.92
N MET A 562 -29.53 -10.09 -22.27
CA MET A 562 -28.57 -11.00 -22.87
C MET A 562 -29.09 -11.50 -24.20
N ASN A 563 -28.25 -11.44 -25.25
CA ASN A 563 -28.68 -11.78 -26.59
C ASN A 563 -27.60 -12.52 -27.34
N VAL A 564 -27.99 -13.53 -28.10
CA VAL A 564 -27.06 -14.44 -28.78
C VAL A 564 -26.87 -14.10 -30.25
N ARG A 565 -27.68 -13.18 -30.80
CA ARG A 565 -27.59 -12.88 -32.23
C ARG A 565 -26.22 -12.37 -32.66
N PRO A 566 -25.61 -11.38 -32.01
CA PRO A 566 -24.30 -10.89 -32.51
C PRO A 566 -23.18 -11.91 -32.34
N LEU A 567 -23.29 -12.80 -31.35
CA LEU A 567 -22.32 -13.89 -31.22
C LEU A 567 -22.23 -14.69 -32.50
N LEU A 568 -23.38 -15.07 -33.05
CA LEU A 568 -23.40 -15.91 -34.24
C LEU A 568 -22.88 -15.16 -35.46
N ASN A 569 -23.14 -13.85 -35.54
CA ASN A 569 -22.66 -13.05 -36.65
C ASN A 569 -21.14 -12.90 -36.62
N TYR A 570 -20.53 -12.97 -35.43
CA TYR A 570 -19.08 -13.03 -35.36
C TYR A 570 -18.53 -14.30 -35.98
N PHE A 571 -19.29 -15.40 -35.90
CA PHE A 571 -18.82 -16.72 -36.31
C PHE A 571 -19.45 -17.23 -37.60
N GLU A 572 -20.48 -16.55 -38.14
CA GLU A 572 -21.16 -17.02 -39.34
C GLU A 572 -20.23 -17.46 -40.47
N PRO A 573 -19.12 -16.75 -40.79
CA PRO A 573 -18.22 -17.30 -41.82
C PRO A 573 -17.65 -18.66 -41.46
N LEU A 574 -17.34 -18.91 -40.18
CA LEU A 574 -16.85 -20.23 -39.79
C LEU A 574 -17.95 -21.28 -39.90
N PHE A 575 -19.19 -20.90 -39.59
CA PHE A 575 -20.30 -21.85 -39.64
C PHE A 575 -20.54 -22.34 -41.06
N THR A 576 -20.61 -21.41 -42.03
CA THR A 576 -20.72 -21.79 -43.43
C THR A 576 -19.60 -22.73 -43.84
N TRP A 577 -18.38 -22.43 -43.37
CA TRP A 577 -17.21 -23.24 -43.68
C TRP A 577 -17.27 -24.62 -43.04
N LEU A 578 -17.69 -24.68 -41.76
CA LEU A 578 -17.76 -25.98 -41.08
C LEU A 578 -18.83 -26.88 -41.68
N LYS A 579 -19.91 -26.30 -42.21
CA LYS A 579 -20.92 -27.11 -42.89
C LYS A 579 -20.34 -27.79 -44.12
N ASP A 580 -19.45 -27.10 -44.83
CA ASP A 580 -18.81 -27.68 -46.00
C ASP A 580 -17.91 -28.84 -45.63
N GLN A 581 -17.08 -28.66 -44.60
CA GLN A 581 -16.02 -29.61 -44.29
C GLN A 581 -16.49 -30.82 -43.50
N ASN A 582 -17.71 -30.80 -42.96
CA ASN A 582 -18.23 -31.90 -42.16
C ASN A 582 -19.20 -32.80 -42.91
N LYS A 583 -19.33 -32.65 -44.24
CA LYS A 583 -20.11 -33.63 -44.98
C LYS A 583 -19.47 -35.01 -44.94
N ASN A 584 -18.16 -35.08 -44.70
CA ASN A 584 -17.44 -36.33 -44.62
C ASN A 584 -17.37 -36.90 -43.20
N SER A 585 -18.15 -36.35 -42.28
CA SER A 585 -18.13 -36.77 -40.89
C SER A 585 -19.54 -36.74 -40.33
N PHE A 586 -19.80 -37.60 -39.34
CA PHE A 586 -21.05 -37.50 -38.60
C PHE A 586 -21.02 -36.27 -37.71
N VAL A 587 -22.16 -35.60 -37.60
CA VAL A 587 -22.19 -34.31 -36.93
C VAL A 587 -22.57 -34.44 -35.46
N GLY A 588 -23.67 -35.13 -35.17
CA GLY A 588 -24.10 -35.35 -33.79
C GLY A 588 -23.15 -36.26 -33.03
N TRP A 589 -23.61 -36.79 -31.90
CA TRP A 589 -22.80 -37.73 -31.15
C TRP A 589 -23.68 -38.77 -30.47
N SER A 590 -23.07 -39.92 -30.20
CA SER A 590 -23.74 -41.02 -29.54
C SER A 590 -23.75 -40.80 -28.04
N THR A 591 -24.93 -40.96 -27.44
CA THR A 591 -25.06 -40.78 -26.00
C THR A 591 -24.20 -41.76 -25.22
N ASP A 592 -23.89 -42.93 -25.81
CA ASP A 592 -23.36 -44.04 -25.03
C ASP A 592 -21.98 -44.54 -25.48
N TRP A 593 -21.25 -43.81 -26.32
CA TRP A 593 -19.92 -44.30 -26.64
C TRP A 593 -19.02 -44.17 -25.42
N SER A 594 -18.25 -45.21 -25.15
CA SER A 594 -17.29 -45.17 -24.07
C SER A 594 -16.08 -45.99 -24.50
N PRO A 595 -14.88 -45.38 -24.56
CA PRO A 595 -13.66 -46.17 -24.77
C PRO A 595 -13.37 -47.05 -23.55
N TYR A 596 -14.29 -47.97 -23.28
CA TYR A 596 -14.21 -48.85 -22.11
C TYR A 596 -15.12 -50.05 -22.30
N GLU B 1 -12.80 13.99 28.68
CA GLU B 1 -14.26 13.96 28.85
C GLU B 1 -15.01 14.68 27.75
N VAL B 2 -16.28 14.32 27.58
CA VAL B 2 -17.20 15.10 26.76
C VAL B 2 -17.38 16.46 27.42
N GLN B 3 -17.02 17.52 26.72
CA GLN B 3 -16.98 18.83 27.35
C GLN B 3 -17.33 19.92 26.34
N LEU B 4 -18.33 20.74 26.69
CA LEU B 4 -18.69 21.94 25.96
C LEU B 4 -18.51 23.13 26.90
N VAL B 5 -17.71 24.10 26.47
CA VAL B 5 -17.43 25.29 27.26
C VAL B 5 -17.88 26.51 26.46
N GLU B 6 -18.73 27.34 27.08
CA GLU B 6 -19.37 28.45 26.41
C GLU B 6 -18.87 29.78 26.96
N SER B 7 -18.85 30.79 26.10
CA SER B 7 -18.46 32.14 26.50
C SER B 7 -19.04 33.13 25.51
N GLY B 8 -18.94 34.40 25.85
CA GLY B 8 -19.49 35.45 25.04
C GLY B 8 -19.80 36.66 25.90
N GLY B 9 -20.46 37.64 25.27
CA GLY B 9 -20.80 38.86 25.96
C GLY B 9 -22.03 38.71 26.83
N GLY B 10 -22.32 39.78 27.59
CA GLY B 10 -23.48 39.82 28.45
C GLY B 10 -24.49 40.86 28.01
N LEU B 11 -24.37 42.08 28.56
CA LEU B 11 -25.27 43.16 28.19
C LEU B 11 -24.80 43.83 26.90
N VAL B 12 -25.73 43.97 25.95
CA VAL B 12 -25.49 44.62 24.67
C VAL B 12 -26.69 45.49 24.34
N GLN B 13 -26.45 46.58 23.61
CA GLN B 13 -27.54 47.51 23.35
C GLN B 13 -28.47 46.96 22.28
N PRO B 14 -29.78 47.21 22.40
CA PRO B 14 -30.71 46.79 21.34
C PRO B 14 -30.34 47.41 20.01
N GLY B 15 -30.54 46.63 18.94
CA GLY B 15 -30.09 47.00 17.62
C GLY B 15 -28.62 46.77 17.35
N GLY B 16 -27.87 46.29 18.34
CA GLY B 16 -26.45 46.07 18.20
C GLY B 16 -26.13 44.63 17.80
N SER B 17 -24.88 44.24 18.05
CA SER B 17 -24.37 42.95 17.61
C SER B 17 -23.53 42.31 18.70
N LEU B 18 -23.45 40.98 18.65
CA LEU B 18 -22.65 40.21 19.59
C LEU B 18 -22.49 38.80 19.05
N ARG B 19 -21.30 38.23 19.23
CA ARG B 19 -21.00 36.86 18.82
C ARG B 19 -20.72 36.00 20.03
N LEU B 20 -21.37 34.84 20.09
CA LEU B 20 -21.14 33.83 21.10
C LEU B 20 -20.28 32.72 20.52
N SER B 21 -19.70 31.90 21.42
CA SER B 21 -18.84 30.82 20.99
C SER B 21 -18.85 29.69 22.01
N CYS B 22 -18.58 28.49 21.53
CA CYS B 22 -18.44 27.30 22.37
C CYS B 22 -17.33 26.42 21.82
N ALA B 23 -16.51 25.90 22.72
CA ALA B 23 -15.45 24.96 22.38
C ALA B 23 -15.87 23.55 22.79
N ALA B 24 -15.41 22.56 22.02
CA ALA B 24 -15.81 21.17 22.19
C ALA B 24 -14.58 20.27 22.17
N SER B 25 -14.59 19.23 23.01
CA SER B 25 -13.50 18.26 23.06
C SER B 25 -14.05 16.97 23.65
N GLY B 26 -13.19 15.95 23.70
CA GLY B 26 -13.59 14.62 24.09
C GLY B 26 -14.17 13.77 22.97
N PHE B 27 -14.37 14.36 21.79
CA PHE B 27 -15.01 13.67 20.68
C PHE B 27 -14.65 14.40 19.39
N THR B 28 -14.92 13.74 18.26
CA THR B 28 -14.72 14.37 16.96
C THR B 28 -15.78 15.45 16.75
N PHE B 29 -15.33 16.67 16.45
CA PHE B 29 -16.25 17.78 16.27
C PHE B 29 -17.17 17.55 15.08
N ILE B 30 -16.60 17.17 13.94
CA ILE B 30 -17.37 17.09 12.70
C ILE B 30 -18.28 15.89 12.61
N ASP B 31 -18.21 14.96 13.57
CA ASP B 31 -19.13 13.83 13.61
C ASP B 31 -20.49 14.17 14.21
N TYR B 32 -20.69 15.40 14.66
CA TYR B 32 -21.90 15.77 15.39
C TYR B 32 -22.56 17.01 14.80
N TYR B 33 -23.84 17.17 15.14
CA TYR B 33 -24.58 18.38 14.88
C TYR B 33 -24.26 19.36 15.99
N MET B 34 -24.10 20.63 15.64
CA MET B 34 -23.91 21.67 16.64
C MET B 34 -25.11 22.61 16.62
N ASN B 35 -25.67 22.86 17.79
CA ASN B 35 -26.93 23.58 17.91
C ASN B 35 -26.82 24.65 18.98
N TRP B 36 -27.54 25.75 18.76
CA TRP B 36 -27.79 26.74 19.81
C TRP B 36 -29.25 26.63 20.22
N VAL B 37 -29.49 26.62 21.53
CA VAL B 37 -30.84 26.74 22.05
C VAL B 37 -30.91 28.08 22.80
N ARG B 38 -32.11 28.42 23.23
CA ARG B 38 -32.35 29.72 23.83
C ARG B 38 -33.49 29.60 24.82
N GLN B 39 -33.27 30.14 26.02
CA GLN B 39 -34.25 30.11 27.09
C GLN B 39 -34.38 31.51 27.66
N ALA B 40 -35.35 32.27 27.16
CA ALA B 40 -35.75 33.48 27.85
C ALA B 40 -36.12 33.13 29.29
N PRO B 41 -35.81 34.00 30.25
CA PRO B 41 -35.99 33.63 31.67
C PRO B 41 -37.34 33.04 32.01
N GLY B 42 -38.42 33.57 31.42
CA GLY B 42 -39.75 33.09 31.71
C GLY B 42 -40.38 32.23 30.62
N LYS B 43 -39.57 31.62 29.76
CA LYS B 43 -40.09 30.76 28.71
C LYS B 43 -39.43 29.40 28.78
N GLY B 44 -40.02 28.46 28.04
CA GLY B 44 -39.39 27.16 27.83
C GLY B 44 -38.18 27.24 26.93
N LEU B 45 -37.83 26.13 26.29
CA LEU B 45 -36.65 26.06 25.44
C LEU B 45 -37.03 26.29 23.99
N GLU B 46 -36.20 27.08 23.30
CA GLU B 46 -36.31 27.29 21.86
C GLU B 46 -35.11 26.69 21.15
N TRP B 47 -35.36 26.21 19.95
CA TRP B 47 -34.31 25.92 18.99
C TRP B 47 -33.87 27.24 18.33
N VAL B 48 -32.58 27.53 18.39
CA VAL B 48 -32.05 28.68 17.65
C VAL B 48 -31.59 28.26 16.26
N GLY B 49 -30.76 27.24 16.18
CA GLY B 49 -30.25 26.85 14.87
C GLY B 49 -29.48 25.55 14.92
N PHE B 50 -29.05 25.13 13.72
CA PHE B 50 -28.50 23.81 13.44
C PHE B 50 -27.41 23.96 12.41
N ILE B 51 -26.34 23.17 12.55
CA ILE B 51 -25.31 23.08 11.54
C ILE B 51 -24.80 21.65 11.49
N ARG B 52 -24.80 21.06 10.30
CA ARG B 52 -24.54 19.64 10.13
C ARG B 52 -23.10 19.29 10.50
N TYR B 58 -22.07 20.47 5.79
CA TYR B 58 -22.26 21.51 6.79
C TYR B 58 -23.39 22.46 6.42
N THR B 59 -24.62 21.95 6.50
CA THR B 59 -25.79 22.78 6.31
C THR B 59 -25.98 23.68 7.53
N THR B 60 -26.76 24.76 7.36
CA THR B 60 -27.06 25.66 8.46
C THR B 60 -28.52 26.06 8.37
N GLU B 61 -29.28 25.77 9.43
CA GLU B 61 -30.70 26.13 9.50
C GLU B 61 -30.99 26.83 10.81
N TYR B 62 -32.02 27.67 10.78
CA TYR B 62 -32.38 28.52 11.90
C TYR B 62 -33.87 28.37 12.18
N SER B 63 -34.27 28.69 13.40
CA SER B 63 -35.69 28.91 13.64
C SER B 63 -36.14 30.19 12.97
N THR B 64 -37.44 30.27 12.67
CA THR B 64 -37.97 31.42 11.96
C THR B 64 -37.71 32.72 12.71
N SER B 65 -37.68 32.67 14.04
CA SER B 65 -37.58 33.89 14.83
C SER B 65 -36.24 34.60 14.63
N VAL B 66 -35.19 33.87 14.25
CA VAL B 66 -33.83 34.40 14.30
C VAL B 66 -33.12 34.40 12.96
N LYS B 67 -33.67 33.76 11.93
CA LYS B 67 -32.91 33.61 10.68
C LYS B 67 -32.57 34.97 10.07
N GLY B 68 -33.48 35.92 10.16
CA GLY B 68 -33.22 37.25 9.66
C GLY B 68 -32.26 38.08 10.49
N ARG B 69 -31.83 37.57 11.64
CA ARG B 69 -30.98 38.33 12.54
C ARG B 69 -29.68 37.62 12.92
N PHE B 70 -29.67 36.30 12.99
CA PHE B 70 -28.53 35.53 13.49
C PHE B 70 -27.84 34.77 12.36
N THR B 71 -26.59 34.41 12.61
CA THR B 71 -25.80 33.56 11.73
C THR B 71 -25.00 32.59 12.59
N ILE B 72 -25.01 31.31 12.21
CA ILE B 72 -24.28 30.27 12.91
C ILE B 72 -23.07 29.87 12.06
N SER B 73 -21.93 29.68 12.71
CA SER B 73 -20.67 29.43 12.03
C SER B 73 -19.90 28.35 12.77
N ARG B 74 -19.10 27.59 12.01
CA ARG B 74 -18.18 26.61 12.57
C ARG B 74 -16.73 26.98 12.26
N ASP B 75 -15.85 26.58 13.17
CA ASP B 75 -14.43 26.40 12.87
C ASP B 75 -14.13 24.99 13.35
N ASN B 76 -14.14 24.03 12.42
CA ASN B 76 -14.01 22.61 12.71
C ASN B 76 -12.56 22.18 12.95
N SER B 77 -11.60 23.10 12.91
CA SER B 77 -10.23 22.83 13.32
C SER B 77 -9.92 23.37 14.70
N LYS B 78 -10.54 24.48 15.09
CA LYS B 78 -10.56 24.92 16.47
C LYS B 78 -11.54 24.13 17.33
N ASN B 79 -12.42 23.33 16.69
CA ASN B 79 -13.47 22.60 17.37
C ASN B 79 -14.41 23.55 18.12
N THR B 80 -14.93 24.53 17.40
CA THR B 80 -15.73 25.59 18.00
C THR B 80 -17.01 25.85 17.22
N LEU B 81 -18.04 26.28 17.94
CA LEU B 81 -19.30 26.73 17.37
C LEU B 81 -19.47 28.20 17.69
N TYR B 82 -19.91 28.97 16.69
CA TYR B 82 -20.16 30.40 16.87
C TYR B 82 -21.60 30.75 16.53
N LEU B 83 -22.13 31.72 17.26
CA LEU B 83 -23.40 32.36 16.97
C LEU B 83 -23.17 33.87 16.90
N GLN B 84 -23.37 34.44 15.72
CA GLN B 84 -23.22 35.88 15.52
C GLN B 84 -24.60 36.49 15.37
N MET B 85 -24.95 37.39 16.28
CA MET B 85 -26.26 38.03 16.33
C MET B 85 -26.10 39.43 15.75
N ASN B 86 -26.40 39.58 14.46
CA ASN B 86 -26.13 40.83 13.76
C ASN B 86 -27.06 41.94 14.24
N SER B 87 -28.36 41.68 14.26
CA SER B 87 -29.36 42.62 14.76
C SER B 87 -30.04 42.00 15.97
N LEU B 88 -29.98 42.71 17.09
CA LEU B 88 -30.54 42.23 18.35
C LEU B 88 -31.81 42.99 18.72
N ARG B 89 -32.80 42.24 19.16
CA ARG B 89 -34.00 42.78 19.76
C ARG B 89 -33.94 42.53 21.27
N ALA B 90 -34.63 43.36 22.04
CA ALA B 90 -34.82 43.06 23.45
C ALA B 90 -35.51 41.71 23.63
N GLU B 91 -36.26 41.27 22.61
CA GLU B 91 -36.87 39.95 22.60
C GLU B 91 -35.82 38.85 22.70
N ASP B 92 -34.62 39.08 22.15
CA ASP B 92 -33.56 38.08 22.10
C ASP B 92 -32.86 37.87 23.45
N THR B 93 -33.22 38.65 24.47
CA THR B 93 -32.66 38.46 25.81
C THR B 93 -32.99 37.06 26.32
N ALA B 94 -31.95 36.29 26.64
CA ALA B 94 -32.11 34.92 27.10
C ALA B 94 -30.75 34.35 27.49
N VAL B 95 -30.79 33.17 28.10
CA VAL B 95 -29.61 32.36 28.36
C VAL B 95 -29.39 31.46 27.16
N TYR B 96 -28.19 31.52 26.58
CA TYR B 96 -27.87 30.78 25.37
C TYR B 96 -26.99 29.58 25.71
N TYR B 97 -27.41 28.41 25.25
CA TYR B 97 -26.70 27.16 25.52
C TYR B 97 -26.21 26.57 24.21
N CYS B 98 -25.09 25.85 24.29
CA CYS B 98 -24.58 25.05 23.18
C CYS B 98 -24.77 23.58 23.50
N ALA B 99 -25.07 22.78 22.47
CA ALA B 99 -25.40 21.39 22.70
C ALA B 99 -24.90 20.53 21.55
N ARG B 100 -24.64 19.26 21.87
CA ARG B 100 -24.17 18.25 20.92
C ARG B 100 -25.33 17.31 20.60
N HIS B 101 -25.82 17.35 19.37
CA HIS B 101 -26.87 16.45 18.93
C HIS B 101 -26.38 15.62 17.76
N MET B 102 -27.14 14.58 17.44
CA MET B 102 -26.60 13.47 16.67
C MET B 102 -27.72 12.69 16.00
N TYR B 103 -27.31 11.75 15.15
CA TYR B 103 -28.21 10.83 14.44
C TYR B 103 -28.92 9.89 15.41
N ASP B 108 -26.59 13.32 24.42
CA ASP B 108 -26.47 14.77 24.51
C ASP B 108 -25.53 15.21 25.62
N PHE B 109 -24.89 16.36 25.41
CA PHE B 109 -24.23 17.07 26.49
C PHE B 109 -24.39 18.56 26.27
N TRP B 110 -24.50 19.29 27.38
CA TRP B 110 -24.74 20.73 27.39
C TRP B 110 -23.58 21.46 28.03
N GLY B 111 -23.13 22.53 27.37
CA GLY B 111 -22.42 23.55 28.09
C GLY B 111 -23.37 24.33 28.96
N GLN B 112 -22.82 25.10 29.89
CA GLN B 112 -23.64 25.92 30.76
C GLN B 112 -23.88 27.27 30.09
N GLY B 113 -25.13 27.74 30.18
CA GLY B 113 -25.56 28.86 29.38
C GLY B 113 -24.91 30.18 29.78
N THR B 114 -24.82 31.08 28.81
CA THR B 114 -24.32 32.43 29.02
C THR B 114 -25.48 33.40 28.84
N LEU B 115 -25.64 34.32 29.79
CA LEU B 115 -26.76 35.25 29.75
C LEU B 115 -26.48 36.43 28.88
N VAL B 116 -27.24 36.55 27.81
CA VAL B 116 -27.09 37.71 26.98
C VAL B 116 -28.30 38.54 27.30
N THR B 117 -28.08 39.76 27.74
CA THR B 117 -29.19 40.62 28.08
C THR B 117 -29.20 41.77 27.10
N VAL B 118 -30.33 42.00 26.45
CA VAL B 118 -30.42 43.14 25.57
C VAL B 118 -31.39 44.13 26.18
N SER B 119 -30.85 45.24 26.70
CA SER B 119 -31.65 46.43 27.02
C SER B 119 -30.78 47.67 26.95
N SER B 120 -31.39 48.82 26.71
CA SER B 120 -30.64 50.05 26.53
C SER B 120 -29.86 50.57 27.73
N ALA B 121 -30.38 50.41 28.94
CA ALA B 121 -29.75 51.02 30.11
C ALA B 121 -28.33 50.59 30.44
N SER B 122 -27.55 51.50 30.98
CA SER B 122 -26.16 51.22 31.26
C SER B 122 -25.84 50.45 32.52
N THR B 123 -24.74 49.72 32.51
CA THR B 123 -24.29 49.01 33.69
C THR B 123 -24.04 50.00 34.81
N LYS B 124 -24.48 49.64 36.02
CA LYS B 124 -24.29 50.51 37.18
C LYS B 124 -23.35 49.93 38.22
N GLY B 125 -23.53 48.66 38.60
CA GLY B 125 -22.79 48.09 39.68
C GLY B 125 -23.59 48.20 40.97
N PRO B 126 -23.31 47.30 41.92
CA PRO B 126 -24.17 47.19 43.09
C PRO B 126 -23.68 48.00 44.28
N SER B 127 -24.57 48.15 45.25
CA SER B 127 -24.24 48.56 46.60
C SER B 127 -24.62 47.44 47.54
N VAL B 128 -23.73 47.12 48.47
CA VAL B 128 -23.91 45.99 49.38
C VAL B 128 -24.23 46.53 50.77
N PHE B 129 -25.35 46.09 51.33
CA PHE B 129 -25.85 46.59 52.61
C PHE B 129 -26.08 45.41 53.55
N PRO B 130 -25.14 45.14 54.45
CA PRO B 130 -25.26 43.95 55.31
C PRO B 130 -26.49 44.01 56.21
N LEU B 131 -26.91 42.83 56.66
CA LEU B 131 -28.13 42.66 57.45
C LEU B 131 -27.84 41.83 58.69
N ALA B 132 -28.50 42.19 59.80
CA ALA B 132 -28.39 41.42 61.04
C ALA B 132 -29.53 41.83 61.94
N PRO B 133 -30.19 40.89 62.62
CA PRO B 133 -31.28 41.25 63.52
C PRO B 133 -30.76 41.83 64.82
N CYS B 134 -31.64 42.55 65.51
CA CYS B 134 -31.38 42.90 66.90
C CYS B 134 -31.35 41.63 67.74
N SER B 135 -30.64 41.69 68.87
CA SER B 135 -30.52 40.52 69.73
C SER B 135 -31.91 40.07 70.16
N ARG B 136 -32.25 38.82 69.82
CA ARG B 136 -33.58 38.29 70.05
C ARG B 136 -33.45 36.80 70.37
N SER B 137 -33.90 36.39 71.55
CA SER B 137 -33.80 35.00 71.96
C SER B 137 -35.04 34.18 71.62
N THR B 138 -35.99 34.77 70.89
CA THR B 138 -37.06 33.99 70.32
C THR B 138 -36.58 33.21 69.09
N SER B 139 -35.77 33.86 68.26
CA SER B 139 -35.13 33.21 67.12
C SER B 139 -33.80 32.61 67.59
N GLU B 140 -33.91 31.51 68.34
CA GLU B 140 -32.77 31.00 69.10
C GLU B 140 -32.24 29.64 68.66
N SER B 141 -33.09 28.73 68.19
CA SER B 141 -32.56 27.47 67.65
C SER B 141 -31.59 27.74 66.50
N THR B 142 -31.79 28.85 65.80
CA THR B 142 -30.88 29.30 64.76
C THR B 142 -31.12 30.79 64.58
N ALA B 143 -30.13 31.46 63.97
CA ALA B 143 -30.22 32.90 63.73
C ALA B 143 -29.68 33.19 62.33
N ALA B 144 -30.32 34.15 61.66
CA ALA B 144 -30.04 34.44 60.26
C ALA B 144 -29.18 35.69 60.13
N LEU B 145 -28.18 35.60 59.25
CA LEU B 145 -27.35 36.73 58.85
C LEU B 145 -27.45 36.89 57.35
N GLY B 146 -27.20 38.10 56.86
CA GLY B 146 -27.34 38.32 55.44
C GLY B 146 -26.72 39.62 54.97
N CYS B 147 -26.89 39.86 53.67
CA CYS B 147 -26.44 41.08 53.02
C CYS B 147 -27.27 41.28 51.76
N LEU B 148 -27.57 42.53 51.45
CA LEU B 148 -28.43 42.90 50.34
C LEU B 148 -27.59 43.62 49.28
N VAL B 149 -27.71 43.15 48.04
CA VAL B 149 -27.08 43.78 46.87
C VAL B 149 -28.17 44.48 46.09
N LYS B 150 -27.94 45.77 45.76
CA LYS B 150 -29.01 46.62 45.25
C LYS B 150 -28.55 47.42 44.05
N ASP B 151 -29.47 47.57 43.08
CA ASP B 151 -29.36 48.53 41.98
C ASP B 151 -28.16 48.24 41.08
N TYR B 152 -28.20 47.06 40.44
CA TYR B 152 -27.24 46.68 39.43
C TYR B 152 -28.01 46.18 38.22
N PHE B 153 -27.67 46.70 37.03
CA PHE B 153 -28.47 46.39 35.86
C PHE B 153 -28.16 45.03 35.24
N PRO B 154 -26.90 44.71 34.91
CA PRO B 154 -26.64 43.37 34.33
C PRO B 154 -26.86 42.29 35.36
N GLU B 155 -27.66 41.29 35.00
CA GLU B 155 -28.12 40.28 35.94
C GLU B 155 -27.02 39.40 36.53
N PRO B 156 -25.94 39.06 35.82
CA PRO B 156 -24.92 38.21 36.45
C PRO B 156 -24.35 38.81 37.72
N VAL B 157 -24.36 38.03 38.79
CA VAL B 157 -23.87 38.44 40.09
C VAL B 157 -23.42 37.19 40.84
N THR B 158 -22.36 37.33 41.64
CA THR B 158 -21.81 36.23 42.41
C THR B 158 -21.79 36.60 43.88
N VAL B 159 -22.35 35.73 44.72
CA VAL B 159 -22.32 35.89 46.17
C VAL B 159 -21.60 34.69 46.77
N SER B 160 -20.51 34.96 47.48
CA SER B 160 -19.82 33.96 48.28
C SER B 160 -19.78 34.44 49.73
N TRP B 161 -19.63 33.49 50.64
CA TRP B 161 -19.61 33.82 52.06
C TRP B 161 -18.37 33.23 52.70
N ASN B 162 -17.72 34.03 53.54
CA ASN B 162 -16.46 33.64 54.18
C ASN B 162 -15.42 33.21 53.14
N SER B 163 -15.36 33.99 52.05
CA SER B 163 -14.44 33.72 50.94
C SER B 163 -14.75 32.38 50.28
N GLY B 164 -16.02 32.11 50.04
CA GLY B 164 -16.45 30.88 49.42
C GLY B 164 -16.39 29.66 50.31
N ALA B 165 -15.86 29.78 51.52
CA ALA B 165 -15.91 28.66 52.44
C ALA B 165 -17.36 28.29 52.73
N LEU B 166 -18.08 29.10 53.51
CA LEU B 166 -19.38 28.70 54.02
C LEU B 166 -20.36 28.45 52.88
N THR B 167 -20.81 27.20 52.75
CA THR B 167 -21.91 26.85 51.88
C THR B 167 -23.00 26.02 52.56
N SER B 168 -22.80 25.62 53.82
CA SER B 168 -23.68 24.65 54.46
C SER B 168 -25.06 25.23 54.73
N GLY B 169 -25.12 26.51 55.08
CA GLY B 169 -26.39 27.14 55.41
C GLY B 169 -26.75 28.29 54.49
N VAL B 170 -25.94 28.52 53.47
CA VAL B 170 -26.12 29.69 52.61
C VAL B 170 -27.27 29.46 51.64
N HIS B 171 -28.11 30.48 51.49
CA HIS B 171 -29.15 30.53 50.48
C HIS B 171 -29.05 31.87 49.76
N THR B 172 -29.25 31.86 48.45
CA THR B 172 -29.20 33.09 47.67
C THR B 172 -30.47 33.20 46.84
N PHE B 173 -31.06 34.39 46.85
CA PHE B 173 -32.36 34.61 46.25
C PHE B 173 -32.22 35.09 44.81
N PRO B 174 -33.28 34.94 44.01
CA PRO B 174 -33.22 35.51 42.66
C PRO B 174 -33.23 37.02 42.69
N ALA B 175 -32.59 37.62 41.70
CA ALA B 175 -32.65 39.07 41.55
C ALA B 175 -34.05 39.48 41.11
N VAL B 176 -34.53 40.60 41.66
CA VAL B 176 -35.83 41.14 41.32
C VAL B 176 -35.64 42.50 40.65
N LEU B 177 -36.61 42.87 39.84
CA LEU B 177 -36.58 44.13 39.10
C LEU B 177 -37.40 45.17 39.85
N GLN B 178 -36.79 46.31 40.11
CA GLN B 178 -37.45 47.38 40.85
C GLN B 178 -38.09 48.37 39.88
N SER B 179 -38.85 49.32 40.45
CA SER B 179 -39.35 50.44 39.67
C SER B 179 -38.23 51.17 38.94
N SER B 180 -37.07 51.27 39.57
CA SER B 180 -35.92 51.97 38.98
C SER B 180 -35.41 51.34 37.69
N GLY B 181 -35.87 50.15 37.33
CA GLY B 181 -35.27 49.41 36.23
C GLY B 181 -33.97 48.73 36.58
N LEU B 182 -33.60 48.69 37.85
CA LEU B 182 -32.37 48.07 38.32
C LEU B 182 -32.71 46.82 39.13
N TYR B 183 -31.72 45.93 39.24
CA TYR B 183 -31.92 44.64 39.89
C TYR B 183 -31.32 44.66 41.29
N SER B 184 -31.87 43.81 42.15
CA SER B 184 -31.40 43.69 43.53
C SER B 184 -31.76 42.30 44.03
N LEU B 185 -31.01 41.83 45.03
CA LEU B 185 -31.26 40.52 45.59
C LEU B 185 -30.77 40.50 47.03
N SER B 186 -31.31 39.55 47.79
CA SER B 186 -30.87 39.26 49.14
C SER B 186 -29.93 38.05 49.12
N SER B 187 -29.48 37.67 50.31
CA SER B 187 -28.64 36.52 50.57
C SER B 187 -28.61 36.30 52.07
N VAL B 188 -28.52 35.03 52.48
CA VAL B 188 -28.68 34.68 53.89
C VAL B 188 -27.77 33.50 54.23
N VAL B 189 -27.21 33.54 55.43
CA VAL B 189 -26.54 32.41 56.05
C VAL B 189 -27.30 32.05 57.32
N THR B 190 -27.61 30.77 57.47
CA THR B 190 -28.29 30.26 58.65
C THR B 190 -27.25 29.67 59.59
N VAL B 191 -27.06 30.30 60.74
CA VAL B 191 -25.97 29.94 61.65
C VAL B 191 -26.58 29.60 63.01
N PRO B 192 -25.86 28.83 63.81
CA PRO B 192 -26.26 28.68 65.21
C PRO B 192 -26.24 30.03 65.92
N SER B 193 -27.27 30.30 66.72
CA SER B 193 -27.37 31.57 67.41
C SER B 193 -26.24 31.76 68.43
N SER B 194 -25.53 30.69 68.80
CA SER B 194 -24.44 30.78 69.75
C SER B 194 -23.14 31.26 69.11
N SER B 195 -23.10 31.43 67.79
CA SER B 195 -21.89 31.84 67.10
C SER B 195 -21.97 33.26 66.53
N LEU B 196 -23.08 33.97 66.77
CA LEU B 196 -23.30 35.25 66.10
C LEU B 196 -22.20 36.24 66.44
N GLY B 197 -21.87 36.38 67.72
CA GLY B 197 -20.82 37.28 68.15
C GLY B 197 -19.43 36.70 68.19
N THR B 198 -19.28 35.40 67.93
CA THR B 198 -17.99 34.72 68.03
C THR B 198 -17.35 34.52 66.66
N LYS B 199 -18.02 33.80 65.78
CA LYS B 199 -17.51 33.57 64.43
C LYS B 199 -17.83 34.75 63.53
N THR B 200 -16.98 34.98 62.54
CA THR B 200 -17.20 36.01 61.54
C THR B 200 -17.91 35.42 60.33
N TYR B 201 -18.72 36.24 59.68
CA TYR B 201 -19.45 35.85 58.47
C TYR B 201 -19.41 37.01 57.50
N THR B 202 -18.63 36.85 56.43
CA THR B 202 -18.32 37.93 55.50
C THR B 202 -19.09 37.74 54.21
N CYS B 203 -19.77 38.80 53.77
CA CYS B 203 -20.48 38.81 52.50
C CYS B 203 -19.51 39.18 51.40
N ASN B 204 -19.26 38.24 50.48
CA ASN B 204 -18.33 38.42 49.37
C ASN B 204 -19.12 38.48 48.07
N VAL B 205 -19.02 39.61 47.37
CA VAL B 205 -19.83 39.87 46.18
C VAL B 205 -18.93 40.27 45.02
N ASP B 206 -19.12 39.62 43.88
CA ASP B 206 -18.51 40.02 42.62
C ASP B 206 -19.60 40.29 41.59
N HIS B 207 -19.56 41.48 40.99
CA HIS B 207 -20.40 41.80 39.85
C HIS B 207 -19.45 42.02 38.68
N LYS B 208 -19.20 40.94 37.92
CA LYS B 208 -18.23 41.01 36.83
C LYS B 208 -18.55 42.05 35.77
N PRO B 209 -19.81 42.23 35.33
CA PRO B 209 -20.05 43.22 34.25
C PRO B 209 -19.58 44.62 34.58
N SER B 210 -19.61 45.02 35.86
CA SER B 210 -19.15 46.35 36.26
C SER B 210 -17.78 46.33 36.92
N ASN B 211 -17.17 45.15 37.08
CA ASN B 211 -15.87 45.00 37.73
C ASN B 211 -15.92 45.56 39.16
N THR B 212 -16.90 45.09 39.93
CA THR B 212 -17.12 45.53 41.30
C THR B 212 -16.85 44.35 42.24
N LYS B 213 -15.94 44.55 43.19
CA LYS B 213 -15.65 43.59 44.24
C LYS B 213 -15.84 44.25 45.60
N VAL B 214 -16.68 43.64 46.44
CA VAL B 214 -17.01 44.16 47.75
C VAL B 214 -16.98 43.01 48.76
N ASP B 215 -16.46 43.30 49.95
CA ASP B 215 -16.37 42.32 51.03
C ASP B 215 -16.78 43.01 52.32
N LYS B 216 -17.88 42.56 52.92
CA LYS B 216 -18.42 43.21 54.10
C LYS B 216 -18.93 42.16 55.09
N ARG B 217 -19.21 42.65 56.30
CA ARG B 217 -19.73 41.82 57.38
C ARG B 217 -21.09 42.33 57.87
N ASP C 1 -45.45 24.37 11.09
CA ASP C 1 -44.43 23.60 11.78
C ASP C 1 -45.03 22.58 12.75
N ILE C 2 -44.21 21.65 13.19
CA ILE C 2 -44.61 20.65 14.17
C ILE C 2 -44.59 21.29 15.55
N GLN C 3 -45.59 20.97 16.36
CA GLN C 3 -45.61 21.39 17.75
C GLN C 3 -46.00 20.22 18.64
N MET C 4 -45.87 20.45 19.94
CA MET C 4 -46.25 19.48 20.95
C MET C 4 -46.55 20.26 22.23
N THR C 5 -47.25 19.60 23.15
CA THR C 5 -47.58 20.22 24.42
C THR C 5 -47.82 19.12 25.44
N GLN C 6 -47.39 19.36 26.67
CA GLN C 6 -47.49 18.37 27.73
C GLN C 6 -48.80 18.55 28.47
N SER C 7 -49.44 17.42 28.83
CA SER C 7 -50.78 17.48 29.41
C SER C 7 -50.76 18.08 30.81
N PRO C 8 -49.96 17.58 31.77
CA PRO C 8 -49.81 18.34 33.01
C PRO C 8 -48.85 19.51 32.79
N SER C 9 -49.38 20.70 32.52
CA SER C 9 -48.51 21.87 32.39
C SER C 9 -47.78 22.17 33.69
N SER C 10 -48.29 21.67 34.82
CA SER C 10 -47.59 21.71 36.09
C SER C 10 -48.04 20.49 36.90
N LEU C 11 -47.19 20.08 37.83
CA LEU C 11 -47.47 18.85 38.57
C LEU C 11 -46.82 18.92 39.95
N SER C 12 -47.63 18.69 40.98
CA SER C 12 -47.17 18.53 42.35
C SER C 12 -47.36 17.07 42.77
N ALA C 13 -46.34 16.50 43.40
CA ALA C 13 -46.37 15.10 43.76
C ALA C 13 -45.60 14.89 45.05
N SER C 14 -45.93 13.79 45.74
CA SER C 14 -45.35 13.49 47.03
C SER C 14 -44.16 12.54 46.88
N VAL C 15 -43.32 12.53 47.91
CA VAL C 15 -42.09 11.73 47.89
C VAL C 15 -42.43 10.26 47.91
N GLY C 16 -41.78 9.49 47.04
CA GLY C 16 -41.95 8.06 46.99
C GLY C 16 -43.10 7.56 46.15
N ASP C 17 -43.88 8.46 45.55
CA ASP C 17 -45.06 8.06 44.82
C ASP C 17 -44.72 7.65 43.38
N ARG C 18 -45.72 7.08 42.71
CA ARG C 18 -45.61 6.69 41.31
C ARG C 18 -46.21 7.81 40.46
N VAL C 19 -45.34 8.53 39.76
CA VAL C 19 -45.72 9.77 39.07
C VAL C 19 -45.59 9.57 37.57
N THR C 20 -46.24 10.45 36.82
CA THR C 20 -46.27 10.35 35.35
C THR C 20 -46.44 11.73 34.76
N ILE C 21 -45.65 12.00 33.71
CA ILE C 21 -45.76 13.22 32.92
C ILE C 21 -46.03 12.79 31.48
N THR C 22 -46.88 13.53 30.78
CA THR C 22 -47.33 13.16 29.45
C THR C 22 -47.14 14.32 28.48
N CYS C 23 -46.60 14.02 27.30
CA CYS C 23 -46.47 14.98 26.21
C CYS C 23 -47.26 14.48 25.01
N ARG C 24 -48.11 15.34 24.45
CA ARG C 24 -48.87 15.01 23.25
C ARG C 24 -48.31 15.81 22.08
N ALA C 25 -47.74 15.11 21.12
CA ALA C 25 -47.28 15.74 19.88
C ALA C 25 -48.46 16.05 18.98
N SER C 26 -48.24 16.95 18.02
CA SER C 26 -49.32 17.36 17.14
C SER C 26 -49.62 16.33 16.06
N SER C 27 -48.59 15.86 15.36
CA SER C 27 -48.81 15.22 14.07
C SER C 27 -48.11 13.88 13.83
N SER C 28 -47.31 13.37 14.77
CA SER C 28 -46.46 12.23 14.41
C SER C 28 -46.28 11.26 15.58
N VAL C 29 -45.80 10.08 15.23
CA VAL C 29 -45.47 9.00 16.16
C VAL C 29 -44.01 8.68 15.93
N ARG C 30 -43.12 9.29 16.71
CA ARG C 30 -41.69 9.12 16.47
C ARG C 30 -40.99 8.83 17.78
N TYR C 31 -39.74 8.40 17.66
CA TYR C 31 -38.89 8.17 18.82
C TYR C 31 -38.66 9.50 19.56
N MET C 32 -39.33 9.65 20.70
CA MET C 32 -39.32 10.88 21.48
C MET C 32 -38.16 10.88 22.46
N HIS C 33 -37.74 12.08 22.85
CA HIS C 33 -36.55 12.29 23.68
C HIS C 33 -36.90 13.21 24.83
N TRP C 34 -36.52 12.81 26.05
CA TRP C 34 -36.89 13.53 27.27
C TRP C 34 -35.68 14.16 27.94
N TYR C 35 -35.95 15.23 28.69
CA TYR C 35 -34.93 15.98 29.40
C TYR C 35 -35.46 16.38 30.77
N GLN C 36 -34.53 16.48 31.72
CA GLN C 36 -34.83 16.92 33.08
C GLN C 36 -33.97 18.13 33.39
N GLN C 37 -34.60 19.28 33.60
CA GLN C 37 -33.89 20.53 33.87
C GLN C 37 -34.09 20.93 35.33
N LYS C 38 -33.03 20.79 36.11
CA LYS C 38 -33.03 21.37 37.45
C LYS C 38 -32.90 22.89 37.32
N PRO C 39 -33.69 23.65 38.06
CA PRO C 39 -33.67 25.12 37.90
C PRO C 39 -32.29 25.71 38.17
N GLY C 40 -31.92 26.69 37.36
CA GLY C 40 -30.61 27.31 37.44
C GLY C 40 -29.48 26.50 36.84
N LYS C 41 -29.77 25.35 36.22
CA LYS C 41 -28.75 24.51 35.61
C LYS C 41 -29.23 24.04 34.24
N ALA C 42 -28.31 23.51 33.45
CA ALA C 42 -28.62 23.15 32.07
C ALA C 42 -29.57 21.95 32.03
N PRO C 43 -30.41 21.85 31.00
CA PRO C 43 -31.27 20.68 30.86
C PRO C 43 -30.44 19.42 30.63
N LYS C 44 -30.77 18.35 31.35
CA LYS C 44 -30.04 17.09 31.26
C LYS C 44 -30.91 16.02 30.62
N LEU C 45 -30.35 15.34 29.61
CA LEU C 45 -31.09 14.31 28.89
C LEU C 45 -31.43 13.16 29.82
N LEU C 46 -32.70 12.76 29.81
CA LEU C 46 -33.21 11.70 30.68
C LEU C 46 -33.44 10.40 29.94
N ILE C 47 -34.15 10.45 28.82
CA ILE C 47 -34.48 9.29 28.01
C ILE C 47 -33.92 9.56 26.62
N TYR C 48 -32.78 8.94 26.29
CA TYR C 48 -32.17 9.18 24.98
C TYR C 48 -33.15 8.85 23.87
N ASP C 49 -33.67 7.64 23.86
CA ASP C 49 -34.74 7.21 22.97
C ASP C 49 -35.81 6.55 23.84
N THR C 50 -37.08 6.74 23.49
CA THR C 50 -38.18 6.20 24.30
C THR C 50 -37.87 4.79 24.78
N SER C 51 -38.00 4.60 26.09
CA SER C 51 -37.72 3.36 26.82
C SER C 51 -36.24 3.02 26.94
N LYS C 52 -35.35 3.91 26.54
CA LYS C 52 -33.92 3.74 26.76
C LYS C 52 -33.40 4.84 27.67
N LEU C 53 -32.99 4.47 28.88
CA LEU C 53 -32.45 5.42 29.84
C LEU C 53 -31.15 6.02 29.32
N ALA C 54 -31.04 7.34 29.42
CA ALA C 54 -29.77 8.00 29.15
C ALA C 54 -28.73 7.55 30.17
N SER C 55 -27.46 7.54 29.74
CA SER C 55 -26.39 7.07 30.60
C SER C 55 -26.25 7.97 31.83
N GLY C 56 -26.14 7.34 33.00
CA GLY C 56 -26.13 8.07 34.25
C GLY C 56 -27.48 8.19 34.94
N VAL C 57 -28.57 7.91 34.22
CA VAL C 57 -29.92 8.03 34.77
C VAL C 57 -30.27 6.72 35.48
N PRO C 58 -30.74 6.77 36.73
CA PRO C 58 -30.90 5.54 37.51
C PRO C 58 -32.15 4.77 37.13
N SER C 59 -32.25 3.56 37.71
CA SER C 59 -33.32 2.63 37.37
C SER C 59 -34.70 3.15 37.75
N ARG C 60 -34.78 4.17 38.59
CA ARG C 60 -36.06 4.71 39.02
C ARG C 60 -36.86 5.28 37.86
N PHE C 61 -36.20 5.68 36.78
CA PHE C 61 -36.85 6.35 35.66
C PHE C 61 -37.24 5.34 34.58
N SER C 62 -38.32 5.66 33.87
CA SER C 62 -38.79 4.83 32.78
C SER C 62 -39.58 5.69 31.80
N GLY C 63 -39.41 5.44 30.51
CA GLY C 63 -40.16 6.11 29.49
C GLY C 63 -40.95 5.12 28.65
N SER C 64 -41.97 5.61 27.96
CA SER C 64 -42.80 4.79 27.10
C SER C 64 -43.60 5.72 26.20
N GLY C 65 -44.28 5.12 25.23
CA GLY C 65 -45.16 5.92 24.39
C GLY C 65 -45.38 5.30 23.03
N SER C 66 -46.48 5.72 22.42
CA SER C 66 -46.88 5.38 21.06
C SER C 66 -47.96 6.38 20.67
N GLY C 67 -48.32 6.37 19.39
CA GLY C 67 -49.19 7.43 18.91
C GLY C 67 -48.51 8.78 19.08
N THR C 68 -49.34 9.81 19.27
CA THR C 68 -48.82 11.12 19.61
C THR C 68 -48.58 11.29 21.10
N ASP C 69 -48.81 10.25 21.89
CA ASP C 69 -48.86 10.35 23.34
C ASP C 69 -47.64 9.64 23.92
N TYR C 70 -46.66 10.42 24.38
CA TYR C 70 -45.44 9.89 24.97
C TYR C 70 -45.34 10.33 26.42
N THR C 71 -44.88 9.44 27.28
CA THR C 71 -44.95 9.61 28.73
C THR C 71 -43.59 9.39 29.37
N LEU C 72 -43.48 9.89 30.60
CA LEU C 72 -42.32 9.70 31.47
C LEU C 72 -42.86 9.36 32.86
N THR C 73 -42.21 8.39 33.51
CA THR C 73 -42.68 7.94 34.82
C THR C 73 -41.48 7.63 35.71
N ILE C 74 -41.69 7.80 37.02
CA ILE C 74 -40.69 7.50 38.03
C ILE C 74 -41.29 6.52 39.02
N SER C 75 -40.57 5.42 39.29
CA SER C 75 -41.09 4.38 40.18
C SER C 75 -41.34 4.93 41.57
N SER C 76 -40.30 5.38 42.24
CA SER C 76 -40.39 5.96 43.58
C SER C 76 -39.77 7.35 43.52
N LEU C 77 -40.63 8.37 43.49
CA LEU C 77 -40.16 9.75 43.35
C LEU C 77 -39.22 10.11 44.49
N GLN C 78 -38.03 10.54 44.14
CA GLN C 78 -37.12 10.93 45.21
C GLN C 78 -37.19 12.44 45.45
N PRO C 79 -36.88 12.90 46.66
CA PRO C 79 -36.90 14.36 46.92
C PRO C 79 -36.01 15.17 45.98
N GLU C 80 -35.06 14.52 45.32
CA GLU C 80 -34.04 15.16 44.50
C GLU C 80 -34.44 15.24 43.03
N ASP C 81 -35.70 14.94 42.71
CA ASP C 81 -36.21 14.95 41.35
C ASP C 81 -36.99 16.22 41.01
N PHE C 82 -36.92 17.23 41.87
CA PHE C 82 -37.51 18.53 41.57
C PHE C 82 -36.88 19.10 40.30
N ALA C 83 -37.72 19.36 39.29
CA ALA C 83 -37.22 19.85 38.00
C ALA C 83 -38.38 20.26 37.12
N THR C 84 -38.04 20.83 35.97
CA THR C 84 -38.95 21.04 34.85
C THR C 84 -38.52 20.11 33.73
N TYR C 85 -39.49 19.41 33.15
CA TYR C 85 -39.22 18.35 32.18
C TYR C 85 -39.69 18.76 30.79
N TYR C 86 -38.85 18.51 29.79
CA TYR C 86 -39.11 18.89 28.41
C TYR C 86 -38.96 17.69 27.49
N CYS C 87 -39.54 17.82 26.29
CA CYS C 87 -39.48 16.80 25.27
C CYS C 87 -38.93 17.41 23.98
N GLN C 88 -38.06 16.65 23.31
CA GLN C 88 -37.43 17.11 22.07
C GLN C 88 -37.87 16.21 20.92
N GLN C 89 -37.95 16.81 19.73
CA GLN C 89 -38.61 16.18 18.60
C GLN C 89 -37.73 15.14 17.92
N TRP C 90 -36.55 15.56 17.44
CA TRP C 90 -35.66 14.72 16.62
C TRP C 90 -36.33 14.19 15.37
N SER C 91 -37.30 14.87 14.82
CA SER C 91 -37.97 14.11 13.76
C SER C 91 -38.05 14.82 12.43
N TYR C 92 -38.22 16.14 12.42
CA TYR C 92 -38.50 16.86 11.19
C TYR C 92 -37.63 18.10 11.07
N ASN C 93 -37.75 18.73 9.90
CA ASN C 93 -36.95 19.92 9.59
C ASN C 93 -37.13 21.04 10.61
N PRO C 94 -38.34 21.34 11.12
CA PRO C 94 -38.45 22.32 12.21
C PRO C 94 -38.34 21.70 13.60
N LEU C 95 -37.15 21.70 14.17
CA LEU C 95 -36.97 21.18 15.51
C LEU C 95 -37.75 22.04 16.51
N THR C 96 -38.36 21.40 17.49
CA THR C 96 -39.19 22.14 18.44
C THR C 96 -39.26 21.40 19.77
N PHE C 97 -39.62 22.17 20.80
CA PHE C 97 -40.07 21.69 22.10
C PHE C 97 -41.52 22.10 22.29
N GLY C 98 -42.08 21.76 23.44
CA GLY C 98 -43.44 22.13 23.74
C GLY C 98 -43.60 22.81 25.08
N GLN C 99 -44.84 22.96 25.53
CA GLN C 99 -45.11 23.43 26.88
C GLN C 99 -44.43 22.52 27.89
N GLY C 100 -43.48 23.08 28.65
CA GLY C 100 -42.79 22.30 29.65
C GLY C 100 -43.68 21.97 30.83
N THR C 101 -43.23 20.98 31.62
CA THR C 101 -43.92 20.52 32.81
C THR C 101 -43.02 20.75 34.02
N LYS C 102 -43.49 21.51 35.00
CA LYS C 102 -42.71 21.72 36.22
C LYS C 102 -43.20 20.81 37.32
N LEU C 103 -42.29 20.15 38.00
CA LEU C 103 -42.69 19.23 39.05
C LEU C 103 -42.28 19.77 40.40
N GLU C 104 -43.20 19.75 41.35
CA GLU C 104 -42.91 20.24 42.69
C GLU C 104 -43.06 19.07 43.65
N ILE C 105 -42.23 19.00 44.67
CA ILE C 105 -42.30 17.85 45.56
C ILE C 105 -42.98 18.13 46.88
N LYS C 106 -44.04 17.36 47.17
CA LYS C 106 -44.81 17.46 48.40
C LYS C 106 -44.14 16.87 49.62
N ARG C 107 -44.40 17.45 50.77
CA ARG C 107 -43.79 16.98 52.00
C ARG C 107 -44.65 17.41 53.16
N THR C 108 -44.33 16.95 54.35
CA THR C 108 -45.12 17.30 55.50
C THR C 108 -45.11 18.79 55.61
N VAL C 109 -46.27 19.38 55.89
CA VAL C 109 -46.35 20.83 55.90
C VAL C 109 -45.42 21.37 56.97
N ALA C 110 -44.68 22.41 56.63
CA ALA C 110 -43.72 22.96 57.56
C ALA C 110 -43.81 24.48 57.64
N ALA C 111 -43.81 25.01 58.85
CA ALA C 111 -43.92 26.44 59.04
C ALA C 111 -42.55 27.10 58.92
N PRO C 112 -42.49 28.34 58.45
CA PRO C 112 -41.20 29.02 58.29
C PRO C 112 -40.66 29.54 59.61
N SER C 113 -39.33 29.59 59.69
CA SER C 113 -38.66 30.37 60.71
C SER C 113 -38.57 31.81 60.21
N VAL C 114 -39.12 32.74 60.98
CA VAL C 114 -39.30 34.12 60.53
C VAL C 114 -38.22 35.00 61.15
N PHE C 115 -37.49 35.70 60.30
CA PHE C 115 -36.48 36.66 60.73
C PHE C 115 -36.76 38.01 60.09
N ILE C 116 -36.33 39.07 60.77
CA ILE C 116 -36.49 40.43 60.26
C ILE C 116 -35.16 41.17 60.44
N PHE C 117 -34.80 42.00 59.46
CA PHE C 117 -33.56 42.73 59.46
C PHE C 117 -33.82 44.22 59.28
N PRO C 118 -33.22 45.07 60.10
CA PRO C 118 -33.32 46.51 59.87
C PRO C 118 -32.43 46.94 58.70
N PRO C 119 -32.67 48.10 58.12
CA PRO C 119 -31.76 48.61 57.09
C PRO C 119 -30.37 48.87 57.63
N SER C 120 -29.41 48.88 56.73
CA SER C 120 -28.01 48.98 57.12
C SER C 120 -27.61 50.42 57.43
N ASP C 121 -26.43 50.56 58.02
CA ASP C 121 -25.91 51.89 58.33
C ASP C 121 -25.65 52.69 57.07
N GLU C 122 -24.90 52.11 56.12
CA GLU C 122 -24.60 52.83 54.88
C GLU C 122 -25.87 53.22 54.14
N GLN C 123 -26.88 52.35 54.15
CA GLN C 123 -28.11 52.63 53.41
C GLN C 123 -28.83 53.84 53.98
N LEU C 124 -28.79 54.01 55.31
CA LEU C 124 -29.47 55.15 55.92
C LEU C 124 -28.75 56.45 55.63
N LYS C 125 -27.41 56.43 55.61
CA LYS C 125 -26.68 57.58 55.10
C LYS C 125 -26.98 57.85 53.64
N SER C 126 -27.25 56.79 52.86
CA SER C 126 -27.45 56.95 51.43
C SER C 126 -28.75 57.67 51.11
N GLY C 127 -29.84 57.30 51.79
CA GLY C 127 -31.07 58.06 51.64
C GLY C 127 -32.36 57.27 51.60
N THR C 128 -32.27 55.93 51.54
CA THR C 128 -33.46 55.10 51.53
C THR C 128 -33.30 54.00 52.58
N ALA C 129 -34.36 53.21 52.75
CA ALA C 129 -34.39 52.15 53.75
C ALA C 129 -35.05 50.91 53.18
N SER C 130 -34.36 49.78 53.29
CA SER C 130 -34.85 48.48 52.85
C SER C 130 -34.98 47.58 54.07
N VAL C 131 -36.22 47.36 54.52
CA VAL C 131 -36.48 46.51 55.68
C VAL C 131 -36.77 45.10 55.17
N VAL C 132 -36.03 44.13 55.70
CA VAL C 132 -35.96 42.79 55.11
C VAL C 132 -36.51 41.78 56.11
N CYS C 133 -37.32 40.84 55.61
CA CYS C 133 -37.86 39.75 56.40
C CYS C 133 -37.64 38.45 55.66
N LEU C 134 -37.19 37.42 56.37
CA LEU C 134 -36.92 36.11 55.78
C LEU C 134 -37.88 35.05 56.32
N LEU C 135 -38.31 34.17 55.43
CA LEU C 135 -39.07 32.97 55.76
C LEU C 135 -38.22 31.78 55.31
N ASN C 136 -37.52 31.16 56.26
CA ASN C 136 -36.54 30.13 55.93
C ASN C 136 -37.11 28.73 56.17
N ASN C 137 -36.92 27.86 55.18
CA ASN C 137 -37.13 26.41 55.32
C ASN C 137 -38.59 26.10 55.66
N PHE C 138 -39.44 26.23 54.64
CA PHE C 138 -40.87 25.99 54.84
C PHE C 138 -41.49 25.43 53.57
N TYR C 139 -42.61 24.73 53.76
CA TYR C 139 -43.41 24.15 52.71
C TYR C 139 -44.86 24.16 53.18
N PRO C 140 -45.83 24.48 52.29
CA PRO C 140 -45.65 24.82 50.88
C PRO C 140 -45.15 26.24 50.64
N ARG C 141 -44.88 26.56 49.37
CA ARG C 141 -44.46 27.92 49.01
C ARG C 141 -45.49 28.95 49.46
N GLU C 142 -46.77 28.61 49.35
CA GLU C 142 -47.84 29.58 49.54
C GLU C 142 -47.79 30.19 50.93
N ALA C 143 -47.67 31.51 50.98
CA ALA C 143 -47.65 32.26 52.22
C ALA C 143 -47.91 33.72 51.90
N LYS C 144 -48.51 34.44 52.83
CA LYS C 144 -48.69 35.88 52.74
C LYS C 144 -47.79 36.58 53.74
N VAL C 145 -47.01 37.53 53.24
CA VAL C 145 -46.02 38.26 54.03
C VAL C 145 -46.41 39.74 53.96
N GLN C 146 -46.81 40.29 55.11
CA GLN C 146 -47.41 41.61 55.16
C GLN C 146 -46.58 42.52 56.06
N TRP C 147 -46.22 43.70 55.54
CA TRP C 147 -45.44 44.67 56.27
C TRP C 147 -46.33 45.62 57.07
N LYS C 148 -45.95 45.87 58.31
CA LYS C 148 -46.67 46.77 59.18
C LYS C 148 -45.69 47.76 59.80
N VAL C 149 -46.02 49.04 59.72
CA VAL C 149 -45.24 50.12 60.31
C VAL C 149 -46.16 50.89 61.25
N ASP C 150 -45.85 50.82 62.55
CA ASP C 150 -46.72 51.37 63.59
C ASP C 150 -48.13 50.80 63.48
N ASN C 151 -48.23 49.53 63.11
CA ASN C 151 -49.45 48.76 62.94
C ASN C 151 -50.26 49.17 61.71
N ALA C 152 -49.74 50.06 60.87
CA ALA C 152 -50.38 50.39 59.61
C ALA C 152 -49.86 49.48 58.51
N LEU C 153 -50.76 48.77 57.84
CA LEU C 153 -50.36 47.93 56.71
C LEU C 153 -49.75 48.78 55.61
N GLN C 154 -48.59 48.34 55.12
CA GLN C 154 -47.89 49.03 54.04
C GLN C 154 -48.18 48.29 52.73
N SER C 155 -48.97 48.91 51.87
CA SER C 155 -49.30 48.36 50.56
C SER C 155 -48.47 49.08 49.50
N GLY C 156 -47.83 48.30 48.63
CA GLY C 156 -46.89 48.85 47.68
C GLY C 156 -45.51 49.02 48.27
N ASN C 157 -44.52 49.20 47.38
CA ASN C 157 -43.12 49.33 47.76
C ASN C 157 -42.62 48.11 48.53
N SER C 158 -43.19 46.94 48.24
CA SER C 158 -42.79 45.69 48.85
C SER C 158 -42.65 44.63 47.75
N GLN C 159 -41.57 43.86 47.83
CA GLN C 159 -41.25 42.88 46.80
C GLN C 159 -40.74 41.62 47.48
N GLU C 160 -40.87 40.49 46.77
CA GLU C 160 -40.54 39.19 47.34
C GLU C 160 -39.70 38.38 46.36
N SER C 161 -38.90 37.47 46.93
CA SER C 161 -38.05 36.56 46.18
C SER C 161 -38.25 35.15 46.75
N VAL C 162 -38.31 34.17 45.86
CA VAL C 162 -38.59 32.78 46.23
C VAL C 162 -37.45 31.91 45.71
N THR C 163 -36.85 31.14 46.60
CA THR C 163 -35.87 30.16 46.19
C THR C 163 -36.55 28.96 45.54
N GLU C 164 -35.78 28.18 44.81
CA GLU C 164 -36.27 26.90 44.33
C GLU C 164 -36.28 25.92 45.49
N GLN C 165 -37.06 24.85 45.35
CA GLN C 165 -37.12 23.87 46.43
C GLN C 165 -35.73 23.29 46.70
N ASP C 166 -35.35 23.31 47.98
CA ASP C 166 -34.15 22.60 48.40
C ASP C 166 -34.27 21.13 48.04
N SER C 167 -33.32 20.63 47.26
CA SER C 167 -33.43 19.29 46.72
C SER C 167 -33.37 18.20 47.80
N LYS C 168 -32.99 18.53 49.02
CA LYS C 168 -32.96 17.58 50.13
C LYS C 168 -34.19 17.71 51.02
N ASP C 169 -34.54 18.93 51.42
CA ASP C 169 -35.68 19.16 52.30
C ASP C 169 -37.00 19.35 51.56
N SER C 170 -36.96 19.67 50.27
CA SER C 170 -38.13 20.06 49.50
C SER C 170 -38.82 21.28 50.12
N THR C 171 -38.03 22.16 50.70
CA THR C 171 -38.55 23.35 51.37
C THR C 171 -38.13 24.61 50.60
N TYR C 172 -38.86 25.69 50.88
CA TYR C 172 -38.61 26.99 50.27
C TYR C 172 -38.01 27.94 51.30
N SER C 173 -37.32 28.96 50.80
CA SER C 173 -36.98 30.15 51.56
C SER C 173 -37.47 31.36 50.78
N LEU C 174 -38.06 32.31 51.50
CA LEU C 174 -38.72 33.45 50.85
C LEU C 174 -38.33 34.73 51.58
N SER C 175 -37.93 35.73 50.82
CA SER C 175 -37.56 37.03 51.35
C SER C 175 -38.61 38.07 50.96
N SER C 176 -38.69 39.13 51.76
CA SER C 176 -39.58 40.25 51.50
C SER C 176 -38.89 41.52 51.96
N THR C 177 -38.94 42.56 51.13
CA THR C 177 -38.23 43.80 51.38
C THR C 177 -39.17 44.98 51.19
N LEU C 178 -39.16 45.90 52.15
CA LEU C 178 -39.94 47.13 52.09
C LEU C 178 -39.00 48.29 51.82
N THR C 179 -39.23 49.00 50.72
CA THR C 179 -38.38 50.10 50.31
C THR C 179 -39.01 51.43 50.70
N LEU C 180 -38.35 52.15 51.59
CA LEU C 180 -38.81 53.44 52.09
C LEU C 180 -37.78 54.51 51.75
N SER C 181 -38.25 55.76 51.71
CA SER C 181 -37.32 56.86 51.81
C SER C 181 -36.80 56.94 53.24
N LYS C 182 -35.58 57.49 53.41
CA LYS C 182 -35.07 57.67 54.76
C LYS C 182 -36.03 58.49 55.61
N ALA C 183 -36.59 59.57 55.04
CA ALA C 183 -37.51 60.41 55.80
C ALA C 183 -38.68 59.60 56.35
N ASP C 184 -39.29 58.76 55.50
CA ASP C 184 -40.41 57.94 55.96
C ASP C 184 -39.96 56.89 56.97
N TYR C 185 -38.75 56.35 56.82
CA TYR C 185 -38.23 55.44 57.83
C TYR C 185 -38.01 56.17 59.15
N GLU C 186 -37.43 57.36 59.10
CA GLU C 186 -37.17 58.12 60.32
C GLU C 186 -38.45 58.53 61.02
N LYS C 187 -39.56 58.64 60.27
CA LYS C 187 -40.82 59.10 60.85
C LYS C 187 -41.51 58.06 61.71
N HIS C 188 -41.00 56.83 61.79
CA HIS C 188 -41.73 55.78 62.47
C HIS C 188 -40.77 54.95 63.32
N LYS C 189 -41.36 54.12 64.19
CA LYS C 189 -40.63 53.39 65.21
C LYS C 189 -40.81 51.88 65.12
N VAL C 190 -42.05 51.39 65.04
CA VAL C 190 -42.34 49.96 65.15
C VAL C 190 -42.41 49.37 63.75
N TYR C 191 -41.41 48.57 63.39
CA TYR C 191 -41.36 47.88 62.10
C TYR C 191 -41.55 46.39 62.33
N ALA C 192 -42.66 45.86 61.80
CA ALA C 192 -43.02 44.46 61.97
C ALA C 192 -43.37 43.84 60.64
N CYS C 193 -43.37 42.51 60.60
CA CYS C 193 -43.71 41.77 59.41
C CYS C 193 -44.42 40.48 59.83
N GLU C 194 -45.60 40.27 59.25
CA GLU C 194 -46.49 39.19 59.67
C GLU C 194 -46.59 38.15 58.56
N VAL C 195 -46.59 36.87 58.95
CA VAL C 195 -46.62 35.74 58.03
C VAL C 195 -47.82 34.87 58.35
N THR C 196 -48.59 34.52 57.32
CA THR C 196 -49.68 33.55 57.43
C THR C 196 -49.30 32.32 56.60
N HIS C 197 -49.49 31.14 57.19
CA HIS C 197 -49.04 29.91 56.55
C HIS C 197 -49.77 28.72 57.17
N GLN C 198 -49.88 27.64 56.37
CA GLN C 198 -50.55 26.44 56.87
C GLN C 198 -49.90 25.92 58.15
N GLY C 199 -48.57 25.84 58.17
CA GLY C 199 -47.86 25.27 59.30
C GLY C 199 -47.98 26.05 60.59
N LEU C 200 -48.60 27.22 60.56
CA LEU C 200 -48.73 28.08 61.74
C LEU C 200 -50.09 27.86 62.40
N SER C 201 -50.08 27.62 63.71
CA SER C 201 -51.32 27.63 64.48
C SER C 201 -52.02 28.98 64.42
N SER C 202 -51.27 30.06 64.17
CA SER C 202 -51.81 31.39 64.01
C SER C 202 -50.73 32.25 63.35
N PRO C 203 -51.12 33.37 62.73
CA PRO C 203 -50.10 34.23 62.10
C PRO C 203 -49.02 34.67 63.08
N VAL C 204 -47.80 34.82 62.56
CA VAL C 204 -46.62 35.11 63.35
C VAL C 204 -46.03 36.44 62.90
N THR C 205 -45.44 37.18 63.84
CA THR C 205 -44.93 38.52 63.58
C THR C 205 -43.62 38.74 64.33
N LYS C 206 -42.61 39.24 63.60
CA LYS C 206 -41.35 39.69 64.18
C LYS C 206 -41.19 41.19 63.91
N SER C 207 -40.40 41.85 64.74
CA SER C 207 -40.35 43.30 64.71
C SER C 207 -39.06 43.81 65.33
N PHE C 208 -38.79 45.09 65.10
CA PHE C 208 -37.74 45.82 65.80
C PHE C 208 -38.21 47.25 66.02
N ASN C 209 -37.61 47.91 67.01
CA ASN C 209 -37.89 49.32 67.31
C ASN C 209 -36.70 50.15 66.85
N ARG C 210 -36.98 51.16 66.03
CA ARG C 210 -35.95 52.00 65.42
C ARG C 210 -35.00 52.61 66.45
N SER D 2 34.23 -5.82 -23.55
CA SER D 2 34.26 -5.78 -22.09
C SER D 2 32.87 -6.05 -21.51
N THR D 3 32.81 -6.91 -20.49
CA THR D 3 31.55 -7.32 -19.88
C THR D 3 31.17 -6.52 -18.65
N ILE D 4 31.97 -5.52 -18.27
CA ILE D 4 31.77 -4.87 -16.98
C ILE D 4 30.48 -4.07 -16.94
N GLU D 5 29.92 -3.69 -18.10
CA GLU D 5 28.60 -3.04 -18.10
C GLU D 5 27.50 -4.06 -17.84
N GLU D 6 27.62 -5.26 -18.41
CA GLU D 6 26.67 -6.33 -18.12
C GLU D 6 26.61 -6.60 -16.62
N GLN D 7 27.78 -6.74 -16.00
CA GLN D 7 27.85 -7.06 -14.58
C GLN D 7 27.24 -5.96 -13.71
N ALA D 8 27.48 -4.69 -14.09
CA ALA D 8 27.00 -3.58 -13.29
C ALA D 8 25.48 -3.46 -13.34
N LYS D 9 24.90 -3.58 -14.55
CA LYS D 9 23.44 -3.55 -14.66
C LYS D 9 22.81 -4.64 -13.82
N THR D 10 23.34 -5.87 -13.91
CA THR D 10 22.81 -6.96 -13.11
C THR D 10 22.88 -6.64 -11.63
N PHE D 11 24.00 -6.06 -11.18
CA PHE D 11 24.12 -5.64 -9.79
C PHE D 11 23.08 -4.58 -9.43
N LEU D 12 22.94 -3.55 -10.27
CA LEU D 12 22.07 -2.44 -9.93
C LEU D 12 20.60 -2.87 -9.86
N ASP D 13 20.20 -3.88 -10.65
CA ASP D 13 18.82 -4.34 -10.60
C ASP D 13 18.52 -5.03 -9.28
N LYS D 14 19.39 -5.95 -8.85
CA LYS D 14 19.22 -6.56 -7.54
C LYS D 14 19.24 -5.52 -6.42
N PHE D 15 20.05 -4.48 -6.56
CA PHE D 15 20.01 -3.40 -5.59
C PHE D 15 18.64 -2.72 -5.58
N ASN D 16 18.15 -2.33 -6.76
CA ASN D 16 16.94 -1.50 -6.82
C ASN D 16 15.71 -2.25 -6.31
N HIS D 17 15.63 -3.56 -6.53
CA HIS D 17 14.50 -4.32 -5.99
C HIS D 17 14.69 -4.61 -4.50
N GLU D 18 15.91 -4.93 -4.08
CA GLU D 18 16.16 -5.05 -2.65
C GLU D 18 15.95 -3.71 -1.94
N ALA D 19 16.35 -2.61 -2.58
CA ALA D 19 16.20 -1.30 -1.95
C ALA D 19 14.74 -0.89 -1.86
N GLU D 20 14.00 -1.03 -2.97
CA GLU D 20 12.62 -0.58 -3.00
C GLU D 20 11.79 -1.20 -1.88
N ASP D 21 12.04 -2.47 -1.56
CA ASP D 21 11.27 -3.16 -0.53
C ASP D 21 11.76 -2.79 0.87
N LEU D 22 13.08 -2.69 1.06
CA LEU D 22 13.60 -2.31 2.38
C LEU D 22 13.38 -0.84 2.64
N PHE D 23 13.47 0.00 1.60
CA PHE D 23 13.16 1.42 1.75
C PHE D 23 11.70 1.62 2.16
N TYR D 24 10.79 0.86 1.53
CA TYR D 24 9.38 1.01 1.83
C TYR D 24 9.05 0.56 3.25
N GLN D 25 9.64 -0.55 3.69
CA GLN D 25 9.41 -1.02 5.06
C GLN D 25 9.98 -0.02 6.07
N SER D 26 11.18 0.50 5.81
CA SER D 26 11.77 1.48 6.71
C SER D 26 10.97 2.77 6.74
N SER D 27 10.55 3.25 5.56
CA SER D 27 9.77 4.47 5.50
C SER D 27 8.42 4.31 6.17
N LEU D 28 7.80 3.14 6.04
CA LEU D 28 6.53 2.88 6.71
C LEU D 28 6.69 2.92 8.23
N ALA D 29 7.80 2.37 8.73
CA ALA D 29 8.04 2.37 10.17
C ALA D 29 8.10 3.80 10.72
N SER D 30 8.76 4.70 9.98
CA SER D 30 8.81 6.10 10.40
C SER D 30 7.42 6.74 10.40
N TRP D 31 6.62 6.44 9.37
CA TRP D 31 5.26 6.97 9.31
C TRP D 31 4.43 6.46 10.48
N ASN D 32 4.51 5.15 10.74
CA ASN D 32 3.79 4.56 11.86
C ASN D 32 4.21 5.19 13.18
N TYR D 33 5.52 5.36 13.38
CA TYR D 33 6.01 5.98 14.60
C TYR D 33 5.53 7.42 14.73
N ASN D 34 5.60 8.19 13.64
CA ASN D 34 5.23 9.60 13.71
C ASN D 34 3.74 9.78 13.98
N THR D 35 2.90 9.04 13.24
CA THR D 35 1.46 9.16 13.41
C THR D 35 1.01 8.69 14.79
N ASN D 36 1.57 7.59 15.27
CA ASN D 36 1.28 7.07 16.61
C ASN D 36 2.60 6.73 17.28
N ILE D 37 2.99 7.53 18.27
CA ILE D 37 4.23 7.29 19.01
C ILE D 37 3.94 6.22 20.05
N THR D 38 4.26 4.98 19.72
CA THR D 38 4.31 3.88 20.67
C THR D 38 5.76 3.41 20.74
N GLU D 39 6.20 3.04 21.94
CA GLU D 39 7.58 2.58 22.10
C GLU D 39 7.85 1.36 21.22
N GLU D 40 6.83 0.52 20.99
CA GLU D 40 6.96 -0.56 20.02
C GLU D 40 7.17 -0.02 18.62
N ASN D 41 6.44 1.03 18.24
CA ASN D 41 6.64 1.66 16.93
C ASN D 41 8.01 2.31 16.85
N VAL D 42 8.51 2.86 17.96
CA VAL D 42 9.86 3.43 17.98
C VAL D 42 10.87 2.36 17.63
N GLN D 43 10.72 1.16 18.21
CA GLN D 43 11.69 0.10 17.99
C GLN D 43 11.70 -0.37 16.54
N ASN D 44 10.51 -0.47 15.93
CA ASN D 44 10.42 -0.87 14.53
C ASN D 44 11.20 0.09 13.64
N MET D 45 11.08 1.40 13.90
CA MET D 45 11.78 2.39 13.09
C MET D 45 13.30 2.26 13.23
N ASN D 46 13.78 2.14 14.47
CA ASN D 46 15.21 2.02 14.71
C ASN D 46 15.78 0.76 14.04
N ASN D 47 15.07 -0.36 14.18
CA ASN D 47 15.55 -1.61 13.61
C ASN D 47 15.56 -1.56 12.09
N ALA D 48 14.51 -1.01 11.49
CA ALA D 48 14.47 -0.88 10.03
C ALA D 48 15.58 0.04 9.54
N GLY D 49 15.81 1.14 10.25
CA GLY D 49 16.92 2.02 9.87
C GLY D 49 18.27 1.35 10.02
N ASP D 50 18.42 0.48 11.02
CA ASP D 50 19.67 -0.26 11.19
C ASP D 50 19.84 -1.29 10.09
N LYS D 51 18.76 -2.00 9.74
CA LYS D 51 18.80 -2.89 8.58
C LYS D 51 19.09 -2.12 7.31
N TRP D 52 18.44 -0.96 7.15
CA TRP D 52 18.65 -0.13 5.96
C TRP D 52 20.10 0.36 5.88
N SER D 53 20.66 0.82 7.00
CA SER D 53 22.03 1.29 6.99
C SER D 53 23.00 0.15 6.67
N ALA D 54 22.77 -1.02 7.24
CA ALA D 54 23.59 -2.19 6.92
C ALA D 54 23.51 -2.51 5.44
N PHE D 55 22.30 -2.51 4.88
CA PHE D 55 22.10 -2.82 3.47
C PHE D 55 22.94 -1.94 2.56
N LEU D 56 22.91 -0.62 2.80
CA LEU D 56 23.63 0.30 1.91
C LEU D 56 25.13 0.13 2.02
N LYS D 57 25.64 0.02 3.24
CA LYS D 57 27.08 -0.21 3.42
C LYS D 57 27.51 -1.52 2.76
N GLU D 58 26.62 -2.52 2.77
CA GLU D 58 26.91 -3.78 2.08
C GLU D 58 26.95 -3.58 0.58
N GLN D 59 25.92 -2.92 0.03
CA GLN D 59 25.83 -2.73 -1.41
C GLN D 59 26.90 -1.76 -1.90
N SER D 60 27.31 -0.82 -1.05
CA SER D 60 28.37 0.11 -1.42
C SER D 60 29.68 -0.63 -1.65
N THR D 61 30.06 -1.49 -0.71
CA THR D 61 31.25 -2.32 -0.88
C THR D 61 31.17 -3.13 -2.17
N LEU D 62 29.97 -3.63 -2.50
CA LEU D 62 29.81 -4.44 -3.69
C LEU D 62 29.86 -3.59 -4.95
N ALA D 63 29.27 -2.39 -4.91
CA ALA D 63 29.28 -1.52 -6.08
C ALA D 63 30.70 -1.12 -6.47
N GLN D 64 31.62 -1.07 -5.50
CA GLN D 64 33.01 -0.76 -5.76
C GLN D 64 33.75 -1.90 -6.47
N MET D 65 33.09 -3.04 -6.69
CA MET D 65 33.63 -4.11 -7.51
C MET D 65 33.48 -3.84 -9.00
N TYR D 66 32.87 -2.71 -9.38
CA TYR D 66 32.62 -2.38 -10.78
C TYR D 66 33.34 -1.08 -11.08
N PRO D 67 34.68 -1.09 -11.11
CA PRO D 67 35.42 0.18 -11.08
C PRO D 67 35.41 0.94 -12.39
N LEU D 68 34.97 0.33 -13.49
CA LEU D 68 34.93 1.09 -14.73
C LEU D 68 33.94 2.23 -14.56
N GLN D 69 34.45 3.39 -14.15
CA GLN D 69 33.64 4.58 -14.06
C GLN D 69 33.41 5.22 -15.42
N GLU D 70 34.02 4.67 -16.47
CA GLU D 70 33.77 5.09 -17.85
C GLU D 70 32.80 4.14 -18.56
N ILE D 71 31.86 3.56 -17.82
CA ILE D 71 30.77 2.81 -18.45
C ILE D 71 29.97 3.75 -19.35
N GLN D 72 29.58 3.23 -20.51
CA GLN D 72 28.94 4.09 -21.52
C GLN D 72 27.53 4.51 -21.09
N ASN D 73 26.81 3.64 -20.39
CA ASN D 73 25.43 3.92 -20.05
C ASN D 73 25.38 4.90 -18.88
N LEU D 74 24.72 6.04 -19.09
CA LEU D 74 24.68 7.10 -18.10
C LEU D 74 24.12 6.62 -16.77
N THR D 75 22.91 6.03 -16.80
CA THR D 75 22.22 5.66 -15.56
C THR D 75 23.05 4.68 -14.73
N VAL D 76 23.71 3.73 -15.39
CA VAL D 76 24.59 2.79 -14.69
C VAL D 76 25.70 3.55 -13.98
N LYS D 77 26.31 4.51 -14.67
CA LYS D 77 27.42 5.27 -14.11
C LYS D 77 26.97 6.13 -12.93
N LEU D 78 25.85 6.83 -13.09
CA LEU D 78 25.36 7.71 -12.02
C LEU D 78 24.99 6.90 -10.78
N GLN D 79 24.23 5.82 -10.95
CA GLN D 79 23.83 5.02 -9.80
C GLN D 79 25.04 4.43 -9.07
N LEU D 80 26.11 4.13 -9.80
CA LEU D 80 27.32 3.63 -9.17
C LEU D 80 28.12 4.73 -8.48
N GLN D 81 28.13 5.94 -9.05
CA GLN D 81 28.74 7.07 -8.33
C GLN D 81 28.14 7.22 -6.94
N ALA D 82 26.84 7.11 -6.82
CA ALA D 82 26.24 7.36 -5.52
C ALA D 82 26.61 6.24 -4.62
N LEU D 83 26.43 5.02 -5.10
CA LEU D 83 26.69 3.87 -4.26
C LEU D 83 28.14 3.79 -3.86
N GLN D 84 29.03 4.22 -4.73
CA GLN D 84 30.44 4.06 -4.43
C GLN D 84 30.88 4.76 -3.16
N GLN D 85 30.31 5.92 -2.86
CA GLN D 85 30.78 6.65 -1.70
C GLN D 85 30.63 5.78 -0.48
N ASN D 86 31.74 5.59 0.24
CA ASN D 86 31.72 4.75 1.42
C ASN D 86 30.89 5.33 2.55
N GLY D 87 30.96 6.64 2.73
CA GLY D 87 30.27 7.26 3.85
C GLY D 87 30.76 6.77 5.20
N SER D 88 29.83 6.39 6.06
CA SER D 88 30.09 6.15 7.48
C SER D 88 31.02 4.99 7.72
N SER D 89 31.12 4.09 6.76
CA SER D 89 31.94 2.90 6.93
C SER D 89 33.40 3.20 7.15
N VAL D 90 33.87 4.32 6.61
CA VAL D 90 35.28 4.63 6.70
C VAL D 90 35.76 4.71 8.13
N LEU D 91 34.91 5.21 9.02
CA LEU D 91 35.27 5.31 10.41
C LEU D 91 35.41 3.96 11.05
N SER D 92 36.25 3.89 12.08
CA SER D 92 36.40 2.66 12.81
C SER D 92 35.06 2.41 13.42
N GLU D 93 34.72 1.16 13.66
CA GLU D 93 33.38 0.87 14.13
C GLU D 93 33.05 1.56 15.44
N ASP D 94 34.01 1.62 16.35
CA ASP D 94 33.76 2.31 17.61
C ASP D 94 33.47 3.77 17.35
N LYS D 95 34.24 4.39 16.47
CA LYS D 95 33.99 5.77 16.12
C LYS D 95 32.66 5.91 15.42
N SER D 96 32.33 4.96 14.55
CA SER D 96 31.10 5.05 13.80
C SER D 96 29.98 4.99 14.78
N LYS D 97 30.11 4.10 15.75
CA LYS D 97 29.08 3.96 16.76
C LYS D 97 28.97 5.24 17.54
N ARG D 98 30.11 5.82 17.89
CA ARG D 98 30.11 7.03 18.70
C ARG D 98 29.44 8.18 17.97
N LEU D 99 29.76 8.35 16.70
CA LEU D 99 29.14 9.41 15.93
C LEU D 99 27.65 9.14 15.83
N ASN D 100 27.29 7.88 15.64
CA ASN D 100 25.89 7.53 15.52
C ASN D 100 25.22 7.78 16.85
N THR D 101 25.97 7.60 17.93
CA THR D 101 25.40 7.87 19.24
C THR D 101 25.18 9.37 19.45
N ILE D 102 26.18 10.18 19.10
CA ILE D 102 26.06 11.63 19.24
C ILE D 102 24.89 12.14 18.40
N LEU D 103 24.79 11.65 17.16
CA LEU D 103 23.74 12.12 16.26
C LEU D 103 22.34 11.89 16.86
N ASN D 104 22.14 10.73 17.49
CA ASN D 104 20.86 10.47 18.14
C ASN D 104 20.78 11.14 19.50
N THR D 105 21.90 11.30 20.19
CA THR D 105 21.87 11.95 21.50
C THR D 105 21.45 13.41 21.37
N MET D 106 21.94 14.10 20.32
CA MET D 106 21.60 15.50 20.14
C MET D 106 20.15 15.66 19.69
N SER D 107 19.66 14.75 18.85
CA SER D 107 18.27 14.79 18.41
C SER D 107 17.31 14.30 19.49
N THR D 108 17.80 13.51 20.45
CA THR D 108 16.97 13.18 21.61
C THR D 108 16.83 14.38 22.53
N ILE D 109 17.91 15.15 22.69
CA ILE D 109 17.87 16.31 23.58
C ILE D 109 16.98 17.40 23.02
N TYR D 110 17.04 17.63 21.70
CA TYR D 110 16.16 18.63 21.09
C TYR D 110 14.71 18.18 21.13
N SER D 111 14.45 16.94 20.71
CA SER D 111 13.07 16.47 20.59
C SER D 111 12.37 16.46 21.95
N THR D 112 13.08 16.12 23.01
CA THR D 112 12.50 16.00 24.34
C THR D 112 13.07 17.02 25.33
N GLY D 113 13.66 18.11 24.82
CA GLY D 113 14.20 19.13 25.70
C GLY D 113 13.12 19.81 26.49
N LYS D 114 13.37 19.96 27.80
CA LYS D 114 12.41 20.56 28.71
C LYS D 114 13.05 21.72 29.46
N VAL D 115 12.23 22.72 29.75
CA VAL D 115 12.58 23.81 30.64
C VAL D 115 11.65 23.72 31.84
N CYS D 116 12.23 23.54 33.03
CA CYS D 116 11.49 23.61 34.27
C CYS D 116 11.49 25.06 34.76
N ASN D 117 10.36 25.48 35.32
CA ASN D 117 10.31 26.79 35.94
C ASN D 117 11.26 26.81 37.13
N PRO D 118 12.16 27.78 37.24
CA PRO D 118 13.12 27.80 38.35
C PRO D 118 12.47 27.72 39.72
N ASP D 119 11.22 28.16 39.85
CA ASP D 119 10.49 28.15 41.10
C ASP D 119 9.77 26.84 41.37
N ASN D 120 9.79 25.90 40.42
CA ASN D 120 9.08 24.63 40.58
C ASN D 120 9.79 23.58 39.74
N PRO D 121 10.57 22.69 40.36
CA PRO D 121 11.31 21.68 39.57
C PRO D 121 10.42 20.72 38.80
N GLN D 122 9.12 20.67 39.10
CA GLN D 122 8.21 19.78 38.40
C GLN D 122 7.40 20.47 37.32
N GLU D 123 7.38 21.80 37.32
CA GLU D 123 6.63 22.59 36.34
C GLU D 123 7.44 22.65 35.05
N CYS D 124 7.00 21.94 34.01
CA CYS D 124 7.80 21.71 32.82
C CYS D 124 7.18 22.36 31.60
N LEU D 125 8.04 22.86 30.71
CA LEU D 125 7.65 23.45 29.44
C LEU D 125 8.37 22.74 28.30
N LEU D 126 7.66 22.58 27.19
CA LEU D 126 8.24 22.01 25.97
C LEU D 126 8.55 23.14 24.99
N LEU D 127 9.46 22.85 24.06
CA LEU D 127 9.84 23.85 23.07
C LEU D 127 8.64 24.32 22.26
N GLU D 128 7.77 23.40 21.87
CA GLU D 128 6.50 23.70 21.25
C GLU D 128 5.48 22.71 21.80
N PRO D 129 4.26 23.17 22.14
CA PRO D 129 3.69 24.51 21.98
C PRO D 129 4.19 25.55 22.97
N GLY D 130 4.84 25.11 24.04
CA GLY D 130 5.21 25.98 25.14
C GLY D 130 6.04 27.19 24.80
N LEU D 131 7.34 26.99 24.59
CA LEU D 131 8.26 28.12 24.45
C LEU D 131 8.08 28.86 23.12
N ASN D 132 7.65 28.17 22.07
CA ASN D 132 7.50 28.84 20.78
C ASN D 132 6.31 29.79 20.76
N GLU D 133 5.25 29.50 21.52
CA GLU D 133 4.14 30.43 21.60
C GLU D 133 4.55 31.72 22.29
N ILE D 134 5.37 31.62 23.33
CA ILE D 134 5.90 32.81 23.98
C ILE D 134 6.74 33.62 22.99
N MET D 135 7.68 32.95 22.32
CA MET D 135 8.56 33.66 21.41
C MET D 135 7.81 34.24 20.22
N ALA D 136 6.67 33.65 19.86
CA ALA D 136 5.94 34.09 18.68
C ALA D 136 5.06 35.30 18.97
N ASN D 137 4.22 35.21 20.01
CA ASN D 137 3.17 36.21 20.24
C ASN D 137 3.30 37.00 21.53
N SER D 138 4.08 36.53 22.50
CA SER D 138 4.21 37.28 23.75
C SER D 138 4.90 38.61 23.49
N LEU D 139 4.26 39.69 23.96
CA LEU D 139 4.79 41.03 23.83
C LEU D 139 5.52 41.50 25.09
N ASP D 140 5.68 40.61 26.05
CA ASP D 140 6.40 40.91 27.29
C ASP D 140 7.87 40.64 27.03
N TYR D 141 8.71 41.69 27.09
CA TYR D 141 10.13 41.55 26.81
C TYR D 141 10.89 40.75 27.85
N ASN D 142 10.22 40.16 28.85
CA ASN D 142 10.87 39.23 29.77
C ASN D 142 10.19 37.87 29.87
N GLU D 143 9.02 37.68 29.24
CA GLU D 143 8.67 36.32 28.84
C GLU D 143 9.53 35.89 27.66
N ARG D 144 9.72 36.79 26.69
CA ARG D 144 10.57 36.49 25.54
C ARG D 144 11.99 36.16 25.98
N LEU D 145 12.57 37.00 26.84
CA LEU D 145 13.92 36.75 27.32
C LEU D 145 13.98 35.48 28.18
N TRP D 146 13.02 35.29 29.09
CA TRP D 146 13.02 34.10 29.92
C TRP D 146 12.99 32.84 29.07
N ALA D 147 12.12 32.80 28.06
CA ALA D 147 12.03 31.63 27.21
C ALA D 147 13.24 31.48 26.30
N TRP D 148 13.78 32.61 25.83
CA TRP D 148 14.90 32.57 24.89
C TRP D 148 16.15 32.00 25.55
N GLU D 149 16.50 32.50 26.73
CA GLU D 149 17.70 32.05 27.42
C GLU D 149 17.49 30.71 28.12
N SER D 150 16.28 30.43 28.59
CA SER D 150 16.05 29.16 29.29
C SER D 150 16.31 27.97 28.37
N TRP D 151 15.81 28.02 27.14
CA TRP D 151 16.09 26.94 26.20
C TRP D 151 17.57 26.84 25.88
N ARG D 152 18.20 27.97 25.56
CA ARG D 152 19.59 27.95 25.14
C ARG D 152 20.55 27.68 26.30
N SER D 153 20.11 27.81 27.54
CA SER D 153 20.99 27.59 28.68
C SER D 153 20.66 26.34 29.49
N GLU D 154 19.44 25.80 29.36
CA GLU D 154 19.09 24.55 30.00
C GLU D 154 19.20 23.35 29.06
N VAL D 155 18.87 23.52 27.80
CA VAL D 155 18.90 22.46 26.80
C VAL D 155 20.09 22.61 25.86
N GLY D 156 20.29 23.80 25.30
CA GLY D 156 21.43 24.04 24.44
C GLY D 156 22.75 23.90 25.14
N LYS D 157 22.77 24.06 26.46
CA LYS D 157 23.97 23.80 27.25
C LYS D 157 24.47 22.38 27.01
N GLN D 158 23.57 21.40 27.06
CA GLN D 158 23.93 20.00 26.95
C GLN D 158 24.51 19.67 25.58
N LEU D 159 24.24 20.49 24.57
CA LEU D 159 24.64 20.23 23.19
C LEU D 159 26.05 20.70 22.86
N ARG D 160 26.67 21.49 23.75
CA ARG D 160 28.03 21.97 23.48
C ARG D 160 29.05 20.84 23.42
N PRO D 161 29.22 20.01 24.45
CA PRO D 161 30.25 18.96 24.35
C PRO D 161 29.93 17.93 23.28
N LEU D 162 28.65 17.69 23.01
CA LEU D 162 28.28 16.77 21.95
C LEU D 162 28.67 17.30 20.58
N TYR D 163 28.48 18.60 20.34
CA TYR D 163 28.79 19.17 19.04
C TYR D 163 30.29 19.26 18.80
N GLU D 164 31.10 19.30 19.86
CA GLU D 164 32.55 19.35 19.67
C GLU D 164 33.08 18.04 19.12
N GLU D 165 32.66 16.90 19.69
CA GLU D 165 33.02 15.62 19.09
C GLU D 165 32.30 15.39 17.78
N TYR D 166 31.06 15.87 17.68
CA TYR D 166 30.32 15.85 16.42
C TYR D 166 31.15 16.43 15.29
N VAL D 167 31.80 17.57 15.55
CA VAL D 167 32.68 18.17 14.55
C VAL D 167 33.91 17.29 14.31
N VAL D 168 34.45 16.70 15.38
CA VAL D 168 35.66 15.89 15.25
C VAL D 168 35.41 14.66 14.38
N LEU D 169 34.32 13.94 14.67
CA LEU D 169 34.08 12.67 14.00
C LEU D 169 33.47 12.85 12.61
N LYS D 170 32.70 13.92 12.39
CA LYS D 170 32.26 14.21 11.03
C LYS D 170 33.42 14.61 10.13
N ASN D 171 34.43 15.27 10.68
CA ASN D 171 35.66 15.54 9.93
C ASN D 171 36.53 14.29 9.83
N GLU D 172 36.49 13.42 10.84
CA GLU D 172 37.09 12.10 10.72
C GLU D 172 36.55 11.38 9.49
N MET D 173 35.23 11.42 9.31
CA MET D 173 34.63 10.88 8.09
C MET D 173 35.03 11.70 6.86
N ALA D 174 34.98 13.02 6.99
CA ALA D 174 35.14 13.88 5.83
C ALA D 174 36.54 13.79 5.22
N ARG D 175 37.55 13.54 6.05
CA ARG D 175 38.89 13.27 5.51
C ARG D 175 38.85 12.11 4.53
N ALA D 176 38.34 10.97 4.99
CA ALA D 176 37.99 9.91 4.05
C ALA D 176 36.95 10.44 3.07
N ASN D 177 36.88 9.81 1.90
CA ASN D 177 36.12 10.26 0.73
C ASN D 177 36.70 11.52 0.13
N HIS D 178 37.81 12.03 0.68
CA HIS D 178 38.59 13.12 0.11
C HIS D 178 37.83 14.44 0.15
N TYR D 179 37.53 14.88 1.36
CA TYR D 179 36.98 16.22 1.62
C TYR D 179 37.82 16.88 2.69
N GLU D 180 38.02 18.19 2.58
CA GLU D 180 38.79 18.91 3.60
C GLU D 180 38.08 18.88 4.94
N ASP D 181 36.78 19.12 4.94
CA ASP D 181 36.02 19.28 6.18
C ASP D 181 34.60 18.79 5.94
N TYR D 182 33.80 18.74 7.01
CA TYR D 182 32.45 18.23 6.85
C TYR D 182 31.53 19.22 6.15
N GLY D 183 31.77 20.52 6.32
CA GLY D 183 31.08 21.51 5.51
C GLY D 183 31.39 21.35 4.03
N ASP D 184 32.62 20.94 3.71
CA ASP D 184 32.96 20.63 2.32
C ASP D 184 32.12 19.48 1.79
N TYR D 185 31.94 18.43 2.60
CA TYR D 185 31.06 17.33 2.24
C TYR D 185 29.64 17.82 2.00
N TRP D 186 29.17 18.74 2.85
CA TRP D 186 27.85 19.33 2.63
C TRP D 186 27.81 20.13 1.34
N ARG D 187 28.86 20.92 1.08
CA ARG D 187 28.89 21.73 -0.13
C ARG D 187 28.83 20.89 -1.40
N GLY D 188 29.06 19.58 -1.29
CA GLY D 188 29.18 18.72 -2.47
C GLY D 188 27.88 18.40 -3.15
N ASP D 189 26.74 18.64 -2.50
CA ASP D 189 25.46 18.39 -3.15
C ASP D 189 25.24 19.27 -4.37
N TYR D 190 26.05 20.30 -4.55
CA TYR D 190 25.99 21.18 -5.71
C TYR D 190 27.03 20.84 -6.77
N GLU D 191 27.99 19.96 -6.45
CA GLU D 191 29.12 19.72 -7.33
C GLU D 191 28.69 19.01 -8.61
N VAL D 192 29.27 19.43 -9.72
CA VAL D 192 29.02 18.86 -11.03
C VAL D 192 30.36 18.65 -11.72
N ASN D 193 30.58 17.43 -12.23
CA ASN D 193 31.77 17.11 -13.02
C ASN D 193 31.40 16.69 -14.44
N GLY D 194 30.22 17.09 -14.92
CA GLY D 194 29.74 16.63 -16.21
C GLY D 194 30.12 17.50 -17.38
N VAL D 195 29.10 17.93 -18.15
CA VAL D 195 29.35 18.60 -19.43
C VAL D 195 30.13 19.88 -19.20
N ASP D 196 31.19 20.07 -19.98
CA ASP D 196 32.05 21.24 -19.84
C ASP D 196 31.25 22.52 -20.00
N GLY D 197 31.40 23.43 -19.04
CA GLY D 197 30.64 24.65 -18.97
C GLY D 197 29.43 24.57 -18.07
N TYR D 198 29.02 23.35 -17.70
CA TYR D 198 27.91 23.11 -16.79
C TYR D 198 28.40 22.50 -15.48
N ASP D 199 29.66 22.10 -15.41
CA ASP D 199 30.29 21.60 -14.21
C ASP D 199 30.38 22.70 -13.15
N TYR D 200 30.57 22.28 -11.91
CA TYR D 200 30.44 23.17 -10.76
C TYR D 200 31.31 22.64 -9.64
N SER D 201 32.11 23.52 -9.04
CA SER D 201 33.01 23.13 -7.97
C SER D 201 32.39 23.45 -6.61
N ARG D 202 32.87 22.75 -5.59
CA ARG D 202 32.31 22.89 -4.25
C ARG D 202 32.57 24.28 -3.69
N GLY D 203 33.70 24.89 -4.02
CA GLY D 203 34.00 26.23 -3.55
C GLY D 203 33.16 27.33 -4.18
N GLN D 204 32.50 27.03 -5.30
CA GLN D 204 31.66 28.05 -5.94
C GLN D 204 30.34 28.27 -5.23
N LEU D 205 29.87 27.32 -4.41
CA LEU D 205 28.72 27.62 -3.55
C LEU D 205 29.02 28.78 -2.62
N ILE D 206 30.21 28.80 -2.04
CA ILE D 206 30.60 29.87 -1.12
C ILE D 206 30.52 31.24 -1.83
N GLU D 207 31.20 31.35 -2.97
CA GLU D 207 31.23 32.64 -3.67
C GLU D 207 29.90 32.96 -4.34
N ASP D 208 29.14 31.95 -4.76
CA ASP D 208 27.82 32.23 -5.33
C ASP D 208 26.83 32.65 -4.26
N VAL D 209 27.06 32.26 -3.00
CA VAL D 209 26.26 32.82 -1.92
C VAL D 209 26.69 34.25 -1.63
N GLU D 210 28.01 34.47 -1.52
CA GLU D 210 28.53 35.73 -1.01
C GLU D 210 28.48 36.85 -2.06
N HIS D 211 28.85 36.54 -3.30
CA HIS D 211 28.78 37.56 -4.36
C HIS D 211 27.38 37.76 -4.89
N THR D 212 26.41 36.99 -4.41
CA THR D 212 25.00 37.31 -4.55
C THR D 212 24.44 38.00 -3.31
N PHE D 213 25.01 37.71 -2.14
CA PHE D 213 24.54 38.32 -0.90
C PHE D 213 24.81 39.82 -0.87
N GLU D 214 25.86 40.27 -1.55
CA GLU D 214 26.16 41.69 -1.61
C GLU D 214 25.06 42.46 -2.32
N GLU D 215 24.36 41.82 -3.26
CA GLU D 215 23.23 42.43 -3.94
C GLU D 215 21.92 42.24 -3.19
N ILE D 216 21.95 41.53 -2.06
CA ILE D 216 20.77 41.35 -1.22
C ILE D 216 20.77 42.33 -0.05
N LYS D 217 21.95 42.58 0.53
CA LYS D 217 22.11 43.36 1.76
C LYS D 217 21.32 44.68 1.79
N PRO D 218 21.29 45.49 0.74
CA PRO D 218 20.52 46.75 0.82
C PRO D 218 19.06 46.55 1.18
N LEU D 219 18.41 45.52 0.65
CA LEU D 219 17.01 45.29 0.99
C LEU D 219 16.85 44.64 2.36
N TYR D 220 17.92 44.06 2.92
CA TYR D 220 17.83 43.61 4.31
C TYR D 220 18.01 44.78 5.26
N GLU D 221 19.01 45.63 5.02
CA GLU D 221 19.27 46.77 5.91
C GLU D 221 18.06 47.70 5.97
N HIS D 222 17.38 47.91 4.85
CA HIS D 222 16.21 48.79 4.85
C HIS D 222 15.01 48.12 5.50
N LEU D 223 14.87 46.80 5.36
CA LEU D 223 13.88 46.09 6.16
C LEU D 223 14.27 46.11 7.64
N HIS D 224 15.57 45.98 7.91
CA HIS D 224 16.05 46.03 9.29
C HIS D 224 15.72 47.37 9.94
N ALA D 225 15.98 48.47 9.24
CA ALA D 225 15.73 49.79 9.81
C ALA D 225 14.23 50.02 10.03
N TYR D 226 13.41 49.59 9.07
CA TYR D 226 11.95 49.71 9.21
C TYR D 226 11.45 48.91 10.41
N VAL D 227 11.84 47.64 10.48
CA VAL D 227 11.44 46.79 11.61
C VAL D 227 11.94 47.38 12.92
N ARG D 228 13.18 47.89 12.93
CA ARG D 228 13.72 48.50 14.12
C ARG D 228 12.89 49.70 14.56
N ALA D 229 12.46 50.53 13.61
CA ALA D 229 11.67 51.71 13.96
C ALA D 229 10.30 51.32 14.49
N LYS D 230 9.62 50.40 13.81
CA LYS D 230 8.25 50.05 14.21
C LYS D 230 8.24 49.21 15.48
N LEU D 231 9.28 48.41 15.73
CA LEU D 231 9.35 47.66 16.98
C LEU D 231 9.89 48.52 18.12
N MET D 232 10.72 49.53 17.81
CA MET D 232 11.18 50.45 18.85
C MET D 232 9.98 51.09 19.56
N ASN D 233 8.89 51.29 18.83
CA ASN D 233 7.65 51.72 19.46
C ASN D 233 7.11 50.66 20.40
N ALA D 234 7.40 49.38 20.12
CA ALA D 234 6.80 48.28 20.86
C ALA D 234 7.61 47.86 22.08
N TYR D 235 8.94 47.87 21.98
CA TYR D 235 9.82 47.52 23.09
C TYR D 235 10.73 48.71 23.39
N PRO D 236 10.17 49.82 23.88
CA PRO D 236 10.96 51.07 23.94
C PRO D 236 12.14 51.03 24.91
N SER D 237 12.13 50.12 25.89
CA SER D 237 13.21 50.06 26.86
C SER D 237 14.43 49.30 26.34
N TYR D 238 14.38 48.78 25.11
CA TYR D 238 15.43 47.90 24.62
C TYR D 238 15.95 48.30 23.25
N ILE D 239 15.05 48.59 22.32
CA ILE D 239 15.42 48.65 20.89
C ILE D 239 16.08 50.00 20.63
N SER D 240 17.40 50.01 20.54
CA SER D 240 18.14 51.19 20.10
C SER D 240 17.85 51.45 18.63
N PRO D 241 17.62 52.71 18.25
CA PRO D 241 17.48 53.03 16.82
C PRO D 241 18.80 53.02 16.06
N ILE D 242 19.91 52.78 16.75
CA ILE D 242 21.23 52.76 16.13
C ILE D 242 21.81 51.35 16.12
N GLY D 243 21.72 50.66 17.25
CA GLY D 243 22.33 49.35 17.40
C GLY D 243 21.51 48.24 16.78
N CYS D 244 21.83 47.01 17.21
CA CYS D 244 21.24 45.82 16.66
C CYS D 244 19.91 45.50 17.36
N LEU D 245 19.19 44.53 16.81
CA LEU D 245 17.94 44.14 17.45
C LEU D 245 18.19 43.01 18.44
N PRO D 246 17.56 43.05 19.62
CA PRO D 246 17.65 41.90 20.53
C PRO D 246 17.06 40.65 19.90
N ALA D 247 17.77 39.53 20.06
CA ALA D 247 17.37 38.30 19.38
C ALA D 247 16.02 37.80 19.88
N HIS D 248 15.75 37.94 21.17
CA HIS D 248 14.51 37.44 21.74
C HIS D 248 13.28 38.26 21.37
N LEU D 249 13.45 39.39 20.69
CA LEU D 249 12.33 40.23 20.27
C LEU D 249 11.93 39.97 18.83
N LEU D 250 12.40 38.89 18.22
CA LEU D 250 12.09 38.54 16.85
C LEU D 250 10.96 37.52 16.79
N GLY D 251 10.63 37.09 15.57
CA GLY D 251 9.43 36.30 15.34
C GLY D 251 9.46 34.90 15.94
N ASP D 252 10.64 34.34 16.14
CA ASP D 252 10.77 33.01 16.74
C ASP D 252 12.00 33.01 17.65
N MET D 253 12.27 31.86 18.27
CA MET D 253 13.32 31.80 19.28
C MET D 253 14.70 32.06 18.70
N TRP D 254 14.92 31.74 17.43
CA TRP D 254 16.23 31.97 16.83
C TRP D 254 16.28 33.24 15.99
N GLY D 255 15.13 33.87 15.74
CA GLY D 255 15.10 35.02 14.87
C GLY D 255 15.21 34.70 13.40
N ARG D 256 14.79 33.50 12.99
CA ARG D 256 14.88 33.12 11.59
C ARG D 256 13.85 33.85 10.74
N PHE D 257 12.61 33.90 11.22
CA PHE D 257 11.51 34.53 10.49
C PHE D 257 11.04 35.79 11.19
N TRP D 258 10.61 36.77 10.39
CA TRP D 258 9.96 37.97 10.89
C TRP D 258 8.48 37.98 10.53
N THR D 259 7.93 36.83 10.15
CA THR D 259 6.50 36.73 9.86
C THR D 259 5.66 37.20 11.05
N ASN D 260 6.03 36.73 12.24
CA ASN D 260 5.28 37.09 13.45
C ASN D 260 5.48 38.54 13.87
N LEU D 261 6.42 39.26 13.24
CA LEU D 261 6.60 40.69 13.44
C LEU D 261 5.77 41.53 12.50
N TYR D 262 5.00 40.90 11.59
CA TYR D 262 4.21 41.66 10.64
C TYR D 262 3.16 42.50 11.35
N SER D 263 2.30 41.85 12.16
CA SER D 263 1.28 42.57 12.90
C SER D 263 1.85 43.68 13.76
N LEU D 264 3.14 43.61 14.10
CA LEU D 264 3.80 44.67 14.84
C LEU D 264 4.43 45.72 13.94
N THR D 265 4.49 45.47 12.63
CA THR D 265 5.16 46.36 11.68
C THR D 265 4.29 46.62 10.45
N VAL D 266 2.97 46.57 10.59
CA VAL D 266 2.05 46.79 9.48
C VAL D 266 2.19 48.23 8.99
N PRO D 267 2.50 48.45 7.71
CA PRO D 267 2.56 49.82 7.18
C PRO D 267 1.25 50.58 7.36
N PHE D 268 0.18 50.09 6.75
CA PHE D 268 -1.12 50.75 6.76
C PHE D 268 -2.14 49.80 7.38
N GLY D 269 -2.56 50.09 8.61
CA GLY D 269 -3.42 49.17 9.33
C GLY D 269 -4.86 49.20 8.86
N GLN D 270 -5.37 50.38 8.48
CA GLN D 270 -6.77 50.49 8.10
C GLN D 270 -7.10 49.67 6.86
N LYS D 271 -6.14 49.49 5.96
CA LYS D 271 -6.40 48.75 4.73
C LYS D 271 -6.88 47.34 5.05
N PRO D 272 -7.89 46.85 4.36
CA PRO D 272 -8.41 45.50 4.66
C PRO D 272 -7.31 44.46 4.54
N ASN D 273 -7.24 43.58 5.53
CA ASN D 273 -6.28 42.49 5.50
C ASN D 273 -6.47 41.69 4.22
N ILE D 274 -5.34 41.36 3.56
CA ILE D 274 -5.38 40.45 2.43
C ILE D 274 -6.18 39.21 2.79
N ASP D 275 -5.85 38.61 3.94
CA ASP D 275 -6.66 37.57 4.54
C ASP D 275 -6.21 37.42 5.99
N VAL D 276 -7.18 37.24 6.88
CA VAL D 276 -6.85 37.00 8.28
C VAL D 276 -6.14 35.66 8.41
N THR D 277 -5.37 35.50 9.50
CA THR D 277 -4.90 34.17 9.86
C THR D 277 -6.09 33.20 9.91
N ASP D 278 -7.18 33.64 10.53
CA ASP D 278 -8.45 32.90 10.50
C ASP D 278 -9.14 33.14 9.16
N ALA D 279 -8.46 32.71 8.10
CA ALA D 279 -8.91 32.96 6.74
C ALA D 279 -10.13 32.11 6.42
N MET D 280 -11.30 32.74 6.47
CA MET D 280 -12.56 32.16 6.01
C MET D 280 -12.87 30.86 6.76
N VAL D 281 -13.26 31.04 8.03
CA VAL D 281 -13.83 29.94 8.79
C VAL D 281 -15.35 29.91 8.68
N ASP D 282 -15.98 31.03 8.30
CA ASP D 282 -17.43 31.06 8.15
C ASP D 282 -17.88 30.12 7.05
N GLN D 283 -17.34 30.29 5.84
CA GLN D 283 -17.53 29.31 4.78
C GLN D 283 -16.97 27.99 5.30
N ALA D 284 -17.86 27.02 5.51
CA ALA D 284 -17.54 25.82 6.27
C ALA D 284 -16.40 25.02 5.66
N TRP D 285 -15.18 25.54 5.79
CA TRP D 285 -14.03 24.79 5.31
C TRP D 285 -13.63 23.71 6.30
N ASP D 286 -12.62 22.94 5.89
CA ASP D 286 -12.29 21.68 6.55
C ASP D 286 -10.79 21.45 6.44
N ALA D 287 -10.24 20.69 7.38
CA ALA D 287 -8.85 20.27 7.25
C ALA D 287 -8.62 19.51 5.96
N GLN D 288 -9.63 18.76 5.50
CA GLN D 288 -9.55 18.05 4.24
C GLN D 288 -9.80 18.98 3.06
N ARG D 289 -10.70 19.95 3.22
CA ARG D 289 -11.02 20.87 2.12
C ARG D 289 -9.79 21.66 1.68
N ILE D 290 -8.90 21.99 2.63
CA ILE D 290 -7.69 22.72 2.29
C ILE D 290 -6.88 21.97 1.23
N PHE D 291 -6.64 20.68 1.47
CA PHE D 291 -5.85 19.88 0.54
C PHE D 291 -6.54 19.77 -0.82
N LYS D 292 -7.87 19.66 -0.81
CA LYS D 292 -8.60 19.41 -2.05
C LYS D 292 -8.51 20.61 -2.99
N GLU D 293 -8.51 21.82 -2.43
CA GLU D 293 -8.36 23.01 -3.26
C GLU D 293 -6.95 23.17 -3.79
N ALA D 294 -5.96 22.67 -3.05
CA ALA D 294 -4.59 22.66 -3.58
C ALA D 294 -4.46 21.67 -4.74
N GLU D 295 -5.15 20.53 -4.65
CA GLU D 295 -5.14 19.57 -5.75
C GLU D 295 -5.71 20.17 -7.02
N LYS D 296 -6.84 20.88 -6.91
CA LYS D 296 -7.44 21.55 -8.07
C LYS D 296 -6.46 22.53 -8.71
N PHE D 297 -5.71 23.27 -7.90
CA PHE D 297 -4.74 24.22 -8.43
C PHE D 297 -3.71 23.51 -9.30
N PHE D 298 -3.20 22.38 -8.83
CA PHE D 298 -2.23 21.60 -9.61
C PHE D 298 -2.87 21.01 -10.86
N VAL D 299 -4.18 20.70 -10.80
CA VAL D 299 -4.87 20.19 -11.97
C VAL D 299 -5.04 21.27 -13.02
N SER D 300 -5.41 22.48 -12.60
CA SER D 300 -5.44 23.60 -13.53
C SER D 300 -4.08 23.80 -14.19
N VAL D 301 -3.00 23.61 -13.40
CA VAL D 301 -1.65 23.66 -13.94
C VAL D 301 -1.44 22.54 -14.94
N GLY D 302 -2.11 21.41 -14.74
CA GLY D 302 -1.97 20.23 -15.59
C GLY D 302 -1.35 19.04 -14.91
N LEU D 303 -1.00 19.12 -13.63
CA LEU D 303 -0.41 18.02 -12.89
C LEU D 303 -1.48 17.03 -12.46
N PRO D 304 -1.10 15.78 -12.16
CA PRO D 304 -2.12 14.75 -11.91
C PRO D 304 -2.84 14.97 -10.61
N ASN D 305 -4.06 14.43 -10.55
CA ASN D 305 -4.82 14.40 -9.30
C ASN D 305 -4.08 13.56 -8.26
N MET D 306 -4.29 13.90 -7.00
CA MET D 306 -3.66 13.13 -5.93
C MET D 306 -4.17 11.70 -5.93
N THR D 307 -3.28 10.77 -5.58
CA THR D 307 -3.61 9.36 -5.64
C THR D 307 -4.61 8.97 -4.55
N GLN D 308 -5.33 7.88 -4.80
CA GLN D 308 -6.23 7.34 -3.77
C GLN D 308 -5.46 6.83 -2.57
N GLY D 309 -4.23 6.33 -2.79
CA GLY D 309 -3.40 5.95 -1.66
C GLY D 309 -2.99 7.12 -0.80
N PHE D 310 -2.77 8.28 -1.44
CA PHE D 310 -2.53 9.52 -0.69
C PHE D 310 -3.72 9.86 0.20
N TRP D 311 -4.93 9.88 -0.38
CA TRP D 311 -6.08 10.36 0.36
C TRP D 311 -6.43 9.44 1.53
N GLU D 312 -6.26 8.14 1.36
CA GLU D 312 -6.69 7.17 2.35
C GLU D 312 -5.65 6.88 3.43
N ASN D 313 -4.45 7.47 3.33
CA ASN D 313 -3.40 7.19 4.30
C ASN D 313 -2.82 8.44 4.96
N SER D 314 -3.06 9.63 4.43
CA SER D 314 -2.48 10.84 5.00
C SER D 314 -3.25 11.24 6.27
N MET D 315 -2.64 12.15 7.04
CA MET D 315 -3.21 12.62 8.29
C MET D 315 -3.37 14.14 8.25
N LEU D 316 -4.50 14.61 8.78
CA LEU D 316 -4.93 16.00 8.63
C LEU D 316 -4.90 16.78 9.93
N THR D 317 -5.42 16.22 11.00
CA THR D 317 -5.41 16.86 12.31
C THR D 317 -4.70 15.94 13.30
N ASP D 318 -4.47 16.45 14.50
CA ASP D 318 -4.14 15.55 15.60
C ASP D 318 -5.27 14.53 15.70
N PRO D 319 -4.98 13.24 15.74
CA PRO D 319 -6.08 12.25 15.90
C PRO D 319 -7.01 12.52 17.08
N GLY D 320 -6.71 13.50 17.90
CA GLY D 320 -7.10 13.49 19.30
C GLY D 320 -5.90 13.87 20.13
N ASN D 321 -6.19 14.32 21.35
CA ASN D 321 -5.11 14.63 22.26
C ASN D 321 -4.55 13.38 22.93
N VAL D 322 -4.98 12.21 22.50
CA VAL D 322 -4.53 10.95 23.07
C VAL D 322 -3.39 10.35 22.26
N GLN D 323 -3.57 10.22 20.95
CA GLN D 323 -2.56 9.65 20.07
C GLN D 323 -1.50 10.71 19.79
N LYS D 324 -0.32 10.54 20.38
CA LYS D 324 0.74 11.56 20.36
C LYS D 324 1.42 11.52 19.00
N ALA D 325 0.81 12.21 18.04
CA ALA D 325 1.38 12.34 16.71
C ALA D 325 2.30 13.54 16.63
N VAL D 326 3.23 13.49 15.70
CA VAL D 326 4.08 14.64 15.39
C VAL D 326 3.30 15.57 14.47
N CYS D 327 3.22 16.84 14.85
CA CYS D 327 2.46 17.84 14.11
C CYS D 327 3.25 18.48 12.98
N HIS D 328 4.56 18.25 12.94
CA HIS D 328 5.47 18.77 11.93
C HIS D 328 4.97 18.45 10.52
N PRO D 329 4.70 19.48 9.69
CA PRO D 329 4.30 19.18 8.31
C PRO D 329 5.44 18.55 7.52
N THR D 330 5.15 17.39 6.93
CA THR D 330 6.16 16.62 6.22
C THR D 330 5.56 16.01 4.95
N ALA D 331 6.44 15.71 4.00
CA ALA D 331 6.07 15.09 2.74
C ALA D 331 6.90 13.82 2.55
N TRP D 332 6.21 12.72 2.24
CA TRP D 332 6.78 11.38 2.28
C TRP D 332 6.75 10.75 0.89
N ASP D 333 7.93 10.45 0.36
CA ASP D 333 8.06 9.49 -0.73
C ASP D 333 8.46 8.17 -0.07
N LEU D 334 7.49 7.28 0.11
CA LEU D 334 7.71 6.03 0.84
C LEU D 334 8.24 4.91 -0.04
N GLY D 335 8.23 5.08 -1.35
CA GLY D 335 8.48 3.99 -2.26
C GLY D 335 7.21 3.20 -2.56
N LYS D 336 7.33 2.30 -3.54
CA LYS D 336 6.20 1.50 -4.03
C LYS D 336 5.02 2.39 -4.44
N GLY D 337 5.32 3.61 -4.88
CA GLY D 337 4.29 4.55 -5.30
C GLY D 337 3.34 4.97 -4.20
N ASP D 338 3.81 4.99 -2.95
CA ASP D 338 3.00 5.37 -1.80
C ASP D 338 3.45 6.75 -1.34
N PHE D 339 2.62 7.76 -1.58
CA PHE D 339 2.93 9.14 -1.29
C PHE D 339 1.94 9.67 -0.26
N ARG D 340 2.45 10.17 0.87
CA ARG D 340 1.63 10.59 1.99
C ARG D 340 2.13 11.94 2.51
N ILE D 341 1.21 12.68 3.14
CA ILE D 341 1.53 13.92 3.82
C ILE D 341 1.07 13.81 5.26
N LEU D 342 1.96 14.12 6.19
CA LEU D 342 1.64 14.21 7.62
C LEU D 342 1.66 15.68 8.00
N MET D 343 0.48 16.24 8.25
CA MET D 343 0.34 17.67 8.53
C MET D 343 -0.88 17.87 9.42
N CYS D 344 -0.66 18.33 10.64
CA CYS D 344 -1.76 18.83 11.48
C CYS D 344 -2.11 20.22 10.99
N THR D 345 -3.27 20.35 10.34
CA THR D 345 -3.66 21.57 9.66
C THR D 345 -4.91 22.16 10.28
N LYS D 346 -4.94 23.49 10.35
CA LYS D 346 -6.09 24.24 10.84
C LYS D 346 -6.55 25.17 9.72
N VAL D 347 -7.84 25.52 9.73
CA VAL D 347 -8.39 26.39 8.69
C VAL D 347 -7.78 27.78 8.86
N THR D 348 -6.59 27.96 8.31
CA THR D 348 -5.88 29.23 8.39
C THR D 348 -5.32 29.58 7.02
N MET D 349 -5.07 30.87 6.81
CA MET D 349 -4.34 31.31 5.62
C MET D 349 -2.94 30.72 5.59
N ASP D 350 -2.37 30.45 6.77
CA ASP D 350 -0.98 30.01 6.83
C ASP D 350 -0.83 28.52 6.57
N ASP D 351 -1.82 27.71 6.96
CA ASP D 351 -1.79 26.29 6.65
C ASP D 351 -2.28 25.99 5.24
N PHE D 352 -3.26 26.78 4.74
CA PHE D 352 -3.65 26.67 3.35
C PHE D 352 -2.46 26.79 2.42
N LEU D 353 -1.57 27.74 2.70
CA LEU D 353 -0.38 27.94 1.86
C LEU D 353 0.67 26.87 2.13
N THR D 354 0.75 26.37 3.36
CA THR D 354 1.63 25.25 3.65
C THR D 354 1.18 23.99 2.92
N ALA D 355 -0.14 23.82 2.78
CA ALA D 355 -0.67 22.70 2.01
C ALA D 355 -0.13 22.71 0.59
N HIS D 356 -0.16 23.87 -0.05
CA HIS D 356 0.39 23.99 -1.40
C HIS D 356 1.90 23.72 -1.42
N HIS D 357 2.60 24.15 -0.36
CA HIS D 357 4.04 23.88 -0.27
C HIS D 357 4.30 22.38 -0.15
N GLU D 358 3.73 21.75 0.87
CA GLU D 358 4.02 20.33 1.11
C GLU D 358 3.46 19.44 0.00
N MET D 359 2.32 19.82 -0.58
CA MET D 359 1.81 19.08 -1.73
C MET D 359 2.70 19.29 -2.96
N GLY D 360 3.32 20.46 -3.07
CA GLY D 360 4.28 20.69 -4.14
C GLY D 360 5.46 19.74 -4.05
N HIS D 361 5.90 19.42 -2.83
CA HIS D 361 6.88 18.37 -2.63
C HIS D 361 6.42 17.07 -3.26
N ILE D 362 5.16 16.68 -2.98
CA ILE D 362 4.65 15.39 -3.42
C ILE D 362 4.57 15.34 -4.95
N GLN D 363 4.08 16.40 -5.57
CA GLN D 363 4.02 16.45 -7.03
C GLN D 363 5.40 16.24 -7.63
N TYR D 364 6.42 16.87 -7.04
CA TYR D 364 7.79 16.61 -7.46
C TYR D 364 8.18 15.17 -7.14
N ASP D 365 7.87 14.71 -5.93
CA ASP D 365 8.15 13.33 -5.55
C ASP D 365 7.52 12.33 -6.52
N MET D 366 6.31 12.62 -6.98
CA MET D 366 5.63 11.68 -7.87
C MET D 366 6.19 11.74 -9.29
N ALA D 367 6.55 12.94 -9.75
CA ALA D 367 7.01 13.08 -11.13
C ALA D 367 8.34 12.38 -11.36
N TYR D 368 9.28 12.51 -10.42
CA TYR D 368 10.55 11.81 -10.58
C TYR D 368 10.51 10.34 -10.15
N ALA D 369 9.37 9.83 -9.69
CA ALA D 369 9.29 8.42 -9.33
C ALA D 369 9.62 7.51 -10.50
N ALA D 370 9.51 8.00 -11.74
CA ALA D 370 9.88 7.23 -12.91
C ALA D 370 11.38 6.99 -13.01
N GLN D 371 12.20 7.68 -12.21
CA GLN D 371 13.64 7.52 -12.25
C GLN D 371 14.10 6.37 -11.38
N PRO D 372 15.29 5.84 -11.62
CA PRO D 372 15.83 4.81 -10.73
C PRO D 372 15.89 5.29 -9.29
N PHE D 373 15.74 4.32 -8.37
CA PHE D 373 15.72 4.60 -6.93
C PHE D 373 16.84 5.55 -6.51
N LEU D 374 18.06 5.29 -6.98
CA LEU D 374 19.20 6.10 -6.59
C LEU D 374 19.16 7.50 -7.20
N LEU D 375 18.38 7.71 -8.26
CA LEU D 375 18.34 8.98 -8.96
C LEU D 375 17.04 9.74 -8.72
N ARG D 376 16.17 9.23 -7.85
CA ARG D 376 14.87 9.87 -7.69
C ARG D 376 15.00 11.25 -7.03
N ASN D 377 15.66 11.32 -5.87
CA ASN D 377 15.66 12.54 -5.05
C ASN D 377 15.97 13.82 -5.84
N GLY D 378 15.57 14.96 -5.29
CA GLY D 378 15.70 16.25 -5.94
C GLY D 378 17.00 16.55 -6.66
N ALA D 379 16.92 17.27 -7.77
CA ALA D 379 18.13 17.64 -8.50
C ALA D 379 19.12 18.38 -7.60
N ASN D 380 18.63 19.02 -6.55
CA ASN D 380 19.50 19.71 -5.59
C ASN D 380 18.71 19.94 -4.30
N GLU D 381 19.46 20.21 -3.22
CA GLU D 381 18.83 20.64 -1.97
C GLU D 381 17.78 21.70 -2.23
N GLY D 382 18.15 22.76 -2.95
CA GLY D 382 17.26 23.89 -3.13
C GLY D 382 16.08 23.61 -4.03
N PHE D 383 16.24 22.72 -5.02
CA PHE D 383 15.13 22.40 -5.91
C PHE D 383 13.91 21.90 -5.15
N HIS D 384 14.11 21.01 -4.18
CA HIS D 384 12.97 20.36 -3.54
C HIS D 384 12.13 21.37 -2.77
N GLU D 385 12.78 22.25 -2.02
CA GLU D 385 12.04 23.29 -1.31
C GLU D 385 11.54 24.38 -2.25
N ALA D 386 12.29 24.69 -3.31
CA ALA D 386 11.89 25.75 -4.21
C ALA D 386 10.59 25.41 -4.94
N VAL D 387 10.41 24.13 -5.29
CA VAL D 387 9.18 23.72 -5.96
C VAL D 387 7.97 23.93 -5.06
N GLY D 388 8.10 23.63 -3.77
CA GLY D 388 7.00 23.87 -2.84
C GLY D 388 6.72 25.34 -2.64
N GLU D 389 7.78 26.17 -2.64
CA GLU D 389 7.60 27.60 -2.44
C GLU D 389 6.85 28.26 -3.59
N ILE D 390 7.14 27.84 -4.82
CA ILE D 390 6.47 28.39 -6.00
C ILE D 390 4.97 28.33 -5.83
N MET D 391 4.48 27.16 -5.40
CA MET D 391 3.04 26.92 -5.37
C MET D 391 2.36 27.81 -4.35
N SER D 392 2.97 27.94 -3.16
CA SER D 392 2.46 28.88 -2.16
C SER D 392 2.55 30.32 -2.66
N LEU D 393 3.69 30.69 -3.23
CA LEU D 393 3.88 32.03 -3.78
C LEU D 393 2.79 32.36 -4.80
N SER D 394 2.51 31.42 -5.70
CA SER D 394 1.45 31.62 -6.68
C SER D 394 0.08 31.67 -6.00
N ALA D 395 -0.21 30.70 -5.14
CA ALA D 395 -1.54 30.61 -4.54
C ALA D 395 -1.83 31.76 -3.58
N ALA D 396 -0.80 32.45 -3.10
CA ALA D 396 -1.01 33.46 -2.07
C ALA D 396 -1.38 34.83 -2.63
N THR D 397 -1.31 35.02 -3.94
CA THR D 397 -1.61 36.32 -4.51
C THR D 397 -3.07 36.69 -4.25
N PRO D 398 -3.38 37.96 -3.99
CA PRO D 398 -4.78 38.35 -3.80
C PRO D 398 -5.64 38.08 -5.02
N LYS D 399 -5.04 38.04 -6.21
CA LYS D 399 -5.78 37.68 -7.40
C LYS D 399 -6.23 36.23 -7.35
N HIS D 400 -5.38 35.34 -6.83
CA HIS D 400 -5.75 33.93 -6.72
C HIS D 400 -6.85 33.72 -5.69
N LEU D 401 -6.70 34.31 -4.50
CA LEU D 401 -7.67 34.09 -3.43
C LEU D 401 -9.04 34.64 -3.79
N LYS D 402 -9.09 35.68 -4.62
CA LYS D 402 -10.37 36.23 -5.05
C LYS D 402 -11.16 35.21 -5.88
N SER D 403 -10.44 34.41 -6.68
CA SER D 403 -11.11 33.46 -7.56
C SER D 403 -11.54 32.18 -6.84
N ILE D 404 -10.83 31.80 -5.78
CA ILE D 404 -11.25 30.65 -4.98
C ILE D 404 -12.60 30.94 -4.31
N GLY D 405 -12.78 32.16 -3.82
CA GLY D 405 -13.99 32.51 -3.11
C GLY D 405 -13.69 32.94 -1.68
N LEU D 406 -12.42 33.17 -1.40
CA LEU D 406 -12.01 33.61 -0.07
C LEU D 406 -12.07 35.12 0.09
N LEU D 407 -11.93 35.86 -1.02
CA LEU D 407 -12.00 37.31 -1.02
C LEU D 407 -13.01 37.78 -2.05
N SER D 408 -13.73 38.85 -1.70
CA SER D 408 -14.63 39.55 -2.62
C SER D 408 -13.84 40.57 -3.42
N PRO D 409 -14.43 41.13 -4.48
CA PRO D 409 -13.71 42.15 -5.27
C PRO D 409 -13.18 43.28 -4.40
N ASP D 410 -11.99 43.78 -4.73
CA ASP D 410 -11.32 44.76 -3.89
C ASP D 410 -10.72 45.75 -4.90
N ASP D 414 -4.16 49.02 -5.94
CA ASP D 414 -4.03 49.65 -4.63
C ASP D 414 -2.56 49.62 -4.20
N ASN D 415 -1.97 50.81 -4.06
CA ASN D 415 -0.55 50.90 -3.73
C ASN D 415 -0.24 50.27 -2.38
N GLU D 416 -1.17 50.36 -1.44
CA GLU D 416 -0.93 49.87 -0.09
C GLU D 416 -1.17 48.38 0.05
N THR D 417 -1.98 47.78 -0.84
CA THR D 417 -2.09 46.33 -0.87
C THR D 417 -0.78 45.68 -1.25
N GLU D 418 -0.13 46.21 -2.29
CA GLU D 418 1.16 45.67 -2.73
C GLU D 418 2.20 45.75 -1.62
N ILE D 419 2.20 46.84 -0.87
CA ILE D 419 3.20 47.02 0.18
C ILE D 419 2.90 46.11 1.37
N ASN D 420 1.63 46.04 1.78
CA ASN D 420 1.26 45.17 2.89
C ASN D 420 1.52 43.70 2.56
N PHE D 421 1.30 43.32 1.29
CA PHE D 421 1.57 41.95 0.86
C PHE D 421 3.07 41.67 0.83
N LEU D 422 3.83 42.52 0.13
CA LEU D 422 5.25 42.26 -0.06
C LEU D 422 6.00 42.28 1.27
N LEU D 423 5.49 42.99 2.26
CA LEU D 423 6.17 43.02 3.56
C LEU D 423 6.06 41.66 4.26
N LYS D 424 4.84 41.12 4.36
CA LYS D 424 4.68 39.79 4.96
C LYS D 424 5.50 38.75 4.21
N GLN D 425 5.68 38.93 2.91
CA GLN D 425 6.57 38.06 2.14
C GLN D 425 8.02 38.29 2.54
N ALA D 426 8.46 39.55 2.56
CA ALA D 426 9.86 39.85 2.81
C ALA D 426 10.26 39.50 4.24
N LEU D 427 9.37 39.73 5.19
CA LEU D 427 9.65 39.36 6.58
C LEU D 427 9.95 37.88 6.70
N THR D 428 9.28 37.06 5.88
CA THR D 428 9.52 35.62 5.87
C THR D 428 10.71 35.26 4.98
N ILE D 429 10.86 35.96 3.87
CA ILE D 429 11.87 35.62 2.86
C ILE D 429 13.18 36.33 3.15
N VAL D 430 13.15 37.66 3.19
CA VAL D 430 14.37 38.45 3.36
C VAL D 430 14.89 38.30 4.78
N GLY D 431 14.02 37.99 5.75
CA GLY D 431 14.50 37.74 7.10
C GLY D 431 15.29 36.45 7.22
N THR D 432 14.98 35.46 6.38
CA THR D 432 15.61 34.15 6.51
C THR D 432 16.97 34.11 5.84
N LEU D 433 17.13 34.83 4.73
CA LEU D 433 18.36 34.79 3.93
C LEU D 433 19.61 35.08 4.76
N PRO D 434 19.69 36.20 5.50
CA PRO D 434 20.92 36.45 6.28
C PRO D 434 21.02 35.63 7.55
N PHE D 435 19.91 35.20 8.13
CA PHE D 435 19.98 34.25 9.24
C PHE D 435 20.61 32.94 8.78
N THR D 436 20.18 32.45 7.61
CA THR D 436 20.70 31.20 7.09
C THR D 436 22.19 31.30 6.78
N TYR D 437 22.60 32.33 6.04
CA TYR D 437 24.01 32.51 5.70
C TYR D 437 24.87 32.66 6.95
N MET D 438 24.37 33.39 7.95
CA MET D 438 25.09 33.53 9.21
C MET D 438 25.35 32.17 9.85
N LEU D 439 24.31 31.34 9.95
CA LEU D 439 24.44 30.05 10.61
C LEU D 439 25.44 29.15 9.89
N GLU D 440 25.34 29.08 8.56
CA GLU D 440 26.20 28.18 7.80
C GLU D 440 27.64 28.66 7.77
N LYS D 441 27.87 29.97 7.77
CA LYS D 441 29.26 30.44 7.80
C LYS D 441 29.92 30.15 9.14
N TRP D 442 29.14 30.08 10.22
CA TRP D 442 29.71 29.62 11.48
C TRP D 442 30.01 28.13 11.42
N ARG D 443 29.07 27.35 10.88
CA ARG D 443 29.26 25.91 10.80
C ARG D 443 30.42 25.56 9.88
N TRP D 444 30.48 26.19 8.70
CA TRP D 444 31.61 25.94 7.79
C TRP D 444 32.94 26.25 8.47
N MET D 445 33.01 27.33 9.24
CA MET D 445 34.28 27.73 9.85
C MET D 445 34.57 26.95 11.12
N VAL D 446 33.55 26.45 11.81
CA VAL D 446 33.78 25.56 12.94
C VAL D 446 34.29 24.21 12.45
N PHE D 447 33.66 23.65 11.41
CA PHE D 447 34.13 22.38 10.87
C PHE D 447 35.57 22.48 10.37
N LYS D 448 35.93 23.61 9.77
CA LYS D 448 37.29 23.80 9.28
C LYS D 448 38.29 24.09 10.38
N GLY D 449 37.84 24.38 11.60
CA GLY D 449 38.75 24.82 12.63
C GLY D 449 39.14 26.27 12.53
N GLU D 450 38.57 27.01 11.58
CA GLU D 450 38.81 28.46 11.51
C GLU D 450 38.22 29.17 12.71
N ILE D 451 37.31 28.53 13.44
CA ILE D 451 36.83 29.03 14.73
C ILE D 451 37.29 28.05 15.81
N PRO D 452 38.35 28.35 16.54
CA PRO D 452 38.83 27.43 17.57
C PRO D 452 37.92 27.44 18.79
N LYS D 453 38.08 26.40 19.62
CA LYS D 453 37.21 26.24 20.79
C LYS D 453 37.34 27.40 21.77
N ASP D 454 38.42 28.17 21.71
CA ASP D 454 38.53 29.36 22.55
C ASP D 454 37.47 30.40 22.20
N GLN D 455 36.83 30.31 21.02
CA GLN D 455 36.07 31.43 20.48
C GLN D 455 34.73 31.02 19.88
N TRP D 456 34.22 29.82 20.19
CA TRP D 456 33.01 29.35 19.52
C TRP D 456 31.85 30.33 19.69
N MET D 457 31.49 30.66 20.94
CA MET D 457 30.38 31.56 21.16
C MET D 457 30.76 33.02 20.91
N LYS D 458 32.05 33.35 20.98
CA LYS D 458 32.50 34.68 20.61
C LYS D 458 32.16 34.99 19.17
N LYS D 459 32.45 34.06 18.25
CA LYS D 459 32.21 34.31 16.84
C LYS D 459 30.73 34.21 16.48
N TRP D 460 29.99 33.36 17.22
CA TRP D 460 28.55 33.26 16.98
C TRP D 460 27.87 34.60 17.21
N TRP D 461 28.23 35.30 18.28
CA TRP D 461 27.59 36.58 18.58
C TRP D 461 28.13 37.69 17.69
N GLU D 462 29.43 37.65 17.38
CA GLU D 462 29.99 38.63 16.45
C GLU D 462 29.31 38.54 15.08
N MET D 463 29.22 37.32 14.54
CA MET D 463 28.71 37.15 13.18
C MET D 463 27.25 37.58 13.08
N LYS D 464 26.48 37.44 14.16
CA LYS D 464 25.12 37.93 14.15
C LYS D 464 25.08 39.45 14.10
N ARG D 465 25.95 40.12 14.85
CA ARG D 465 26.00 41.57 14.77
C ARG D 465 26.46 42.03 13.39
N GLU D 466 27.50 41.40 12.84
CA GLU D 466 28.05 41.86 11.57
C GLU D 466 27.09 41.59 10.42
N ILE D 467 26.35 40.50 10.48
CA ILE D 467 25.55 40.06 9.33
C ILE D 467 24.09 40.49 9.47
N VAL D 468 23.41 39.97 10.49
CA VAL D 468 21.97 40.22 10.63
C VAL D 468 21.64 41.42 11.51
N GLY D 469 22.62 42.01 12.17
CA GLY D 469 22.35 43.11 13.08
C GLY D 469 21.44 42.71 14.22
N VAL D 470 21.78 41.61 14.89
CA VAL D 470 21.00 41.05 15.99
C VAL D 470 21.95 40.71 17.13
N VAL D 471 21.59 41.13 18.34
CA VAL D 471 22.45 40.93 19.50
C VAL D 471 21.76 39.99 20.49
N GLU D 472 22.57 39.35 21.30
CA GLU D 472 22.15 38.44 22.36
C GLU D 472 21.99 39.22 23.65
N PRO D 473 20.80 39.14 24.28
CA PRO D 473 20.51 40.00 25.43
C PRO D 473 21.40 39.73 26.64
N VAL D 474 22.08 38.60 26.70
CA VAL D 474 23.02 38.30 27.78
C VAL D 474 24.36 37.93 27.16
N PRO D 475 25.45 38.05 27.93
CA PRO D 475 26.70 37.41 27.51
C PRO D 475 26.58 35.90 27.70
N HIS D 476 27.12 35.15 26.73
CA HIS D 476 27.00 33.70 26.75
C HIS D 476 28.29 33.02 27.16
N ASP D 477 28.16 32.08 28.09
CA ASP D 477 29.23 31.16 28.44
C ASP D 477 29.43 30.14 27.33
N GLU D 478 30.67 29.63 27.22
CA GLU D 478 30.97 28.66 26.18
C GLU D 478 30.14 27.39 26.34
N THR D 479 29.85 27.00 27.58
CA THR D 479 29.12 25.77 27.85
C THR D 479 27.63 26.01 28.10
N TYR D 480 27.26 27.10 28.79
CA TYR D 480 25.85 27.37 29.05
C TYR D 480 25.00 27.40 27.77
N CYS D 481 25.53 27.97 26.69
CA CYS D 481 24.73 28.23 25.52
C CYS D 481 25.48 27.83 24.25
N ASP D 482 24.71 27.51 23.21
CA ASP D 482 25.25 26.98 21.97
C ASP D 482 24.22 27.09 20.87
N PRO D 483 24.64 27.44 19.64
CA PRO D 483 23.67 27.49 18.53
C PRO D 483 23.15 26.12 18.12
N ALA D 484 23.72 25.03 18.65
CA ALA D 484 23.17 23.70 18.41
C ALA D 484 21.74 23.55 18.91
N SER D 485 21.21 24.54 19.61
CA SER D 485 19.82 24.53 20.06
C SER D 485 18.83 24.41 18.92
N LEU D 486 19.23 24.69 17.68
CA LEU D 486 18.33 24.55 16.54
C LEU D 486 18.31 23.10 16.08
N PHE D 487 17.14 22.63 15.65
CA PHE D 487 17.00 21.26 15.17
C PHE D 487 17.98 20.98 14.04
N HIS D 488 18.08 21.89 13.08
CA HIS D 488 18.88 21.70 11.88
C HIS D 488 20.38 21.65 12.18
N VAL D 489 20.77 21.83 13.43
CA VAL D 489 22.16 21.69 13.85
C VAL D 489 22.34 20.49 14.78
N SER D 490 21.41 20.28 15.70
CA SER D 490 21.40 19.06 16.51
C SER D 490 21.28 17.82 15.61
N ASN D 491 20.36 17.86 14.66
CA ASN D 491 20.24 16.80 13.66
C ASN D 491 21.04 17.21 12.43
N ASP D 492 21.67 16.21 11.80
CA ASP D 492 22.65 16.48 10.74
C ASP D 492 21.94 16.89 9.46
N TYR D 493 21.54 18.16 9.41
CA TYR D 493 21.10 18.80 8.19
C TYR D 493 22.09 19.89 7.81
N SER D 494 22.17 20.16 6.50
CA SER D 494 22.66 21.46 6.09
C SER D 494 21.52 22.47 6.20
N PHE D 495 21.89 23.75 6.24
CA PHE D 495 20.92 24.81 6.38
C PHE D 495 20.94 25.80 5.23
N ILE D 496 22.03 25.82 4.43
CA ILE D 496 22.23 26.80 3.38
C ILE D 496 21.22 26.65 2.24
N ARG D 497 20.55 25.51 2.15
CA ARG D 497 19.60 25.28 1.06
C ARG D 497 18.49 26.33 1.05
N TYR D 498 18.17 26.90 2.21
CA TYR D 498 17.07 27.87 2.29
C TYR D 498 17.49 29.21 1.69
N TYR D 499 18.76 29.59 1.88
CA TYR D 499 19.31 30.70 1.12
C TYR D 499 19.23 30.43 -0.38
N THR D 500 19.47 29.18 -0.77
CA THR D 500 19.54 28.83 -2.19
C THR D 500 18.15 28.72 -2.81
N ARG D 501 17.22 28.07 -2.11
CA ARG D 501 15.88 27.90 -2.68
C ARG D 501 15.25 29.25 -3.04
N THR D 502 15.52 30.28 -2.23
CA THR D 502 14.91 31.58 -2.45
C THR D 502 15.34 32.17 -3.78
N LEU D 503 16.63 32.00 -4.12
CA LEU D 503 17.12 32.48 -5.40
C LEU D 503 16.55 31.63 -6.54
N TYR D 504 16.48 30.31 -6.36
CA TYR D 504 15.83 29.45 -7.35
C TYR D 504 14.35 29.82 -7.50
N GLN D 505 13.64 29.84 -6.38
CA GLN D 505 12.19 30.07 -6.31
C GLN D 505 11.72 31.17 -7.23
N PHE D 506 12.46 32.29 -7.25
CA PHE D 506 12.04 33.44 -8.03
C PHE D 506 12.63 33.45 -9.43
N GLN D 507 13.73 32.72 -9.66
CA GLN D 507 14.13 32.41 -11.02
C GLN D 507 13.08 31.53 -11.70
N PHE D 508 12.58 30.54 -10.96
CA PHE D 508 11.49 29.72 -11.48
C PHE D 508 10.26 30.57 -11.75
N GLN D 509 9.89 31.43 -10.80
CA GLN D 509 8.64 32.17 -10.89
C GLN D 509 8.63 33.12 -12.08
N GLU D 510 9.75 33.82 -12.32
CA GLU D 510 9.81 34.70 -13.48
C GLU D 510 9.62 33.92 -14.78
N ALA D 511 10.42 32.86 -14.97
CA ALA D 511 10.34 32.09 -16.19
C ALA D 511 8.95 31.50 -16.40
N LEU D 512 8.34 31.01 -15.33
CA LEU D 512 6.97 30.48 -15.45
C LEU D 512 5.98 31.59 -15.78
N CYS D 513 6.17 32.77 -15.17
CA CYS D 513 5.29 33.89 -15.50
C CYS D 513 5.50 34.36 -16.93
N GLN D 514 6.73 34.27 -17.44
CA GLN D 514 6.96 34.53 -18.87
C GLN D 514 6.21 33.52 -19.74
N ALA D 515 6.28 32.24 -19.38
CA ALA D 515 5.61 31.21 -20.15
C ALA D 515 4.09 31.37 -20.08
N ALA D 516 3.56 31.66 -18.90
CA ALA D 516 2.15 31.95 -18.77
C ALA D 516 1.82 33.28 -19.45
N LYS D 517 0.53 33.58 -19.55
CA LYS D 517 0.08 34.84 -20.12
C LYS D 517 0.11 35.98 -19.11
N HIS D 518 0.63 35.74 -17.91
CA HIS D 518 0.69 36.77 -16.89
C HIS D 518 1.74 37.82 -17.21
N GLU D 519 1.56 38.99 -16.60
CA GLU D 519 2.50 40.10 -16.69
C GLU D 519 2.26 41.00 -15.48
N GLY D 520 3.05 42.06 -15.38
CA GLY D 520 3.05 42.90 -14.21
C GLY D 520 3.96 42.32 -13.13
N PRO D 521 3.90 42.88 -11.93
CA PRO D 521 4.76 42.37 -10.85
C PRO D 521 4.49 40.91 -10.56
N LEU D 522 5.52 40.21 -10.08
CA LEU D 522 5.35 38.82 -9.66
C LEU D 522 4.29 38.72 -8.57
N HIS D 523 4.09 39.79 -7.80
CA HIS D 523 2.98 39.88 -6.86
C HIS D 523 1.64 39.63 -7.53
N LYS D 524 1.51 39.97 -8.81
CA LYS D 524 0.26 39.86 -9.54
C LYS D 524 0.17 38.58 -10.38
N CYS D 525 1.10 37.63 -10.21
CA CYS D 525 1.21 36.48 -11.09
C CYS D 525 0.95 35.19 -10.32
N ASP D 526 -0.12 34.49 -10.69
CA ASP D 526 -0.40 33.16 -10.16
C ASP D 526 -0.65 32.21 -11.32
N ILE D 527 -0.11 30.99 -11.21
CA ILE D 527 -0.09 30.04 -12.33
C ILE D 527 -1.36 29.20 -12.20
N SER D 528 -2.47 29.76 -12.67
CA SER D 528 -3.75 29.07 -12.67
C SER D 528 -4.24 28.91 -14.11
N ASN D 529 -4.70 27.70 -14.44
CA ASN D 529 -5.23 27.35 -15.77
C ASN D 529 -4.14 27.34 -16.84
N SER D 530 -2.93 27.80 -16.51
CA SER D 530 -1.84 27.86 -17.47
C SER D 530 -1.22 26.48 -17.60
N THR D 531 -1.84 25.66 -18.46
CA THR D 531 -1.32 24.32 -18.70
C THR D 531 0.06 24.37 -19.36
N GLU D 532 0.37 25.44 -20.09
CA GLU D 532 1.70 25.58 -20.68
C GLU D 532 2.76 25.70 -19.61
N ALA D 533 2.64 26.70 -18.73
CA ALA D 533 3.60 26.88 -17.66
C ALA D 533 3.74 25.63 -16.78
N GLY D 534 2.65 24.88 -16.62
CA GLY D 534 2.73 23.65 -15.86
C GLY D 534 3.53 22.58 -16.57
N GLN D 535 3.31 22.41 -17.88
CA GLN D 535 4.15 21.50 -18.67
C GLN D 535 5.60 21.92 -18.62
N LYS D 536 5.85 23.24 -18.58
CA LYS D 536 7.23 23.74 -18.57
C LYS D 536 7.97 23.29 -17.32
N LEU D 537 7.32 23.37 -16.16
CA LEU D 537 7.97 22.92 -14.92
C LEU D 537 8.01 21.40 -14.82
N PHE D 538 6.93 20.73 -15.24
CA PHE D 538 6.87 19.28 -15.16
C PHE D 538 8.02 18.63 -15.91
N ASN D 539 8.47 19.24 -17.01
CA ASN D 539 9.55 18.67 -17.80
C ASN D 539 10.86 18.64 -17.02
N MET D 540 10.94 19.38 -15.91
CA MET D 540 12.07 19.32 -15.00
C MET D 540 11.78 18.48 -13.76
N LEU D 541 10.53 18.50 -13.29
CA LEU D 541 10.18 17.83 -12.04
C LEU D 541 10.52 16.34 -12.11
N ARG D 542 10.48 15.76 -13.29
CA ARG D 542 10.67 14.32 -13.47
C ARG D 542 12.12 13.89 -13.36
N LEU D 543 13.07 14.82 -13.53
CA LEU D 543 14.44 14.43 -13.82
C LEU D 543 15.20 13.92 -12.61
N GLY D 544 14.77 14.29 -11.39
CA GLY D 544 15.48 13.87 -10.20
C GLY D 544 16.94 14.28 -10.24
N LYS D 545 17.82 13.35 -9.89
CA LYS D 545 19.26 13.55 -10.00
C LYS D 545 19.85 12.94 -11.26
N SER D 546 19.02 12.39 -12.14
CA SER D 546 19.52 11.80 -13.39
C SER D 546 20.26 12.82 -14.24
N GLU D 547 20.10 14.11 -13.97
CA GLU D 547 20.73 15.18 -14.72
C GLU D 547 21.12 16.24 -13.69
N PRO D 548 22.33 16.77 -13.74
CA PRO D 548 22.77 17.70 -12.69
C PRO D 548 21.93 18.97 -12.66
N TRP D 549 21.91 19.59 -11.48
CA TRP D 549 21.03 20.73 -11.21
C TRP D 549 21.32 21.91 -12.13
N THR D 550 22.57 22.12 -12.53
CA THR D 550 22.88 23.25 -13.41
C THR D 550 22.15 23.15 -14.74
N LEU D 551 21.93 21.92 -15.22
CA LEU D 551 21.16 21.73 -16.45
C LEU D 551 19.66 21.89 -16.21
N ALA D 552 19.16 21.44 -15.05
CA ALA D 552 17.75 21.61 -14.74
C ALA D 552 17.37 23.08 -14.73
N LEU D 553 18.27 23.95 -14.26
CA LEU D 553 18.02 25.39 -14.33
C LEU D 553 18.06 25.88 -15.77
N GLU D 554 18.96 25.32 -16.59
CA GLU D 554 19.06 25.76 -17.98
C GLU D 554 17.78 25.47 -18.75
N ASN D 555 17.13 24.33 -18.46
CA ASN D 555 15.93 23.96 -19.20
C ASN D 555 14.76 24.85 -18.83
N VAL D 556 14.61 25.17 -17.54
CA VAL D 556 13.45 25.92 -17.07
C VAL D 556 13.69 27.42 -17.11
N VAL D 557 14.74 27.87 -16.42
CA VAL D 557 14.94 29.32 -16.24
C VAL D 557 15.62 29.94 -17.45
N GLY D 558 16.69 29.32 -17.93
CA GLY D 558 17.57 29.94 -18.88
C GLY D 558 18.90 30.37 -18.32
N ALA D 559 19.24 29.94 -17.10
CA ALA D 559 20.52 30.24 -16.48
C ALA D 559 21.05 28.97 -15.84
N LYS D 560 22.36 28.95 -15.57
CA LYS D 560 23.00 27.80 -14.95
C LYS D 560 23.23 27.97 -13.45
N ASN D 561 22.95 29.15 -12.90
CA ASN D 561 23.29 29.41 -11.52
C ASN D 561 22.26 30.34 -10.88
N MET D 562 22.41 30.53 -9.57
CA MET D 562 21.54 31.41 -8.80
C MET D 562 21.61 32.83 -9.36
N ASN D 563 20.46 33.51 -9.37
CA ASN D 563 20.38 34.90 -9.81
C ASN D 563 19.52 35.67 -8.82
N VAL D 564 20.08 36.75 -8.25
CA VAL D 564 19.35 37.54 -7.26
C VAL D 564 18.27 38.39 -7.92
N ARG D 565 18.49 38.84 -9.14
CA ARG D 565 17.62 39.84 -9.75
C ARG D 565 16.16 39.42 -9.83
N PRO D 566 15.81 38.15 -10.08
CA PRO D 566 14.39 37.77 -9.95
C PRO D 566 13.85 37.98 -8.54
N LEU D 567 14.68 37.76 -7.52
CA LEU D 567 14.27 38.01 -6.14
C LEU D 567 14.00 39.49 -5.90
N LEU D 568 14.95 40.35 -6.29
CA LEU D 568 14.78 41.79 -6.08
C LEU D 568 13.59 42.35 -6.84
N ASN D 569 13.27 41.76 -8.00
CA ASN D 569 12.13 42.24 -8.78
C ASN D 569 10.81 41.91 -8.09
N TYR D 570 10.80 40.88 -7.25
CA TYR D 570 9.59 40.59 -6.46
C TYR D 570 9.36 41.68 -5.42
N PHE D 571 10.44 42.20 -4.83
CA PHE D 571 10.35 43.15 -3.72
C PHE D 571 10.77 44.57 -4.10
N GLU D 572 10.82 44.89 -5.38
CA GLU D 572 11.30 46.23 -5.73
C GLU D 572 10.31 47.33 -5.37
N PRO D 573 8.99 47.14 -5.56
CA PRO D 573 8.05 48.12 -4.98
C PRO D 573 8.22 48.27 -3.48
N LEU D 574 8.68 47.22 -2.80
CA LEU D 574 8.88 47.29 -1.36
C LEU D 574 10.20 47.97 -1.00
N PHE D 575 11.26 47.68 -1.75
CA PHE D 575 12.56 48.31 -1.47
C PHE D 575 12.48 49.82 -1.57
N THR D 576 11.98 50.32 -2.70
CA THR D 576 11.88 51.77 -2.92
C THR D 576 11.10 52.42 -1.79
N TRP D 577 10.04 51.77 -1.33
CA TRP D 577 9.25 52.28 -0.21
C TRP D 577 10.03 52.24 1.09
N LEU D 578 10.80 51.17 1.33
CA LEU D 578 11.64 51.11 2.52
C LEU D 578 12.73 52.17 2.49
N LYS D 579 13.28 52.48 1.31
CA LYS D 579 14.20 53.61 1.21
C LYS D 579 13.47 54.93 1.37
N ASP D 580 12.22 54.99 0.92
CA ASP D 580 11.41 56.19 1.15
C ASP D 580 11.08 56.38 2.62
N GLN D 581 10.93 55.29 3.38
CA GLN D 581 10.51 55.36 4.76
C GLN D 581 11.65 55.59 5.75
N ASN D 582 12.91 55.63 5.30
CA ASN D 582 14.02 55.57 6.25
C ASN D 582 15.15 56.55 6.00
N LYS D 583 15.01 57.52 5.09
CA LYS D 583 16.13 58.43 4.89
C LYS D 583 16.32 59.34 6.10
N ASN D 584 15.24 59.79 6.72
CA ASN D 584 15.34 60.53 7.98
C ASN D 584 15.23 59.62 9.20
N SER D 585 15.41 58.31 9.02
CA SER D 585 15.59 57.35 10.08
C SER D 585 17.08 56.99 10.14
N PHE D 586 17.39 55.74 10.51
CA PHE D 586 18.76 55.27 10.46
C PHE D 586 18.79 53.83 9.95
N VAL D 587 19.55 53.60 8.88
CA VAL D 587 19.67 52.30 8.24
C VAL D 587 21.08 51.79 8.50
N GLY D 588 21.19 50.50 8.78
CA GLY D 588 22.44 49.92 9.27
C GLY D 588 22.44 49.83 10.78
N TRP D 589 23.60 49.47 11.32
CA TRP D 589 23.68 49.27 12.76
C TRP D 589 25.13 49.39 13.23
N SER D 590 25.27 49.56 14.53
CA SER D 590 26.57 49.50 15.21
C SER D 590 26.80 48.07 15.67
N THR D 591 27.90 47.48 15.21
CA THR D 591 28.29 46.14 15.65
C THR D 591 28.84 46.13 17.08
N ASP D 592 28.69 47.24 17.81
CA ASP D 592 29.18 47.34 19.18
C ASP D 592 28.07 47.36 20.21
N TRP D 593 26.81 47.59 19.80
CA TRP D 593 25.76 47.83 20.76
C TRP D 593 25.35 46.54 21.48
N SER D 594 25.00 46.69 22.76
CA SER D 594 24.53 45.59 23.58
C SER D 594 23.44 46.11 24.51
N PRO D 595 22.40 45.32 24.77
CA PRO D 595 21.50 45.56 25.90
C PRO D 595 22.12 45.08 27.21
N TYR D 596 23.38 45.46 27.43
CA TYR D 596 24.23 44.93 28.49
C TYR D 596 25.50 45.77 28.59
N GLU E 1 16.46 -28.77 -5.55
CA GLU E 1 17.84 -28.36 -5.84
C GLU E 1 17.90 -27.67 -7.20
N VAL E 2 19.02 -27.00 -7.48
CA VAL E 2 19.24 -26.43 -8.79
C VAL E 2 19.55 -27.56 -9.77
N GLN E 3 18.81 -27.58 -10.88
CA GLN E 3 18.91 -28.65 -11.86
C GLN E 3 18.75 -28.05 -13.25
N LEU E 4 19.69 -28.34 -14.13
CA LEU E 4 19.55 -28.02 -15.54
C LEU E 4 19.26 -29.30 -16.30
N VAL E 5 18.10 -29.34 -16.95
CA VAL E 5 17.61 -30.50 -17.68
C VAL E 5 17.78 -30.20 -19.16
N GLU E 6 18.09 -31.22 -19.96
CA GLU E 6 18.48 -30.96 -21.34
C GLU E 6 18.11 -32.13 -22.24
N SER E 7 17.61 -31.80 -23.43
CA SER E 7 17.16 -32.81 -24.38
C SER E 7 17.31 -32.28 -25.80
N GLY E 8 17.26 -33.19 -26.75
CA GLY E 8 17.35 -32.83 -28.15
C GLY E 8 17.52 -34.06 -29.00
N GLY E 9 17.65 -33.81 -30.31
CA GLY E 9 17.83 -34.90 -31.26
C GLY E 9 19.22 -35.51 -31.19
N GLY E 10 19.36 -36.64 -31.88
CA GLY E 10 20.63 -37.35 -31.90
C GLY E 10 21.24 -37.44 -33.28
N LEU E 11 20.44 -37.20 -34.31
CA LEU E 11 20.92 -37.33 -35.69
C LEU E 11 20.03 -36.53 -36.63
N VAL E 12 20.67 -35.70 -37.46
CA VAL E 12 20.04 -35.01 -38.58
C VAL E 12 21.03 -34.99 -39.74
N GLN E 13 20.50 -34.79 -40.95
CA GLN E 13 21.37 -34.75 -42.11
C GLN E 13 22.08 -33.41 -42.22
N PRO E 14 23.30 -33.40 -42.76
CA PRO E 14 24.00 -32.12 -42.98
C PRO E 14 23.20 -31.20 -43.88
N GLY E 15 23.30 -29.90 -43.59
CA GLY E 15 22.49 -28.90 -44.25
C GLY E 15 21.12 -28.69 -43.64
N GLY E 16 20.68 -29.58 -42.76
CA GLY E 16 19.39 -29.49 -42.13
C GLY E 16 19.40 -28.66 -40.86
N SER E 17 18.41 -28.91 -40.01
CA SER E 17 18.21 -28.11 -38.81
C SER E 17 17.74 -28.99 -37.65
N LEU E 18 17.88 -28.45 -36.45
CA LEU E 18 17.47 -29.15 -35.23
C LEU E 18 17.39 -28.14 -34.09
N ARG E 19 16.30 -28.17 -33.35
CA ARG E 19 16.15 -27.35 -32.15
C ARG E 19 16.45 -28.19 -30.91
N LEU E 20 17.35 -27.68 -30.09
CA LEU E 20 17.64 -28.26 -28.78
C LEU E 20 16.97 -27.41 -27.71
N SER E 21 16.85 -27.97 -26.51
CA SER E 21 16.21 -27.23 -25.44
C SER E 21 16.71 -27.72 -24.09
N CYS E 22 16.63 -26.81 -23.11
CA CYS E 22 16.96 -27.08 -21.72
C CYS E 22 15.85 -26.53 -20.83
N ALA E 23 15.40 -27.35 -19.88
CA ALA E 23 14.56 -26.89 -18.78
C ALA E 23 15.45 -26.60 -17.58
N ALA E 24 15.26 -25.42 -16.99
CA ALA E 24 15.99 -24.99 -15.80
C ALA E 24 15.06 -25.02 -14.59
N SER E 25 15.62 -25.30 -13.41
CA SER E 25 14.80 -25.44 -12.22
C SER E 25 15.63 -25.13 -10.98
N GLY E 26 14.93 -24.77 -9.89
CA GLY E 26 15.57 -24.51 -8.62
C GLY E 26 15.96 -23.08 -8.37
N PHE E 27 15.74 -22.16 -9.31
CA PHE E 27 16.24 -20.80 -9.19
C PHE E 27 15.42 -19.85 -10.04
N THR E 28 15.58 -18.55 -9.75
CA THR E 28 14.88 -17.50 -10.50
C THR E 28 15.45 -17.45 -11.92
N PHE E 29 14.81 -18.19 -12.83
CA PHE E 29 15.32 -18.32 -14.19
C PHE E 29 15.49 -16.97 -14.86
N ILE E 30 14.58 -16.02 -14.60
CA ILE E 30 14.60 -14.76 -15.32
C ILE E 30 15.74 -13.87 -14.82
N ASP E 31 16.13 -14.00 -13.55
CA ASP E 31 17.33 -13.30 -13.09
C ASP E 31 18.56 -13.75 -13.87
N TYR E 32 18.67 -15.04 -14.15
CA TYR E 32 19.88 -15.60 -14.75
C TYR E 32 19.84 -15.57 -16.28
N TYR E 33 21.00 -15.79 -16.86
CA TYR E 33 21.20 -15.79 -18.31
C TYR E 33 22.04 -17.00 -18.66
N MET E 34 21.59 -17.76 -19.65
CA MET E 34 22.08 -19.10 -19.91
C MET E 34 23.12 -19.12 -21.02
N ASN E 35 23.96 -20.15 -21.00
CA ASN E 35 24.98 -20.39 -22.02
C ASN E 35 24.68 -21.69 -22.75
N TRP E 36 25.12 -21.77 -24.00
CA TRP E 36 25.29 -23.03 -24.70
C TRP E 36 26.77 -23.31 -24.88
N VAL E 37 27.19 -24.53 -24.55
CA VAL E 37 28.55 -24.99 -24.73
C VAL E 37 28.50 -26.33 -25.46
N ARG E 38 29.32 -26.47 -26.50
CA ARG E 38 29.38 -27.71 -27.25
C ARG E 38 30.79 -28.29 -27.20
N GLN E 39 30.87 -29.59 -27.43
CA GLN E 39 32.11 -30.35 -27.34
C GLN E 39 32.12 -31.37 -28.47
N ALA E 40 32.90 -31.09 -29.51
CA ALA E 40 33.10 -32.05 -30.58
C ALA E 40 33.61 -33.37 -29.99
N PRO E 41 33.22 -34.50 -30.56
CA PRO E 41 33.46 -35.80 -29.92
C PRO E 41 34.90 -36.05 -29.49
N GLY E 42 35.86 -35.52 -30.24
CA GLY E 42 37.26 -35.68 -29.88
C GLY E 42 37.95 -34.42 -29.42
N LYS E 43 37.19 -33.38 -29.04
CA LYS E 43 37.76 -32.09 -28.70
C LYS E 43 37.35 -31.64 -27.30
N GLY E 44 37.70 -30.40 -26.96
CA GLY E 44 37.31 -29.80 -25.71
C GLY E 44 36.04 -28.98 -25.84
N LEU E 45 35.91 -28.00 -24.95
CA LEU E 45 34.72 -27.17 -24.87
C LEU E 45 34.83 -25.96 -25.79
N GLU E 46 33.72 -25.64 -26.44
CA GLU E 46 33.62 -24.45 -27.28
C GLU E 46 32.34 -23.70 -26.93
N TRP E 47 32.47 -22.40 -26.70
CA TRP E 47 31.32 -21.56 -26.42
C TRP E 47 30.48 -21.35 -27.67
N VAL E 48 29.15 -21.43 -27.50
CA VAL E 48 28.22 -21.26 -28.63
C VAL E 48 27.61 -19.87 -28.57
N GLY E 49 26.99 -19.53 -27.44
CA GLY E 49 26.34 -18.24 -27.30
C GLY E 49 25.69 -18.14 -25.94
N PHE E 50 25.37 -16.90 -25.55
CA PHE E 50 24.59 -16.68 -24.34
C PHE E 50 23.48 -15.67 -24.62
N ILE E 51 22.67 -15.43 -23.59
CA ILE E 51 21.44 -14.66 -23.71
C ILE E 51 21.42 -13.46 -22.77
N ARG E 52 22.59 -13.02 -22.32
CA ARG E 52 22.69 -11.86 -21.44
C ARG E 52 22.89 -10.58 -22.25
N TYR E 58 18.19 -11.27 -22.00
CA TYR E 58 17.43 -10.35 -22.84
C TYR E 58 18.15 -9.97 -24.15
N THR E 59 19.39 -10.43 -24.30
CA THR E 59 20.17 -10.10 -25.49
C THR E 59 21.18 -11.20 -25.76
N THR E 60 21.20 -11.69 -27.01
CA THR E 60 22.07 -12.81 -27.38
C THR E 60 23.32 -12.32 -28.09
N GLU E 61 24.43 -13.01 -27.83
CA GLU E 61 25.71 -12.80 -28.50
C GLU E 61 26.25 -14.18 -28.87
N TYR E 62 26.25 -14.50 -30.16
CA TYR E 62 26.72 -15.80 -30.60
C TYR E 62 28.23 -15.78 -30.86
N SER E 63 28.83 -16.96 -30.79
CA SER E 63 30.24 -17.10 -31.11
C SER E 63 30.46 -16.93 -32.62
N THR E 64 31.71 -16.65 -32.98
CA THR E 64 32.05 -16.46 -34.39
C THR E 64 31.81 -17.74 -35.19
N SER E 65 32.07 -18.89 -34.60
CA SER E 65 31.96 -20.15 -35.32
C SER E 65 30.52 -20.42 -35.74
N VAL E 66 29.59 -20.33 -34.79
CA VAL E 66 28.18 -20.58 -35.11
C VAL E 66 27.58 -19.40 -35.88
N LYS E 67 28.01 -18.18 -35.54
CA LYS E 67 27.61 -16.93 -36.21
C LYS E 67 26.07 -16.90 -36.28
N GLY E 68 25.45 -16.78 -37.45
CA GLY E 68 24.02 -16.54 -37.50
C GLY E 68 23.20 -17.77 -37.82
N ARG E 69 23.86 -18.84 -38.27
CA ARG E 69 23.14 -20.09 -38.51
C ARG E 69 22.48 -20.59 -37.23
N PHE E 70 23.19 -20.49 -36.10
CA PHE E 70 22.66 -20.92 -34.81
C PHE E 70 21.93 -19.76 -34.16
N THR E 71 20.68 -19.99 -33.77
CA THR E 71 19.84 -18.97 -33.15
C THR E 71 19.35 -19.49 -31.80
N ILE E 72 19.46 -18.64 -30.77
CA ILE E 72 19.11 -19.01 -29.41
C ILE E 72 17.84 -18.26 -29.00
N SER E 73 16.98 -18.94 -28.25
CA SER E 73 15.73 -18.39 -27.78
C SER E 73 15.53 -18.81 -26.33
N ARG E 74 14.56 -18.17 -25.67
CA ARG E 74 14.26 -18.53 -24.29
C ARG E 74 12.79 -18.27 -23.99
N ASP E 75 12.22 -19.09 -23.11
CA ASP E 75 10.89 -18.91 -22.57
C ASP E 75 11.07 -18.53 -21.10
N ASN E 76 10.63 -17.31 -20.75
CA ASN E 76 10.89 -16.77 -19.42
C ASN E 76 9.95 -17.34 -18.36
N SER E 77 8.96 -18.14 -18.75
CA SER E 77 8.01 -18.72 -17.80
C SER E 77 8.13 -20.23 -17.68
N LYS E 78 8.46 -20.94 -18.75
CA LYS E 78 8.69 -22.38 -18.71
C LYS E 78 10.13 -22.72 -18.34
N ASN E 79 10.95 -21.70 -18.06
CA ASN E 79 12.34 -21.90 -17.64
C ASN E 79 13.10 -22.72 -18.68
N THR E 80 12.84 -22.45 -19.95
CA THR E 80 13.34 -23.28 -21.04
C THR E 80 14.22 -22.46 -21.98
N LEU E 81 15.44 -22.95 -22.20
CA LEU E 81 16.37 -22.39 -23.17
C LEU E 81 16.30 -23.21 -24.45
N TYR E 82 16.37 -22.53 -25.60
CA TYR E 82 16.32 -23.19 -26.89
C TYR E 82 17.52 -22.81 -27.74
N LEU E 83 18.03 -23.79 -28.47
CA LEU E 83 19.05 -23.58 -29.50
C LEU E 83 18.56 -24.22 -30.78
N GLN E 84 18.19 -23.42 -31.76
CA GLN E 84 17.85 -23.93 -33.08
C GLN E 84 19.03 -23.74 -34.02
N MET E 85 19.56 -24.85 -34.48
CA MET E 85 20.70 -24.91 -35.39
C MET E 85 20.12 -25.00 -36.80
N ASN E 86 20.09 -23.88 -37.52
CA ASN E 86 19.28 -23.79 -38.73
C ASN E 86 20.00 -24.26 -39.99
N SER E 87 21.34 -24.28 -40.01
CA SER E 87 22.09 -24.76 -41.17
C SER E 87 23.31 -25.50 -40.63
N LEU E 88 23.18 -26.82 -40.50
CA LEU E 88 24.17 -27.65 -39.86
C LEU E 88 25.25 -28.14 -40.83
N ARG E 89 26.45 -28.28 -40.29
CA ARG E 89 27.59 -28.84 -41.02
C ARG E 89 28.12 -30.01 -40.21
N ALA E 90 28.95 -30.84 -40.85
CA ALA E 90 29.52 -31.99 -40.17
C ALA E 90 30.37 -31.58 -38.98
N GLU E 91 30.96 -30.39 -39.04
CA GLU E 91 31.76 -29.89 -37.91
C GLU E 91 30.92 -29.67 -36.67
N ASP E 92 29.60 -29.53 -36.81
CA ASP E 92 28.73 -29.21 -35.69
C ASP E 92 28.41 -30.42 -34.81
N THR E 93 28.90 -31.60 -35.16
CA THR E 93 28.73 -32.77 -34.30
C THR E 93 29.39 -32.51 -32.95
N ALA E 94 28.59 -32.53 -31.89
CA ALA E 94 29.11 -32.18 -30.58
C ALA E 94 28.10 -32.56 -29.51
N VAL E 95 28.61 -32.76 -28.29
CA VAL E 95 27.76 -32.80 -27.10
C VAL E 95 27.48 -31.36 -26.69
N TYR E 96 26.21 -30.98 -26.71
CA TYR E 96 25.79 -29.63 -26.37
C TYR E 96 25.33 -29.59 -24.92
N TYR E 97 25.76 -28.56 -24.19
CA TYR E 97 25.42 -28.39 -22.79
C TYR E 97 24.71 -27.07 -22.56
N CYS E 98 23.93 -27.02 -21.48
CA CYS E 98 23.49 -25.76 -20.89
C CYS E 98 24.25 -25.51 -19.61
N ALA E 99 24.31 -24.24 -19.22
CA ALA E 99 25.04 -23.84 -18.03
C ALA E 99 24.50 -22.50 -17.55
N ARG E 100 24.69 -22.25 -16.26
CA ARG E 100 24.18 -21.06 -15.59
C ARG E 100 25.35 -20.17 -15.23
N HIS E 101 25.48 -19.03 -15.91
CA HIS E 101 26.54 -18.06 -15.69
C HIS E 101 25.94 -16.67 -15.55
N MET E 102 25.83 -16.20 -14.30
CA MET E 102 25.40 -14.83 -14.08
C MET E 102 26.47 -13.83 -14.51
N TYR E 103 27.73 -14.13 -14.25
CA TYR E 103 28.82 -13.22 -14.57
C TYR E 103 29.86 -13.91 -15.44
N ASP E 108 29.14 -22.78 -11.07
CA ASP E 108 28.19 -22.97 -12.16
C ASP E 108 27.33 -24.19 -11.93
N PHE E 109 26.17 -24.22 -12.58
CA PHE E 109 25.41 -25.44 -12.74
C PHE E 109 25.34 -25.78 -14.22
N TRP E 110 25.46 -27.07 -14.53
CA TRP E 110 25.44 -27.60 -15.88
C TRP E 110 24.32 -28.60 -16.06
N GLY E 111 23.69 -28.56 -17.22
CA GLY E 111 22.87 -29.66 -17.64
C GLY E 111 23.72 -30.78 -18.20
N GLN E 112 23.08 -31.94 -18.40
CA GLN E 112 23.75 -33.06 -19.04
C GLN E 112 23.50 -32.99 -20.53
N GLY E 113 24.53 -33.30 -21.31
CA GLY E 113 24.54 -32.97 -22.71
C GLY E 113 23.62 -33.80 -23.58
N THR E 114 23.42 -33.32 -24.80
CA THR E 114 22.76 -34.06 -25.87
C THR E 114 23.72 -34.13 -27.06
N LEU E 115 24.01 -35.34 -27.50
CA LEU E 115 24.89 -35.54 -28.65
C LEU E 115 24.07 -35.45 -29.93
N VAL E 116 24.48 -34.57 -30.84
CA VAL E 116 23.83 -34.37 -32.13
C VAL E 116 24.82 -34.76 -33.22
N THR E 117 24.45 -35.70 -34.07
CA THR E 117 25.35 -36.12 -35.12
C THR E 117 24.87 -35.60 -36.45
N VAL E 118 25.77 -35.00 -37.21
CA VAL E 118 25.38 -34.59 -38.53
C VAL E 118 26.00 -35.56 -39.53
N SER E 119 25.19 -36.47 -40.05
CA SER E 119 25.60 -37.39 -41.11
C SER E 119 24.45 -37.79 -42.01
N SER E 120 24.74 -38.09 -43.26
CA SER E 120 23.69 -38.43 -44.21
C SER E 120 22.92 -39.71 -43.89
N ALA E 121 23.60 -40.74 -43.41
CA ALA E 121 22.94 -42.03 -43.20
C ALA E 121 21.83 -42.02 -42.17
N SER E 122 20.81 -42.82 -42.40
CA SER E 122 19.67 -42.87 -41.50
C SER E 122 19.92 -43.71 -40.26
N THR E 123 18.86 -43.97 -39.51
CA THR E 123 19.00 -44.71 -38.27
C THR E 123 18.88 -46.21 -38.51
N LYS E 124 19.76 -46.98 -37.88
CA LYS E 124 19.66 -48.43 -37.84
C LYS E 124 19.76 -48.93 -36.41
N GLY E 125 18.86 -49.83 -36.04
CA GLY E 125 18.85 -50.43 -34.73
C GLY E 125 19.92 -51.50 -34.59
N PRO E 126 20.42 -51.68 -33.37
CA PRO E 126 21.51 -52.63 -33.16
C PRO E 126 21.01 -54.07 -33.05
N SER E 127 21.95 -54.99 -33.22
CA SER E 127 21.74 -56.40 -32.93
C SER E 127 22.73 -56.82 -31.86
N VAL E 128 22.29 -57.66 -30.94
CA VAL E 128 23.10 -58.12 -29.82
C VAL E 128 23.53 -59.55 -30.08
N PHE E 129 24.84 -59.78 -30.01
CA PHE E 129 25.44 -61.10 -30.21
C PHE E 129 26.24 -61.40 -28.96
N PRO E 130 25.62 -61.95 -27.92
CA PRO E 130 26.31 -62.14 -26.64
C PRO E 130 27.58 -62.95 -26.79
N LEU E 131 28.58 -62.60 -25.99
CA LEU E 131 29.92 -63.18 -26.09
C LEU E 131 29.94 -64.47 -25.28
N ALA E 132 30.10 -65.59 -25.97
CA ALA E 132 30.22 -66.89 -25.31
C ALA E 132 31.64 -67.10 -24.84
N PRO E 133 31.88 -67.24 -23.54
CA PRO E 133 33.26 -67.40 -23.06
C PRO E 133 33.82 -68.76 -23.44
N CYS E 134 35.14 -68.81 -23.53
CA CYS E 134 35.82 -70.09 -23.69
C CYS E 134 35.44 -71.00 -22.53
N SER E 135 34.80 -72.12 -22.83
CA SER E 135 34.23 -72.98 -21.79
C SER E 135 35.29 -73.50 -20.83
N ARG E 136 36.56 -73.49 -21.23
CA ARG E 136 37.64 -73.99 -20.39
C ARG E 136 38.01 -72.93 -19.35
N SER E 137 37.13 -72.80 -18.35
CA SER E 137 37.32 -71.82 -17.30
C SER E 137 38.63 -72.07 -16.56
N THR E 138 39.43 -71.01 -16.44
CA THR E 138 40.69 -71.11 -15.71
C THR E 138 40.42 -71.50 -14.26
N SER E 139 41.16 -72.49 -13.78
CA SER E 139 40.91 -73.04 -12.46
C SER E 139 41.14 -71.98 -11.38
N GLU E 140 40.26 -71.99 -10.38
CA GLU E 140 40.44 -71.19 -9.16
C GLU E 140 40.53 -69.69 -9.49
N SER E 141 39.66 -69.24 -10.39
CA SER E 141 39.75 -67.89 -10.92
C SER E 141 38.35 -67.31 -11.10
N THR E 142 38.28 -66.12 -11.66
CA THR E 142 37.03 -65.50 -12.04
C THR E 142 36.75 -65.76 -13.53
N ALA E 143 35.59 -65.30 -14.00
CA ALA E 143 35.18 -65.50 -15.39
C ALA E 143 34.67 -64.20 -15.97
N ALA E 144 34.81 -64.06 -17.29
CA ALA E 144 34.38 -62.87 -18.00
C ALA E 144 33.20 -63.21 -18.91
N LEU E 145 32.18 -62.38 -18.84
CA LEU E 145 31.02 -62.45 -19.72
C LEU E 145 31.01 -61.20 -20.59
N GLY E 146 30.07 -61.11 -21.51
CA GLY E 146 30.06 -59.98 -22.40
C GLY E 146 28.87 -59.95 -23.31
N CYS E 147 28.61 -58.75 -23.85
CA CYS E 147 27.63 -58.52 -24.88
C CYS E 147 28.26 -57.68 -25.96
N LEU E 148 27.92 -57.97 -27.22
CA LEU E 148 28.44 -57.24 -28.36
C LEU E 148 27.29 -56.49 -29.02
N VAL E 149 27.40 -55.17 -29.07
CA VAL E 149 26.47 -54.32 -29.79
C VAL E 149 27.12 -53.92 -31.11
N LYS E 150 26.38 -54.06 -32.21
CA LYS E 150 26.96 -53.90 -33.53
C LYS E 150 25.98 -53.23 -34.47
N ASP E 151 26.54 -52.47 -35.41
CA ASP E 151 25.80 -51.90 -36.54
C ASP E 151 24.65 -51.00 -36.08
N TYR E 152 24.99 -49.98 -35.30
CA TYR E 152 24.00 -49.03 -34.81
C TYR E 152 24.44 -47.60 -35.13
N PHE E 153 23.47 -46.80 -35.57
CA PHE E 153 23.63 -45.39 -35.87
C PHE E 153 22.37 -44.70 -35.35
N PRO E 154 22.49 -43.58 -34.63
CA PRO E 154 23.72 -42.90 -34.22
C PRO E 154 24.45 -43.54 -33.04
N GLU E 155 25.38 -42.80 -32.44
CA GLU E 155 26.27 -43.29 -31.40
C GLU E 155 25.61 -43.56 -30.04
N PRO E 156 24.65 -42.72 -29.57
CA PRO E 156 24.04 -42.98 -28.25
C PRO E 156 23.57 -44.42 -28.05
N VAL E 157 24.15 -45.10 -27.06
CA VAL E 157 23.81 -46.48 -26.75
C VAL E 157 24.07 -46.71 -25.26
N THR E 158 23.35 -47.67 -24.69
CA THR E 158 23.42 -47.96 -23.26
C THR E 158 23.35 -49.47 -23.06
N VAL E 159 24.35 -50.03 -22.38
CA VAL E 159 24.36 -51.45 -22.02
C VAL E 159 24.40 -51.54 -20.51
N SER E 160 23.36 -52.14 -19.93
CA SER E 160 23.27 -52.42 -18.50
C SER E 160 23.17 -53.91 -18.28
N TRP E 161 23.57 -54.36 -17.10
CA TRP E 161 23.58 -55.77 -16.74
C TRP E 161 22.55 -56.04 -15.66
N ASN E 162 21.61 -56.94 -15.96
CA ASN E 162 20.46 -57.23 -15.08
C ASN E 162 19.77 -55.95 -14.63
N SER E 163 19.68 -54.98 -15.56
CA SER E 163 18.97 -53.73 -15.34
C SER E 163 19.52 -52.96 -14.14
N GLY E 164 20.83 -53.03 -13.96
CA GLY E 164 21.51 -52.31 -12.90
C GLY E 164 21.83 -53.13 -11.67
N ALA E 165 21.34 -54.37 -11.59
CA ALA E 165 21.67 -55.22 -10.45
C ALA E 165 23.16 -55.51 -10.38
N LEU E 166 23.82 -55.56 -11.53
CA LEU E 166 25.26 -55.80 -11.61
C LEU E 166 25.92 -54.54 -12.16
N THR E 167 26.72 -53.88 -11.32
CA THR E 167 27.46 -52.69 -11.72
C THR E 167 28.97 -52.84 -11.59
N SER E 168 29.46 -53.57 -10.59
CA SER E 168 30.89 -53.76 -10.43
C SER E 168 31.43 -54.64 -11.55
N GLY E 169 32.57 -54.22 -12.13
CA GLY E 169 33.21 -54.97 -13.19
C GLY E 169 32.67 -54.70 -14.58
N VAL E 170 31.62 -53.90 -14.72
CA VAL E 170 31.08 -53.58 -16.03
C VAL E 170 32.01 -52.59 -16.72
N HIS E 171 32.56 -52.97 -17.88
CA HIS E 171 33.45 -52.10 -18.63
C HIS E 171 32.90 -51.86 -20.03
N THR E 172 31.73 -51.22 -20.11
CA THR E 172 31.16 -50.90 -21.41
C THR E 172 32.11 -50.04 -22.22
N PHE E 173 32.53 -50.54 -23.36
CA PHE E 173 33.55 -49.90 -24.17
C PHE E 173 32.95 -48.74 -24.98
N PRO E 174 33.79 -47.84 -25.49
CA PRO E 174 33.26 -46.75 -26.31
C PRO E 174 32.82 -47.26 -27.67
N ALA E 175 31.90 -46.52 -28.27
CA ALA E 175 31.47 -46.83 -29.63
C ALA E 175 32.62 -46.56 -30.60
N VAL E 176 32.97 -47.58 -31.38
CA VAL E 176 34.02 -47.46 -32.39
C VAL E 176 33.40 -47.70 -33.75
N LEU E 177 34.02 -47.11 -34.77
CA LEU E 177 33.47 -47.15 -36.13
C LEU E 177 34.01 -48.37 -36.86
N GLN E 178 33.09 -49.24 -37.28
CA GLN E 178 33.46 -50.40 -38.08
C GLN E 178 34.00 -49.96 -39.44
N SER E 179 34.68 -50.90 -40.12
CA SER E 179 35.01 -50.68 -41.52
C SER E 179 33.77 -50.55 -42.38
N SER E 180 32.62 -51.01 -41.89
CA SER E 180 31.36 -50.94 -42.62
C SER E 180 30.74 -49.55 -42.59
N GLY E 181 31.18 -48.68 -41.67
CA GLY E 181 30.61 -47.36 -41.53
C GLY E 181 29.62 -47.21 -40.40
N LEU E 182 29.37 -48.28 -39.65
CA LEU E 182 28.47 -48.27 -38.51
C LEU E 182 29.26 -48.47 -37.22
N TYR E 183 28.62 -48.13 -36.11
CA TYR E 183 29.25 -48.21 -34.80
C TYR E 183 29.04 -49.58 -34.17
N SER E 184 29.94 -49.94 -33.27
CA SER E 184 29.91 -51.22 -32.58
C SER E 184 30.74 -51.09 -31.30
N LEU E 185 30.33 -51.80 -30.26
CA LEU E 185 31.10 -51.82 -29.03
C LEU E 185 30.84 -53.11 -28.26
N SER E 186 31.77 -53.41 -27.36
CA SER E 186 31.68 -54.52 -26.43
C SER E 186 31.22 -54.03 -25.05
N SER E 187 30.75 -54.96 -24.24
CA SER E 187 30.36 -54.65 -22.86
C SER E 187 30.59 -55.92 -22.05
N VAL E 188 31.57 -55.87 -21.13
CA VAL E 188 32.06 -57.05 -20.43
C VAL E 188 31.89 -56.88 -18.93
N VAL E 189 31.87 -58.02 -18.23
CA VAL E 189 31.79 -58.06 -16.77
C VAL E 189 32.73 -59.13 -16.26
N THR E 190 33.18 -58.96 -15.02
CA THR E 190 33.99 -59.95 -14.31
C THR E 190 33.17 -60.49 -13.16
N VAL E 191 32.99 -61.80 -13.13
CA VAL E 191 32.20 -62.44 -12.09
C VAL E 191 32.97 -63.65 -11.57
N PRO E 192 32.66 -64.12 -10.35
CA PRO E 192 33.26 -65.39 -9.91
C PRO E 192 32.88 -66.52 -10.84
N SER E 193 33.89 -67.32 -11.22
CA SER E 193 33.64 -68.45 -12.10
C SER E 193 32.68 -69.45 -11.45
N SER E 194 32.61 -69.47 -10.12
CA SER E 194 31.69 -70.37 -9.43
C SER E 194 30.23 -70.01 -9.68
N SER E 195 29.97 -68.81 -10.20
CA SER E 195 28.61 -68.39 -10.54
C SER E 195 28.29 -68.56 -12.01
N LEU E 196 29.22 -69.09 -12.81
CA LEU E 196 29.05 -69.14 -14.26
C LEU E 196 27.87 -70.03 -14.64
N GLY E 197 27.61 -71.09 -13.87
CA GLY E 197 26.48 -71.96 -14.17
C GLY E 197 25.31 -71.76 -13.23
N THR E 198 25.22 -70.59 -12.59
CA THR E 198 24.22 -70.37 -11.56
C THR E 198 23.40 -69.11 -11.80
N LYS E 199 24.07 -67.96 -11.82
CA LYS E 199 23.37 -66.68 -11.83
C LYS E 199 22.90 -66.29 -13.23
N THR E 200 21.86 -65.45 -13.25
CA THR E 200 21.43 -64.80 -14.47
C THR E 200 22.31 -63.60 -14.75
N TYR E 201 22.86 -63.54 -15.97
CA TYR E 201 23.66 -62.41 -16.43
C TYR E 201 23.09 -61.95 -17.76
N THR E 202 22.08 -61.08 -17.70
CA THR E 202 21.36 -60.61 -18.87
C THR E 202 21.75 -59.16 -19.15
N CYS E 203 22.06 -58.88 -20.40
CA CYS E 203 22.25 -57.51 -20.86
C CYS E 203 20.90 -56.87 -21.14
N ASN E 204 20.77 -55.60 -20.76
CA ASN E 204 19.64 -54.78 -21.17
C ASN E 204 20.22 -53.69 -22.06
N VAL E 205 20.32 -54.00 -23.36
CA VAL E 205 20.90 -53.10 -24.34
C VAL E 205 19.80 -52.19 -24.87
N ASP E 206 20.08 -50.89 -24.91
CA ASP E 206 19.06 -49.89 -25.19
C ASP E 206 19.60 -48.86 -26.16
N HIS E 207 18.75 -48.44 -27.10
CA HIS E 207 19.15 -47.48 -28.14
C HIS E 207 17.91 -46.66 -28.47
N LYS E 208 17.78 -45.49 -27.82
CA LYS E 208 16.58 -44.68 -27.98
C LYS E 208 16.32 -44.17 -29.39
N PRO E 209 17.32 -43.68 -30.16
CA PRO E 209 17.01 -43.16 -31.50
C PRO E 209 16.31 -44.16 -32.40
N SER E 210 16.69 -45.44 -32.37
CA SER E 210 16.04 -46.47 -33.16
C SER E 210 14.84 -47.08 -32.45
N ASN E 211 14.54 -46.64 -31.23
CA ASN E 211 13.40 -47.14 -30.46
C ASN E 211 13.50 -48.65 -30.25
N THR E 212 14.62 -49.08 -29.68
CA THR E 212 14.94 -50.49 -29.54
C THR E 212 15.46 -50.78 -28.15
N LYS E 213 14.95 -51.85 -27.54
CA LYS E 213 15.52 -52.43 -26.33
C LYS E 213 15.47 -53.94 -26.44
N VAL E 214 16.50 -54.60 -25.93
CA VAL E 214 16.69 -56.04 -26.12
C VAL E 214 17.37 -56.62 -24.89
N ASP E 215 16.94 -57.83 -24.51
CA ASP E 215 17.45 -58.54 -23.34
C ASP E 215 18.08 -59.84 -23.80
N LYS E 216 19.38 -59.99 -23.56
CA LYS E 216 20.08 -61.22 -23.91
C LYS E 216 21.12 -61.55 -22.84
N ARG E 217 21.23 -62.85 -22.53
CA ARG E 217 22.21 -63.38 -21.58
C ARG E 217 23.60 -62.80 -21.78
N ASP F 1 38.91 -11.55 -29.98
CA ASP F 1 38.82 -12.78 -29.21
C ASP F 1 40.10 -12.99 -28.41
N ILE F 2 40.02 -13.77 -27.34
CA ILE F 2 41.13 -14.02 -26.45
C ILE F 2 41.42 -15.51 -26.41
N GLN F 3 42.68 -15.88 -26.64
CA GLN F 3 43.11 -17.27 -26.61
C GLN F 3 43.73 -17.58 -25.25
N MET F 4 43.71 -18.85 -24.87
CA MET F 4 44.42 -19.29 -23.68
C MET F 4 45.23 -20.55 -23.97
N THR F 5 46.46 -20.56 -23.47
CA THR F 5 47.39 -21.66 -23.63
C THR F 5 47.73 -22.21 -22.26
N GLN F 6 47.62 -23.52 -22.10
CA GLN F 6 48.00 -24.20 -20.87
C GLN F 6 49.34 -24.89 -21.06
N SER F 7 50.23 -24.74 -20.05
CA SER F 7 51.63 -25.15 -20.26
C SER F 7 51.76 -26.67 -20.33
N PRO F 8 51.33 -27.45 -19.33
CA PRO F 8 51.27 -28.89 -19.56
C PRO F 8 50.14 -29.21 -20.51
N SER F 9 50.48 -29.82 -21.65
CA SER F 9 49.42 -30.25 -22.57
C SER F 9 48.77 -31.53 -22.09
N SER F 10 49.56 -32.46 -21.54
CA SER F 10 49.09 -33.67 -20.90
C SER F 10 50.20 -34.14 -19.98
N LEU F 11 49.83 -34.68 -18.82
CA LEU F 11 50.82 -35.02 -17.80
C LEU F 11 50.25 -36.10 -16.90
N SER F 12 51.14 -36.64 -16.07
CA SER F 12 50.77 -37.64 -15.09
C SER F 12 51.76 -37.58 -13.94
N ALA F 13 51.28 -37.94 -12.75
CA ALA F 13 52.13 -38.04 -11.58
C ALA F 13 51.59 -39.12 -10.66
N SER F 14 52.47 -39.69 -9.85
CA SER F 14 52.05 -40.72 -8.92
C SER F 14 51.10 -40.13 -7.86
N VAL F 15 50.32 -41.02 -7.24
CA VAL F 15 49.32 -40.57 -6.27
C VAL F 15 50.01 -39.90 -5.09
N GLY F 16 49.51 -38.72 -4.72
CA GLY F 16 50.04 -37.98 -3.59
C GLY F 16 50.94 -36.81 -3.94
N ASP F 17 51.49 -36.81 -5.15
CA ASP F 17 52.38 -35.72 -5.56
C ASP F 17 51.58 -34.48 -5.93
N ARG F 18 52.29 -33.37 -6.11
CA ARG F 18 51.71 -32.11 -6.51
C ARG F 18 52.01 -31.82 -7.96
N VAL F 19 50.99 -31.45 -8.73
CA VAL F 19 51.14 -30.99 -10.10
C VAL F 19 50.54 -29.59 -10.19
N THR F 20 51.10 -28.77 -11.09
CA THR F 20 50.64 -27.42 -11.32
C THR F 20 50.42 -27.21 -12.81
N ILE F 21 49.26 -26.67 -13.17
CA ILE F 21 48.89 -26.44 -14.56
C ILE F 21 48.84 -24.94 -14.79
N THR F 22 49.71 -24.45 -15.67
CA THR F 22 49.69 -23.04 -16.05
C THR F 22 48.58 -22.79 -17.06
N CYS F 23 47.97 -21.61 -16.98
CA CYS F 23 47.09 -21.09 -18.02
C CYS F 23 47.51 -19.67 -18.35
N ARG F 24 47.85 -19.42 -19.61
CA ARG F 24 48.27 -18.11 -20.06
C ARG F 24 47.29 -17.58 -21.09
N ALA F 25 46.79 -16.37 -20.85
CA ALA F 25 45.87 -15.71 -21.76
C ALA F 25 46.64 -14.84 -22.73
N SER F 26 46.04 -14.58 -23.88
CA SER F 26 46.68 -13.75 -24.90
C SER F 26 46.53 -12.26 -24.60
N SER F 27 45.57 -11.89 -23.76
CA SER F 27 45.40 -10.53 -23.29
C SER F 27 45.17 -10.55 -21.78
N SER F 28 45.55 -9.46 -21.12
CA SER F 28 45.37 -9.37 -19.68
C SER F 28 43.88 -9.32 -19.34
N VAL F 29 43.49 -10.13 -18.36
CA VAL F 29 42.11 -10.24 -17.95
C VAL F 29 42.02 -9.96 -16.45
N ARG F 30 40.77 -9.90 -15.94
CA ARG F 30 40.57 -9.68 -14.52
C ARG F 30 40.67 -10.96 -13.72
N TYR F 31 39.93 -12.00 -14.13
CA TYR F 31 39.93 -13.25 -13.39
C TYR F 31 39.94 -14.44 -14.33
N MET F 32 40.40 -15.58 -13.80
CA MET F 32 40.47 -16.84 -14.51
C MET F 32 39.69 -17.89 -13.72
N HIS F 33 39.04 -18.81 -14.43
CA HIS F 33 38.14 -19.78 -13.84
C HIS F 33 38.51 -21.17 -14.37
N TRP F 34 38.38 -22.19 -13.51
CA TRP F 34 38.89 -23.53 -13.80
C TRP F 34 37.79 -24.58 -13.71
N TYR F 35 37.88 -25.59 -14.57
CA TYR F 35 36.91 -26.67 -14.64
C TYR F 35 37.59 -28.03 -14.61
N GLN F 36 36.80 -29.03 -14.22
CA GLN F 36 37.19 -30.44 -14.23
C GLN F 36 36.16 -31.21 -15.04
N GLN F 37 36.62 -31.92 -16.07
CA GLN F 37 35.74 -32.77 -16.87
C GLN F 37 36.33 -34.15 -16.99
N LYS F 38 35.59 -35.15 -16.50
CA LYS F 38 35.90 -36.54 -16.82
C LYS F 38 35.12 -36.95 -18.07
N PRO F 39 35.75 -37.66 -19.00
CA PRO F 39 35.08 -38.01 -20.26
C PRO F 39 33.75 -38.72 -20.03
N GLY F 40 32.74 -38.32 -20.80
CA GLY F 40 31.40 -38.82 -20.64
C GLY F 40 30.54 -38.01 -19.69
N LYS F 41 31.10 -37.02 -19.01
CA LYS F 41 30.39 -36.21 -18.04
C LYS F 41 30.47 -34.73 -18.40
N ALA F 42 29.51 -33.97 -17.87
CA ALA F 42 29.54 -32.53 -17.99
C ALA F 42 30.63 -31.97 -17.09
N PRO F 43 31.30 -30.90 -17.51
CA PRO F 43 32.40 -30.35 -16.70
C PRO F 43 31.89 -29.74 -15.41
N LYS F 44 32.71 -29.87 -14.36
CA LYS F 44 32.43 -29.30 -13.06
C LYS F 44 33.36 -28.12 -12.81
N LEU F 45 32.82 -27.07 -12.20
CA LEU F 45 33.60 -25.89 -11.87
C LEU F 45 34.38 -26.13 -10.58
N LEU F 46 35.71 -26.18 -10.71
CA LEU F 46 36.58 -26.41 -9.56
C LEU F 46 36.75 -25.12 -8.74
N ILE F 47 37.28 -24.09 -9.37
CA ILE F 47 37.67 -22.85 -8.70
C ILE F 47 36.90 -21.73 -9.38
N TYR F 48 35.80 -21.31 -8.74
CA TYR F 48 34.81 -20.47 -9.43
C TYR F 48 35.31 -19.05 -9.66
N ASP F 49 36.15 -18.53 -8.77
CA ASP F 49 36.86 -17.30 -8.98
C ASP F 49 38.34 -17.60 -8.72
N THR F 50 39.23 -16.75 -9.22
CA THR F 50 40.66 -17.02 -9.01
C THR F 50 40.94 -17.18 -7.52
N SER F 51 41.22 -18.41 -7.11
CA SER F 51 41.55 -18.90 -5.76
C SER F 51 40.32 -19.27 -4.93
N LYS F 52 39.10 -19.18 -5.47
CA LYS F 52 37.89 -19.47 -4.71
C LYS F 52 37.29 -20.82 -5.11
N LEU F 53 37.03 -21.65 -4.12
CA LEU F 53 36.51 -23.00 -4.32
C LEU F 53 34.99 -23.00 -4.31
N ALA F 54 34.42 -24.06 -4.90
CA ALA F 54 32.97 -24.13 -5.04
C ALA F 54 32.49 -25.58 -4.97
N SER F 55 31.22 -25.73 -4.59
CA SER F 55 30.49 -26.99 -4.70
C SER F 55 31.20 -28.15 -3.99
N GLY F 56 31.78 -27.85 -2.83
CA GLY F 56 32.41 -28.86 -2.01
C GLY F 56 33.74 -29.38 -2.50
N VAL F 57 34.40 -28.69 -3.44
CA VAL F 57 35.70 -29.11 -3.96
C VAL F 57 36.73 -29.08 -2.83
N PRO F 58 37.58 -30.11 -2.69
CA PRO F 58 38.50 -30.16 -1.55
C PRO F 58 39.51 -29.03 -1.58
N SER F 59 40.10 -28.79 -0.40
CA SER F 59 41.25 -27.89 -0.29
C SER F 59 42.50 -28.48 -0.92
N ARG F 60 42.45 -29.73 -1.37
CA ARG F 60 43.53 -30.25 -2.21
C ARG F 60 43.71 -29.40 -3.46
N PHE F 61 42.61 -28.83 -3.96
CA PHE F 61 42.63 -27.93 -5.10
C PHE F 61 42.96 -26.52 -4.64
N SER F 62 43.77 -25.82 -5.44
CA SER F 62 44.17 -24.46 -5.14
C SER F 62 44.57 -23.78 -6.43
N GLY F 63 44.64 -22.45 -6.40
CA GLY F 63 44.99 -21.69 -7.58
C GLY F 63 45.20 -20.23 -7.24
N SER F 64 45.88 -19.55 -8.15
CA SER F 64 46.18 -18.13 -8.00
C SER F 64 46.70 -17.63 -9.34
N GLY F 65 46.88 -16.32 -9.43
CA GLY F 65 47.43 -15.71 -10.63
C GLY F 65 47.03 -14.26 -10.73
N SER F 66 47.54 -13.63 -11.79
CA SER F 66 47.31 -12.21 -12.05
C SER F 66 47.71 -11.91 -13.49
N GLY F 67 47.00 -10.97 -14.10
CA GLY F 67 47.30 -10.55 -15.45
C GLY F 67 46.92 -11.57 -16.51
N THR F 68 47.92 -12.27 -17.05
CA THR F 68 47.69 -13.31 -18.04
C THR F 68 48.00 -14.71 -17.55
N ASP F 69 48.79 -14.84 -16.47
CA ASP F 69 49.27 -16.13 -16.00
C ASP F 69 48.50 -16.54 -14.75
N TYR F 70 47.88 -17.71 -14.81
CA TYR F 70 47.09 -18.25 -13.70
C TYR F 70 47.38 -19.74 -13.60
N THR F 71 47.40 -20.24 -12.37
CA THR F 71 47.82 -21.61 -12.10
C THR F 71 46.73 -22.38 -11.39
N LEU F 72 46.57 -23.65 -11.75
CA LEU F 72 45.78 -24.62 -11.01
C LEU F 72 46.71 -25.68 -10.45
N THR F 73 46.50 -26.05 -9.19
CA THR F 73 47.35 -27.00 -8.50
C THR F 73 46.49 -27.97 -7.71
N ILE F 74 46.82 -29.26 -7.84
CA ILE F 74 46.28 -30.31 -6.97
C ILE F 74 47.39 -30.70 -6.01
N SER F 75 47.19 -30.39 -4.72
CA SER F 75 48.26 -30.57 -3.75
C SER F 75 48.53 -32.05 -3.48
N SER F 76 47.51 -32.79 -3.07
CA SER F 76 47.60 -34.24 -2.87
C SER F 76 46.82 -34.90 -3.99
N LEU F 77 47.53 -35.35 -5.02
CA LEU F 77 46.88 -35.92 -6.20
C LEU F 77 46.27 -37.27 -5.86
N GLN F 78 44.97 -37.36 -5.92
CA GLN F 78 44.26 -38.59 -5.68
C GLN F 78 43.95 -39.28 -7.01
N PRO F 79 43.80 -40.62 -7.02
CA PRO F 79 43.52 -41.33 -8.28
C PRO F 79 42.23 -40.83 -8.90
N GLU F 80 41.41 -40.21 -8.06
CA GLU F 80 40.10 -39.70 -8.42
C GLU F 80 40.17 -38.56 -9.42
N ASP F 81 41.33 -37.91 -9.55
CA ASP F 81 41.46 -36.72 -10.40
C ASP F 81 42.21 -37.08 -11.68
N PHE F 82 41.57 -37.88 -12.52
CA PHE F 82 42.15 -38.24 -13.81
C PHE F 82 41.52 -37.44 -14.95
N ALA F 83 40.89 -36.32 -14.64
CA ALA F 83 40.05 -35.63 -15.60
C ALA F 83 40.87 -34.69 -16.50
N THR F 84 40.18 -34.08 -17.45
CA THR F 84 40.74 -33.04 -18.30
C THR F 84 40.33 -31.68 -17.74
N TYR F 85 41.29 -30.76 -17.70
CA TYR F 85 41.10 -29.48 -17.02
C TYR F 85 41.06 -28.34 -18.03
N TYR F 86 40.13 -27.41 -17.80
CA TYR F 86 39.88 -26.31 -18.71
C TYR F 86 39.83 -25.01 -17.93
N CYS F 87 39.99 -23.90 -18.64
CA CYS F 87 39.99 -22.56 -18.06
C CYS F 87 39.00 -21.69 -18.83
N GLN F 88 38.54 -20.62 -18.17
CA GLN F 88 37.53 -19.76 -18.76
C GLN F 88 37.85 -18.30 -18.48
N GLN F 89 37.26 -17.44 -19.31
CA GLN F 89 37.40 -15.99 -19.23
C GLN F 89 36.01 -15.37 -19.20
N TRP F 90 35.78 -14.48 -18.23
CA TRP F 90 34.51 -13.78 -18.10
C TRP F 90 34.62 -12.29 -18.39
N SER F 91 35.82 -11.76 -18.60
CA SER F 91 36.00 -10.31 -18.57
C SER F 91 35.50 -9.65 -19.84
N TYR F 92 35.71 -10.27 -20.99
CA TYR F 92 35.37 -9.67 -22.27
C TYR F 92 34.21 -10.42 -22.91
N ASN F 93 33.51 -9.70 -23.81
CA ASN F 93 32.29 -10.25 -24.40
C ASN F 93 32.52 -11.55 -25.15
N PRO F 94 33.54 -11.69 -26.01
CA PRO F 94 33.84 -13.03 -26.56
C PRO F 94 34.19 -14.01 -25.44
N LEU F 95 33.37 -15.05 -25.32
CA LEU F 95 33.54 -16.04 -24.27
C LEU F 95 34.43 -17.17 -24.81
N THR F 96 35.55 -17.42 -24.15
CA THR F 96 36.54 -18.37 -24.64
C THR F 96 36.94 -19.35 -23.56
N PHE F 97 37.11 -20.61 -23.95
CA PHE F 97 37.68 -21.66 -23.11
C PHE F 97 39.09 -21.94 -23.61
N GLY F 98 39.98 -22.32 -22.69
CA GLY F 98 41.34 -22.59 -23.08
C GLY F 98 41.53 -23.98 -23.65
N GLN F 99 42.74 -24.22 -24.16
CA GLN F 99 43.14 -25.58 -24.49
C GLN F 99 43.10 -26.42 -23.22
N GLY F 100 42.69 -27.67 -23.37
CA GLY F 100 42.63 -28.56 -22.22
C GLY F 100 43.99 -29.05 -21.79
N THR F 101 44.06 -29.48 -20.54
CA THR F 101 45.20 -30.19 -19.98
C THR F 101 44.69 -31.49 -19.38
N LYS F 102 45.10 -32.62 -19.96
CA LYS F 102 44.63 -33.92 -19.51
C LYS F 102 45.62 -34.50 -18.52
N LEU F 103 45.16 -34.74 -17.30
CA LEU F 103 46.01 -35.32 -16.28
C LEU F 103 45.79 -36.81 -16.23
N GLU F 104 46.82 -37.59 -15.88
CA GLU F 104 46.70 -39.03 -15.81
C GLU F 104 47.27 -39.52 -14.50
N ILE F 105 46.92 -40.72 -14.09
CA ILE F 105 47.37 -41.24 -12.80
C ILE F 105 48.36 -42.39 -12.94
N LYS F 106 49.43 -42.36 -12.15
CA LYS F 106 50.49 -43.35 -12.26
C LYS F 106 50.43 -44.36 -11.15
N ARG F 107 50.50 -45.63 -11.51
CA ARG F 107 50.40 -46.70 -10.52
C ARG F 107 51.32 -47.83 -10.90
N THR F 108 51.55 -48.75 -9.97
CA THR F 108 52.45 -49.84 -10.24
C THR F 108 51.93 -50.66 -11.41
N VAL F 109 52.83 -51.08 -12.28
CA VAL F 109 52.42 -51.80 -13.48
C VAL F 109 51.54 -52.99 -13.17
N ALA F 110 50.56 -53.23 -14.03
CA ALA F 110 49.71 -54.39 -13.83
C ALA F 110 49.45 -55.08 -15.17
N ALA F 111 49.56 -56.40 -15.19
CA ALA F 111 49.30 -57.16 -16.40
C ALA F 111 47.80 -57.45 -16.52
N PRO F 112 47.26 -57.41 -17.74
CA PRO F 112 45.82 -57.62 -17.89
C PRO F 112 45.45 -59.10 -17.77
N SER F 113 44.22 -59.31 -17.30
CA SER F 113 43.57 -60.60 -17.50
C SER F 113 43.10 -60.71 -18.94
N VAL F 114 43.32 -61.87 -19.54
CA VAL F 114 43.03 -62.09 -20.96
C VAL F 114 41.94 -63.15 -21.07
N PHE F 115 40.84 -62.79 -21.74
CA PHE F 115 39.72 -63.68 -21.97
C PHE F 115 39.44 -63.73 -23.46
N ILE F 116 38.93 -64.87 -23.94
CA ILE F 116 38.64 -65.05 -25.35
C ILE F 116 37.15 -65.29 -25.51
N PHE F 117 36.54 -64.62 -26.47
CA PHE F 117 35.11 -64.76 -26.74
C PHE F 117 34.90 -65.16 -28.20
N PRO F 118 34.70 -66.45 -28.49
CA PRO F 118 34.25 -66.84 -29.82
C PRO F 118 32.86 -66.31 -30.08
N PRO F 119 32.51 -66.03 -31.34
CA PRO F 119 31.21 -65.41 -31.64
C PRO F 119 30.05 -66.35 -31.37
N SER F 120 28.87 -65.76 -31.25
CA SER F 120 27.65 -66.53 -31.10
C SER F 120 27.26 -67.17 -32.43
N ASP F 121 26.49 -68.26 -32.34
CA ASP F 121 25.97 -68.90 -33.54
C ASP F 121 25.10 -67.93 -34.34
N GLU F 122 24.37 -67.05 -33.64
CA GLU F 122 23.46 -66.14 -34.33
C GLU F 122 24.21 -65.18 -35.26
N GLN F 123 25.37 -64.68 -34.81
CA GLN F 123 26.14 -63.79 -35.67
C GLN F 123 26.65 -64.51 -36.91
N LEU F 124 27.10 -65.76 -36.74
CA LEU F 124 27.58 -66.55 -37.87
C LEU F 124 26.55 -66.61 -38.99
N LYS F 125 25.28 -66.79 -38.62
CA LYS F 125 24.21 -66.90 -39.61
C LYS F 125 23.96 -65.59 -40.34
N SER F 126 24.47 -64.47 -39.84
CA SER F 126 24.43 -63.22 -40.58
C SER F 126 25.50 -63.13 -41.66
N GLY F 127 26.39 -64.12 -41.74
CA GLY F 127 27.50 -64.09 -42.67
C GLY F 127 28.78 -63.52 -42.09
N THR F 128 28.75 -63.00 -40.86
CA THR F 128 29.92 -62.39 -40.23
C THR F 128 30.27 -63.13 -38.95
N ALA F 129 31.53 -63.04 -38.56
CA ALA F 129 32.05 -63.76 -37.39
C ALA F 129 33.04 -62.86 -36.67
N SER F 130 32.69 -62.45 -35.45
CA SER F 130 33.50 -61.52 -34.68
C SER F 130 34.08 -62.26 -33.47
N VAL F 131 35.41 -62.39 -33.45
CA VAL F 131 36.13 -63.00 -32.33
C VAL F 131 36.70 -61.86 -31.48
N VAL F 132 36.39 -61.89 -30.18
CA VAL F 132 36.75 -60.81 -29.27
C VAL F 132 37.76 -61.32 -28.26
N CYS F 133 38.81 -60.53 -28.04
CA CYS F 133 39.81 -60.75 -27.00
C CYS F 133 39.73 -59.59 -26.02
N LEU F 134 39.72 -59.90 -24.72
CA LEU F 134 39.48 -58.90 -23.69
C LEU F 134 40.71 -58.78 -22.79
N LEU F 135 41.25 -57.58 -22.69
CA LEU F 135 42.25 -57.22 -21.69
C LEU F 135 41.56 -56.46 -20.58
N ASN F 136 41.93 -56.76 -19.33
CA ASN F 136 41.18 -56.21 -18.21
C ASN F 136 42.10 -55.96 -17.02
N ASN F 137 41.94 -54.77 -16.42
CA ASN F 137 42.69 -54.34 -15.23
C ASN F 137 44.20 -54.40 -15.48
N PHE F 138 44.66 -53.45 -16.30
CA PHE F 138 46.09 -53.34 -16.60
C PHE F 138 46.51 -51.89 -16.69
N TYR F 139 47.82 -51.69 -16.61
CA TYR F 139 48.48 -50.39 -16.68
C TYR F 139 49.93 -50.64 -17.06
N PRO F 140 50.52 -49.88 -18.00
CA PRO F 140 49.93 -48.76 -18.75
C PRO F 140 49.06 -49.17 -19.93
N ARG F 141 48.48 -48.18 -20.61
CA ARG F 141 47.62 -48.44 -21.77
C ARG F 141 48.37 -49.18 -22.88
N GLU F 142 49.66 -48.91 -23.04
CA GLU F 142 50.38 -49.33 -24.22
C GLU F 142 50.57 -50.85 -24.23
N ALA F 143 50.00 -51.51 -25.23
CA ALA F 143 50.09 -52.95 -25.37
C ALA F 143 49.91 -53.30 -26.84
N LYS F 144 50.18 -54.56 -27.17
CA LYS F 144 50.06 -55.05 -28.54
C LYS F 144 49.30 -56.37 -28.52
N VAL F 145 48.31 -56.48 -29.42
CA VAL F 145 47.46 -57.65 -29.54
C VAL F 145 47.47 -58.09 -31.00
N GLN F 146 47.78 -59.36 -31.24
CA GLN F 146 47.84 -59.94 -32.57
C GLN F 146 46.90 -61.14 -32.65
N TRP F 147 46.23 -61.29 -33.79
CA TRP F 147 45.35 -62.43 -34.03
C TRP F 147 46.07 -63.52 -34.81
N LYS F 148 45.99 -64.75 -34.30
CA LYS F 148 46.52 -65.92 -34.97
C LYS F 148 45.39 -66.65 -35.67
N VAL F 149 45.58 -66.95 -36.95
CA VAL F 149 44.64 -67.73 -37.75
C VAL F 149 45.43 -68.89 -38.33
N ASP F 150 45.20 -70.10 -37.81
CA ASP F 150 46.01 -71.27 -38.13
C ASP F 150 47.48 -71.02 -37.80
N ASN F 151 47.71 -70.38 -36.65
CA ASN F 151 49.04 -70.01 -36.14
C ASN F 151 49.77 -69.03 -37.05
N ALA F 152 49.09 -68.45 -38.04
CA ALA F 152 49.62 -67.36 -38.84
C ALA F 152 48.93 -66.06 -38.44
N LEU F 153 49.70 -64.97 -38.45
CA LEU F 153 49.17 -63.68 -38.00
C LEU F 153 48.39 -63.00 -39.12
N GLN F 154 47.26 -62.42 -38.76
CA GLN F 154 46.34 -61.86 -39.74
C GLN F 154 46.76 -60.46 -40.16
N SER F 155 46.74 -60.20 -41.47
CA SER F 155 47.14 -58.92 -42.02
C SER F 155 46.01 -57.91 -42.07
N GLY F 156 45.21 -57.80 -41.02
CA GLY F 156 44.13 -56.84 -40.95
C GLY F 156 42.87 -57.49 -40.39
N ASN F 157 41.74 -56.89 -40.74
CA ASN F 157 40.41 -57.42 -40.40
C ASN F 157 40.16 -57.43 -38.89
N SER F 158 40.74 -56.49 -38.15
CA SER F 158 40.54 -56.43 -36.71
C SER F 158 40.56 -54.98 -36.26
N GLN F 159 40.09 -54.76 -35.03
CA GLN F 159 39.88 -53.42 -34.51
C GLN F 159 39.98 -53.43 -32.99
N GLU F 160 40.60 -52.39 -32.45
CA GLU F 160 40.83 -52.26 -31.01
C GLU F 160 40.00 -51.14 -30.41
N SER F 161 39.65 -51.31 -29.14
CA SER F 161 38.88 -50.33 -28.39
C SER F 161 39.22 -50.45 -26.91
N VAL F 162 39.40 -49.30 -26.25
CA VAL F 162 39.85 -49.27 -24.87
C VAL F 162 38.93 -48.35 -24.06
N THR F 163 38.92 -48.57 -22.75
CA THR F 163 38.19 -47.73 -21.82
C THR F 163 39.06 -46.56 -21.39
N GLU F 164 38.40 -45.49 -20.92
CA GLU F 164 39.13 -44.43 -20.25
C GLU F 164 39.63 -44.94 -18.91
N GLN F 165 40.62 -44.24 -18.35
CA GLN F 165 41.25 -44.68 -17.11
C GLN F 165 40.21 -44.78 -16.00
N ASP F 166 40.17 -45.93 -15.32
CA ASP F 166 39.17 -46.16 -14.29
C ASP F 166 39.30 -45.13 -13.18
N SER F 167 38.14 -44.59 -12.79
CA SER F 167 38.12 -43.48 -11.83
C SER F 167 38.62 -43.88 -10.45
N LYS F 168 38.65 -45.16 -10.13
CA LYS F 168 39.04 -45.62 -8.79
C LYS F 168 40.41 -46.28 -8.76
N ASP F 169 40.64 -47.29 -9.60
CA ASP F 169 41.89 -48.05 -9.59
C ASP F 169 42.84 -47.67 -10.72
N SER F 170 42.50 -46.67 -11.52
CA SER F 170 43.31 -46.25 -12.66
C SER F 170 43.47 -47.37 -13.69
N THR F 171 42.45 -48.22 -13.77
CA THR F 171 42.46 -49.37 -14.67
C THR F 171 42.23 -48.97 -16.12
N TYR F 172 42.92 -49.65 -17.03
CA TYR F 172 42.59 -49.69 -18.45
C TYR F 172 42.10 -51.08 -18.82
N SER F 173 41.32 -51.15 -19.90
CA SER F 173 40.78 -52.40 -20.41
C SER F 173 40.62 -52.27 -21.92
N LEU F 174 40.79 -53.38 -22.63
CA LEU F 174 40.83 -53.35 -24.09
C LEU F 174 39.93 -54.43 -24.68
N SER F 175 39.26 -54.07 -25.78
CA SER F 175 38.47 -54.99 -26.59
C SER F 175 39.09 -55.06 -27.98
N SER F 176 39.43 -56.27 -28.43
CA SER F 176 39.99 -56.48 -29.76
C SER F 176 39.08 -57.46 -30.50
N THR F 177 38.58 -57.03 -31.66
CA THR F 177 37.59 -57.78 -32.42
C THR F 177 38.16 -58.15 -33.78
N LEU F 178 38.21 -59.45 -34.06
CA LEU F 178 38.57 -59.98 -35.36
C LEU F 178 37.29 -60.43 -36.06
N THR F 179 37.00 -59.84 -37.22
CA THR F 179 35.74 -60.07 -37.93
C THR F 179 36.03 -60.74 -39.26
N LEU F 180 35.41 -61.90 -39.47
CA LEU F 180 35.60 -62.70 -40.67
C LEU F 180 34.24 -63.11 -41.21
N SER F 181 34.22 -63.50 -42.48
CA SER F 181 33.01 -64.10 -43.04
C SER F 181 32.80 -65.48 -42.45
N LYS F 182 31.53 -65.91 -42.41
CA LYS F 182 31.23 -67.25 -41.89
C LYS F 182 31.99 -68.32 -42.67
N ALA F 183 32.10 -68.15 -43.99
CA ALA F 183 32.83 -69.12 -44.80
C ALA F 183 34.30 -69.18 -44.39
N ASP F 184 34.92 -68.01 -44.20
CA ASP F 184 36.34 -67.98 -43.83
C ASP F 184 36.55 -68.32 -42.36
N TYR F 185 35.59 -67.97 -41.50
CA TYR F 185 35.69 -68.32 -40.08
C TYR F 185 35.74 -69.84 -39.90
N GLU F 186 34.82 -70.56 -40.52
CA GLU F 186 34.76 -72.00 -40.40
C GLU F 186 35.83 -72.71 -41.23
N LYS F 187 36.32 -72.06 -42.29
CA LYS F 187 37.41 -72.61 -43.08
C LYS F 187 38.67 -72.76 -42.23
N HIS F 188 39.12 -71.65 -41.65
CA HIS F 188 40.31 -71.66 -40.82
C HIS F 188 39.98 -72.21 -39.44
N LYS F 189 40.98 -72.73 -38.74
CA LYS F 189 40.71 -73.55 -37.57
C LYS F 189 41.28 -73.02 -36.26
N VAL F 190 42.54 -72.60 -36.23
CA VAL F 190 43.19 -72.21 -34.98
C VAL F 190 43.07 -70.69 -34.83
N TYR F 191 42.37 -70.27 -33.77
CA TYR F 191 42.23 -68.86 -33.44
C TYR F 191 42.83 -68.62 -32.05
N ALA F 192 43.65 -67.58 -31.95
CA ALA F 192 44.36 -67.30 -30.71
C ALA F 192 44.63 -65.80 -30.61
N CYS F 193 44.60 -65.30 -29.38
CA CYS F 193 44.92 -63.92 -29.06
C CYS F 193 46.28 -63.88 -28.38
N GLU F 194 47.28 -63.35 -29.09
CA GLU F 194 48.63 -63.23 -28.56
C GLU F 194 48.84 -61.79 -28.11
N VAL F 195 49.12 -61.61 -26.81
CA VAL F 195 49.19 -60.29 -26.19
C VAL F 195 50.60 -60.09 -25.64
N THR F 196 51.22 -58.97 -26.00
CA THR F 196 52.49 -58.54 -25.45
C THR F 196 52.25 -57.36 -24.53
N HIS F 197 52.65 -57.48 -23.26
CA HIS F 197 52.49 -56.39 -22.32
C HIS F 197 53.69 -56.33 -21.38
N GLN F 198 53.84 -55.15 -20.76
CA GLN F 198 55.03 -54.81 -20.01
C GLN F 198 55.09 -55.50 -18.65
N GLY F 199 53.96 -55.92 -18.11
CA GLY F 199 53.93 -56.66 -16.87
C GLY F 199 54.06 -58.16 -17.03
N LEU F 200 54.48 -58.62 -18.20
CA LEU F 200 54.54 -60.04 -18.51
C LEU F 200 55.99 -60.47 -18.71
N SER F 201 56.42 -61.48 -17.95
CA SER F 201 57.67 -62.15 -18.24
C SER F 201 57.55 -63.09 -19.43
N SER F 202 56.33 -63.40 -19.86
CA SER F 202 56.05 -64.29 -20.97
C SER F 202 54.88 -63.74 -21.77
N PRO F 203 55.09 -63.31 -23.01
CA PRO F 203 53.95 -62.92 -23.87
C PRO F 203 52.92 -64.05 -23.94
N VAL F 204 51.68 -63.71 -23.63
CA VAL F 204 50.66 -64.70 -23.34
C VAL F 204 49.81 -64.95 -24.57
N THR F 205 49.12 -66.09 -24.56
CA THR F 205 48.18 -66.47 -25.62
C THR F 205 47.06 -67.28 -25.00
N LYS F 206 45.83 -66.86 -25.25
CA LYS F 206 44.64 -67.65 -24.93
C LYS F 206 43.85 -67.86 -26.22
N SER F 207 43.21 -69.02 -26.32
CA SER F 207 42.73 -69.47 -27.62
C SER F 207 41.48 -70.33 -27.47
N PHE F 208 40.92 -70.73 -28.61
CA PHE F 208 39.75 -71.60 -28.67
C PHE F 208 39.74 -72.29 -30.02
N ASN F 209 38.94 -73.35 -30.11
CA ASN F 209 38.62 -74.00 -31.39
C ASN F 209 37.46 -74.95 -31.16
N ARG F 210 36.34 -74.70 -31.87
CA ARG F 210 35.05 -75.36 -31.69
C ARG F 210 35.07 -76.69 -30.94
ZN ZN G . -12.47 -13.04 -15.14
ZN ZN H . 9.31 21.99 2.68
#